data_1YM7
#
_entry.id   1YM7
#
_cell.length_a   115.162
_cell.length_b   82.156
_cell.length_c   218.795
_cell.angle_alpha   90.00
_cell.angle_beta   95.57
_cell.angle_gamma   90.00
#
_symmetry.space_group_name_H-M   'P 1 2 1'
#
_entity_poly.entity_id   1
_entity_poly.type   'polypeptide(L)'
_entity_poly.pdbx_seq_one_letter_code
;MADLEAVLADVSYLMAMEKSKATPAARASKKILLPEPSIRSVMQKYLEDRGEVTFEKIFSQKLGYLLFRDFCLKHLEEAK
PLVEFYEEIKKYEKLETEEERLVCSREIFDTYIMKELLACSHPFSKSAIEHVQGHLVKKQVPPDLFQPYIEEICQNLRGD
VFQKFIESDKFTRFCQWKNVELNIHLTMNDFSVHRIIGRGGFGEVYGCRKADTGKMYAMKCLDKKRIKMKQGETLALNER
IMLSLVSTGDCPFIVCMSYAFHTPDKLSFILDLMNGGDLHYHLSQHGVFSEADMRFYAAEIILGLEHMHNRFVVYRDLKP
ANILLDEHGHVRISDLGLACDFSKKKPHASVGTHGYMAPEVLQKGVAYDSSADWFSLGCMLFKLLRGHSPFRQHKTKDKH
EIDRMTLTMAVELPDSFSPELRSLLEGLLQRDVNRRLGCLGRGAQEVKESPFFRSLDWQMVFLQKYPPPLIPPRGEVNAA
DAFDIGSFDEEDTKGIKLLDSDQELYRNFPLTISERWQQEVAETVFDTINAETDRLEARKKTKNKQLGHEEDYALGKDCI
MHGYMSKMGNPFLTQWQRRYFYLFPNRLEWRGEGEAPQSLLTMEEIQSVEETQIKERKCLLLKIRGGKQFVLQCDSDPEL
VQWKKELRDAYREAQQLVQRVPKMKNKPRAPVVELSKVPLIQRGSANGL
;
_entity_poly.pdbx_strand_id   A,B,C,D
#
# COMPACT_ATOMS: atom_id res chain seq x y z
N SER A 29 -21.93 -31.57 32.96
CA SER A 29 -21.59 -30.94 34.28
C SER A 29 -20.04 -30.89 34.58
N LYS A 30 -19.68 -31.49 35.73
CA LYS A 30 -18.36 -31.40 36.38
C LYS A 30 -17.16 -31.63 35.45
N LYS A 31 -16.95 -32.88 35.03
CA LYS A 31 -15.77 -33.31 34.24
C LYS A 31 -15.39 -32.41 33.03
N ILE A 32 -14.11 -32.42 32.68
CA ILE A 32 -13.60 -31.62 31.57
C ILE A 32 -13.85 -32.23 30.21
N LEU A 33 -14.28 -31.39 29.26
CA LEU A 33 -14.62 -31.90 27.94
C LEU A 33 -13.77 -31.27 26.85
N LEU A 34 -13.41 -32.11 25.85
CA LEU A 34 -12.59 -31.73 24.70
C LEU A 34 -13.42 -31.37 23.51
N PRO A 35 -13.09 -30.23 22.89
CA PRO A 35 -13.78 -29.81 21.69
C PRO A 35 -13.28 -30.65 20.55
N GLU A 36 -14.18 -30.96 19.61
CA GLU A 36 -13.93 -31.89 18.49
C GLU A 36 -12.77 -31.50 17.58
N PRO A 37 -12.23 -32.48 16.83
CA PRO A 37 -11.09 -32.28 15.93
C PRO A 37 -11.29 -31.29 14.76
N SER A 38 -12.53 -30.89 14.48
CA SER A 38 -12.76 -29.88 13.42
C SER A 38 -12.34 -28.44 13.82
N ILE A 39 -12.20 -28.21 15.14
CA ILE A 39 -11.65 -26.97 15.70
C ILE A 39 -10.37 -26.53 15.00
N ARG A 40 -9.65 -27.52 14.50
CA ARG A 40 -8.36 -27.39 13.86
C ARG A 40 -8.17 -26.10 13.12
N SER A 41 -8.67 -26.07 11.88
CA SER A 41 -8.38 -24.97 10.99
C SER A 41 -8.41 -23.65 11.72
N VAL A 42 -9.37 -23.46 12.62
CA VAL A 42 -9.49 -22.19 13.34
C VAL A 42 -8.33 -21.98 14.30
N MET A 43 -8.05 -22.99 15.12
CA MET A 43 -6.98 -22.87 16.09
C MET A 43 -5.65 -22.59 15.44
N GLN A 44 -5.33 -23.41 14.46
CA GLN A 44 -4.04 -23.39 13.78
C GLN A 44 -3.70 -21.99 13.34
N LYS A 45 -4.66 -21.27 12.77
CA LYS A 45 -4.41 -19.90 12.33
C LYS A 45 -4.35 -18.95 13.52
N TYR A 46 -5.19 -19.15 14.52
CA TYR A 46 -5.14 -18.31 15.70
C TYR A 46 -3.73 -18.27 16.22
N LEU A 47 -3.17 -19.46 16.42
CA LEU A 47 -1.81 -19.63 16.93
C LEU A 47 -0.82 -18.95 16.00
N GLU A 48 -1.01 -19.21 14.72
CA GLU A 48 -0.07 -18.78 13.71
C GLU A 48 0.08 -17.27 13.75
N ASP A 49 -1.03 -16.59 13.97
CA ASP A 49 -1.02 -15.15 14.04
C ASP A 49 -0.05 -14.73 15.14
N ARG A 50 -0.12 -15.38 16.29
CA ARG A 50 0.71 -14.97 17.43
C ARG A 50 2.12 -15.55 17.32
N GLY A 51 2.40 -16.21 16.20
CA GLY A 51 3.72 -16.78 15.95
C GLY A 51 4.10 -17.86 16.95
N GLU A 52 3.11 -18.63 17.37
CA GLU A 52 3.29 -19.65 18.40
C GLU A 52 3.35 -21.06 17.83
N VAL A 53 3.65 -21.15 16.54
CA VAL A 53 3.85 -22.45 15.91
C VAL A 53 5.30 -22.80 15.67
N THR A 54 6.21 -22.12 16.38
CA THR A 54 7.67 -22.45 16.34
C THR A 54 7.93 -23.80 17.02
N PHE A 55 9.05 -24.43 16.70
CA PHE A 55 9.42 -25.61 17.44
C PHE A 55 9.32 -25.27 18.92
N GLU A 56 10.13 -24.27 19.28
CA GLU A 56 10.43 -23.87 20.65
C GLU A 56 9.22 -23.59 21.54
N LYS A 57 8.48 -22.54 21.22
CA LYS A 57 7.29 -22.21 21.99
C LYS A 57 6.45 -23.44 22.30
N ILE A 58 6.52 -24.47 21.44
CA ILE A 58 5.66 -25.65 21.58
C ILE A 58 6.30 -26.77 22.38
N PHE A 59 7.62 -26.78 22.41
CA PHE A 59 8.31 -27.80 23.18
C PHE A 59 8.35 -27.43 24.65
N SER A 60 8.39 -26.14 24.88
CA SER A 60 8.46 -25.63 26.23
C SER A 60 7.18 -25.91 27.04
N GLN A 61 6.00 -25.62 26.44
CA GLN A 61 4.68 -25.89 27.06
C GLN A 61 4.53 -27.40 27.38
N LYS A 62 4.20 -27.70 28.64
CA LYS A 62 4.30 -29.05 29.16
C LYS A 62 3.45 -30.07 28.39
N LEU A 63 2.32 -29.65 27.89
CA LEU A 63 1.52 -30.55 27.08
C LEU A 63 2.09 -30.61 25.66
N GLY A 64 2.67 -29.51 25.23
CA GLY A 64 3.25 -29.41 23.89
C GLY A 64 4.30 -30.48 23.78
N TYR A 65 5.24 -30.46 24.71
CA TYR A 65 6.24 -31.52 24.81
C TYR A 65 5.56 -32.90 24.90
N LEU A 66 4.67 -33.08 25.85
CA LEU A 66 4.15 -34.41 26.07
C LEU A 66 3.51 -34.97 24.82
N LEU A 67 2.87 -34.13 24.01
CA LEU A 67 2.19 -34.63 22.83
C LEU A 67 3.14 -34.90 21.70
N PHE A 68 4.22 -34.13 21.69
CA PHE A 68 5.25 -34.25 20.67
C PHE A 68 5.96 -35.58 20.80
N ARG A 69 6.25 -35.99 22.03
CA ARG A 69 6.96 -37.25 22.26
C ARG A 69 6.10 -38.46 21.98
N ASP A 70 4.80 -38.32 22.21
CA ASP A 70 3.82 -39.36 21.92
C ASP A 70 3.70 -39.62 20.42
N PHE A 71 3.89 -38.57 19.60
CA PHE A 71 3.87 -38.68 18.13
C PHE A 71 5.16 -39.30 17.60
N CYS A 72 6.26 -38.99 18.27
CA CYS A 72 7.57 -39.47 17.90
C CYS A 72 7.77 -40.95 18.22
N LEU A 73 7.40 -41.33 19.44
CA LEU A 73 7.58 -42.69 19.96
C LEU A 73 6.65 -43.75 19.34
N LYS A 74 5.53 -43.33 18.77
CA LYS A 74 4.54 -44.26 18.24
C LYS A 74 4.48 -44.29 16.72
N HIS A 75 4.56 -43.12 16.07
CA HIS A 75 4.26 -43.00 14.62
C HIS A 75 5.44 -42.74 13.67
N LEU A 76 6.38 -41.89 14.07
CA LEU A 76 7.58 -41.62 13.23
C LEU A 76 8.75 -42.56 13.52
N GLU A 77 9.49 -42.87 12.47
CA GLU A 77 10.59 -43.81 12.58
C GLU A 77 11.84 -43.21 13.18
N GLU A 78 12.44 -42.28 12.44
CA GLU A 78 13.71 -41.66 12.82
C GLU A 78 13.64 -40.78 14.09
N ALA A 79 12.42 -40.56 14.60
CA ALA A 79 12.23 -39.78 15.80
C ALA A 79 12.60 -40.57 17.07
N LYS A 80 12.08 -41.80 17.15
CA LYS A 80 12.28 -42.71 18.30
C LYS A 80 13.55 -42.44 19.09
N PRO A 81 14.74 -42.74 18.52
CA PRO A 81 15.90 -42.67 19.39
C PRO A 81 16.06 -41.27 19.94
N LEU A 82 15.97 -40.27 19.05
CA LEU A 82 16.21 -38.85 19.39
C LEU A 82 15.50 -38.42 20.69
N VAL A 83 14.26 -38.87 20.82
CA VAL A 83 13.46 -38.58 22.00
C VAL A 83 13.90 -39.40 23.22
N GLU A 84 13.85 -40.73 23.12
CA GLU A 84 14.25 -41.65 24.19
C GLU A 84 15.58 -41.23 24.75
N PHE A 85 16.44 -40.78 23.85
CA PHE A 85 17.77 -40.26 24.16
C PHE A 85 17.63 -38.97 24.99
N TYR A 86 16.81 -38.04 24.49
CA TYR A 86 16.55 -36.79 25.19
C TYR A 86 16.04 -37.08 26.60
N GLU A 87 14.97 -37.86 26.68
CA GLU A 87 14.34 -38.23 27.96
C GLU A 87 15.31 -38.90 28.94
N GLU A 88 16.29 -39.61 28.41
CA GLU A 88 17.26 -40.27 29.25
C GLU A 88 18.24 -39.23 29.71
N ILE A 89 18.53 -38.27 28.85
CA ILE A 89 19.42 -37.19 29.22
C ILE A 89 18.85 -36.39 30.42
N LYS A 90 17.54 -36.08 30.38
CA LYS A 90 16.83 -35.34 31.45
C LYS A 90 16.95 -36.03 32.82
N LYS A 91 16.87 -37.37 32.81
CA LYS A 91 16.99 -38.20 34.02
C LYS A 91 18.38 -38.13 34.65
N TYR A 92 19.38 -38.10 33.78
CA TYR A 92 20.76 -37.97 34.18
C TYR A 92 20.97 -36.67 34.93
N GLU A 93 20.55 -35.55 34.34
CA GLU A 93 20.65 -34.22 34.97
C GLU A 93 20.05 -34.22 36.37
N LYS A 94 18.93 -34.93 36.49
CA LYS A 94 18.12 -34.99 37.70
C LYS A 94 18.74 -35.81 38.84
N LEU A 95 19.81 -36.54 38.55
CA LEU A 95 20.35 -37.39 39.61
C LEU A 95 21.31 -36.68 40.56
N GLU A 96 21.44 -37.27 41.74
CA GLU A 96 21.90 -36.55 42.90
C GLU A 96 23.37 -36.73 43.21
N THR A 97 23.75 -37.92 43.67
CA THR A 97 25.12 -38.15 44.10
C THR A 97 26.02 -38.30 42.92
N GLU A 98 27.32 -38.34 43.19
CA GLU A 98 28.31 -38.56 42.17
C GLU A 98 28.16 -39.97 41.56
N GLU A 99 27.80 -40.95 42.38
CA GLU A 99 27.85 -42.36 41.93
C GLU A 99 26.63 -42.94 41.17
N GLU A 100 25.44 -42.35 41.31
CA GLU A 100 24.29 -42.77 40.49
C GLU A 100 24.45 -42.33 39.04
N ARG A 101 25.03 -41.14 38.88
CA ARG A 101 25.24 -40.46 37.60
C ARG A 101 26.41 -41.08 36.88
N LEU A 102 27.38 -41.53 37.67
CA LEU A 102 28.54 -42.20 37.14
C LEU A 102 28.11 -43.39 36.30
N VAL A 103 27.17 -44.16 36.83
CA VAL A 103 26.68 -45.35 36.17
C VAL A 103 25.83 -44.94 34.99
N CYS A 104 24.87 -44.05 35.24
CA CYS A 104 23.94 -43.64 34.22
C CYS A 104 24.65 -43.21 32.92
N SER A 105 25.73 -42.45 33.04
CA SER A 105 26.43 -41.92 31.86
C SER A 105 26.98 -43.05 30.99
N ARG A 106 27.47 -44.09 31.64
CA ARG A 106 28.00 -45.25 30.92
C ARG A 106 27.01 -45.87 29.99
N GLU A 107 25.86 -46.25 30.52
CA GLU A 107 24.77 -46.83 29.73
C GLU A 107 24.43 -45.94 28.55
N ILE A 108 24.26 -44.64 28.81
CA ILE A 108 23.94 -43.68 27.75
C ILE A 108 24.96 -43.76 26.62
N PHE A 109 26.24 -43.71 27.00
CA PHE A 109 27.33 -43.80 26.04
C PHE A 109 27.15 -45.00 25.14
N ASP A 110 27.11 -46.18 25.77
CA ASP A 110 27.01 -47.50 25.12
C ASP A 110 25.78 -47.51 24.24
N THR A 111 24.63 -47.23 24.81
CA THR A 111 23.39 -47.39 24.10
C THR A 111 23.21 -46.38 22.99
N TYR A 112 23.38 -45.10 23.27
CA TYR A 112 22.98 -44.09 22.30
C TYR A 112 24.13 -43.51 21.48
N ILE A 113 25.36 -43.70 21.91
CA ILE A 113 26.48 -43.24 21.11
C ILE A 113 27.18 -44.41 20.45
N MET A 114 27.83 -45.23 21.28
CA MET A 114 28.62 -46.35 20.77
C MET A 114 27.83 -47.22 19.83
N LYS A 115 26.90 -48.01 20.37
CA LYS A 115 26.17 -49.00 19.57
C LYS A 115 25.56 -48.40 18.32
N GLU A 116 25.12 -47.15 18.39
CA GLU A 116 24.61 -46.47 17.21
C GLU A 116 25.74 -46.19 16.22
N LEU A 117 26.96 -45.99 16.72
CA LEU A 117 28.08 -45.77 15.82
C LEU A 117 28.49 -47.01 15.03
N LEU A 118 28.22 -48.18 15.60
CA LEU A 118 28.52 -49.45 14.94
C LEU A 118 27.83 -49.54 13.60
N ALA A 119 26.53 -49.26 13.58
CA ALA A 119 25.78 -49.24 12.32
C ALA A 119 25.59 -47.80 11.82
N CYS A 120 26.56 -46.93 12.15
CA CYS A 120 26.64 -45.53 11.72
C CYS A 120 25.35 -44.71 11.68
N SER A 121 24.37 -45.16 12.46
CA SER A 121 23.07 -44.52 12.58
C SER A 121 23.13 -43.36 13.55
N HIS A 122 24.34 -42.85 13.77
CA HIS A 122 24.55 -41.74 14.67
C HIS A 122 24.79 -40.49 13.86
N PRO A 123 23.83 -39.55 13.94
CA PRO A 123 23.81 -38.29 13.22
C PRO A 123 24.26 -37.11 14.07
N PHE A 124 25.47 -37.15 14.59
CA PHE A 124 25.94 -36.05 15.40
C PHE A 124 27.31 -35.58 15.01
N SER A 125 27.56 -34.29 15.22
CA SER A 125 28.77 -33.63 14.73
C SER A 125 30.01 -34.11 15.44
N LYS A 126 31.18 -33.87 14.83
CA LYS A 126 32.45 -34.35 15.40
C LYS A 126 32.63 -33.78 16.82
N SER A 127 32.72 -32.45 16.90
CA SER A 127 32.96 -31.77 18.17
C SER A 127 32.05 -32.25 19.30
N ALA A 128 30.81 -32.54 18.97
CA ALA A 128 29.88 -33.03 19.95
C ALA A 128 30.37 -34.33 20.58
N ILE A 129 30.48 -35.36 19.77
CA ILE A 129 30.90 -36.64 20.29
C ILE A 129 32.04 -36.43 21.24
N GLU A 130 33.06 -35.71 20.79
CA GLU A 130 34.35 -35.70 21.47
C GLU A 130 34.34 -35.04 22.84
N HIS A 131 33.33 -34.23 23.11
CA HIS A 131 33.11 -33.66 24.44
C HIS A 131 32.83 -34.78 25.45
N VAL A 132 31.86 -35.61 25.12
CA VAL A 132 31.40 -36.69 25.98
C VAL A 132 32.46 -37.76 26.16
N GLN A 133 33.18 -38.01 25.08
CA GLN A 133 34.28 -38.94 25.08
C GLN A 133 35.24 -38.50 26.16
N GLY A 134 35.91 -37.38 25.94
CA GLY A 134 36.95 -36.86 26.83
C GLY A 134 36.53 -36.76 28.29
N HIS A 135 35.23 -36.82 28.52
CA HIS A 135 34.75 -36.86 29.88
C HIS A 135 34.60 -38.26 30.46
N LEU A 136 33.96 -39.15 29.72
CA LEU A 136 33.67 -40.45 30.30
C LEU A 136 34.90 -41.26 30.60
N VAL A 137 35.98 -41.01 29.87
CA VAL A 137 37.24 -41.72 30.07
C VAL A 137 37.94 -41.20 31.30
N LYS A 138 37.52 -40.01 31.76
CA LYS A 138 38.10 -39.40 32.97
C LYS A 138 37.20 -39.48 34.19
N LYS A 139 36.05 -40.14 34.04
CA LYS A 139 35.11 -40.36 35.14
C LYS A 139 34.48 -39.05 35.63
N GLN A 140 34.70 -37.93 34.92
CA GLN A 140 34.14 -36.64 35.39
C GLN A 140 32.66 -36.49 35.02
N VAL A 141 31.79 -36.31 36.01
CA VAL A 141 30.33 -36.37 35.74
C VAL A 141 29.42 -35.17 36.10
N PRO A 142 29.77 -33.95 35.65
CA PRO A 142 28.77 -32.88 35.78
C PRO A 142 27.46 -33.23 35.08
N PRO A 143 26.32 -32.76 35.61
CA PRO A 143 24.95 -32.85 35.03
C PRO A 143 24.72 -32.05 33.72
N ASP A 144 25.56 -31.05 33.51
CA ASP A 144 25.56 -30.27 32.28
C ASP A 144 26.11 -31.05 31.04
N LEU A 145 26.89 -32.12 31.30
CA LEU A 145 27.67 -32.87 30.30
C LEU A 145 26.97 -33.09 28.99
N PHE A 146 25.73 -33.57 29.05
CA PHE A 146 25.03 -34.00 27.86
C PHE A 146 24.39 -32.89 27.09
N GLN A 147 24.76 -31.68 27.47
CA GLN A 147 24.28 -30.46 26.85
C GLN A 147 24.55 -30.40 25.35
N PRO A 148 25.82 -30.36 24.93
CA PRO A 148 26.02 -30.19 23.49
C PRO A 148 25.28 -31.21 22.61
N TYR A 149 24.98 -32.40 23.16
CA TYR A 149 24.07 -33.31 22.50
C TYR A 149 22.64 -32.76 22.55
N ILE A 150 22.15 -32.41 23.75
CA ILE A 150 20.81 -31.79 23.86
C ILE A 150 20.51 -30.94 22.64
N GLU A 151 21.35 -29.94 22.43
CA GLU A 151 21.15 -28.89 21.45
C GLU A 151 21.00 -29.43 20.05
N GLU A 152 21.69 -30.53 19.75
CA GLU A 152 21.59 -31.14 18.42
C GLU A 152 20.42 -32.13 18.32
N ILE A 153 19.81 -32.52 19.43
CA ILE A 153 18.58 -33.28 19.30
C ILE A 153 17.50 -32.31 18.89
N CYS A 154 17.50 -31.15 19.52
CA CYS A 154 16.65 -30.02 19.11
C CYS A 154 16.79 -29.81 17.63
N GLN A 155 18.03 -29.51 17.24
CA GLN A 155 18.44 -29.30 15.87
C GLN A 155 17.65 -30.17 14.90
N ASN A 156 17.87 -31.48 15.01
CA ASN A 156 17.28 -32.46 14.09
C ASN A 156 15.76 -32.53 14.18
N LEU A 157 15.23 -32.16 15.33
CA LEU A 157 13.79 -32.19 15.50
C LEU A 157 13.13 -30.91 14.99
N ARG A 158 13.89 -29.81 15.02
CA ARG A 158 13.38 -28.49 14.64
C ARG A 158 12.95 -28.39 13.17
N GLY A 159 13.66 -29.08 12.29
CA GLY A 159 13.41 -28.93 10.85
C GLY A 159 12.25 -29.73 10.30
N ASP A 160 12.61 -30.82 9.61
CA ASP A 160 11.66 -31.71 8.99
C ASP A 160 10.70 -32.32 10.02
N VAL A 161 11.24 -33.02 11.02
CA VAL A 161 10.45 -33.78 12.02
C VAL A 161 9.25 -33.01 12.50
N PHE A 162 9.50 -31.75 12.86
CA PHE A 162 8.48 -30.87 13.35
C PHE A 162 7.33 -30.66 12.34
N GLN A 163 7.67 -30.55 11.06
CA GLN A 163 6.65 -30.34 10.04
C GLN A 163 5.65 -31.50 9.96
N LYS A 164 6.11 -32.72 10.21
CA LYS A 164 5.24 -33.89 10.16
C LYS A 164 4.42 -33.99 11.43
N PHE A 165 4.91 -33.36 12.48
CA PHE A 165 4.11 -33.18 13.67
C PHE A 165 3.01 -32.19 13.37
N ILE A 166 3.34 -31.16 12.60
CA ILE A 166 2.36 -30.15 12.21
C ILE A 166 1.09 -30.79 11.59
N GLU A 167 1.29 -31.65 10.60
CA GLU A 167 0.16 -32.26 9.88
C GLU A 167 -0.47 -33.42 10.66
N SER A 168 0.18 -33.81 11.75
CA SER A 168 -0.18 -35.03 12.44
C SER A 168 -1.45 -34.90 13.27
N ASP A 169 -1.99 -36.04 13.66
CA ASP A 169 -3.16 -36.13 14.51
C ASP A 169 -2.88 -35.64 15.91
N LYS A 170 -1.62 -35.72 16.28
CA LYS A 170 -1.23 -35.26 17.57
C LYS A 170 -1.22 -33.72 17.58
N PHE A 171 -0.99 -33.06 16.45
CA PHE A 171 -1.10 -31.59 16.46
C PHE A 171 -2.56 -31.22 16.67
N THR A 172 -3.42 -31.89 15.92
CA THR A 172 -4.86 -31.74 16.06
C THR A 172 -5.24 -31.76 17.53
N ARG A 173 -4.80 -32.79 18.23
CA ARG A 173 -5.01 -32.89 19.67
C ARG A 173 -4.48 -31.69 20.43
N PHE A 174 -3.24 -31.27 20.16
CA PHE A 174 -2.64 -30.13 20.85
C PHE A 174 -3.58 -28.96 20.81
N CYS A 175 -4.09 -28.66 19.62
CA CYS A 175 -5.04 -27.58 19.46
C CYS A 175 -6.18 -27.74 20.43
N GLN A 176 -6.76 -28.93 20.43
CA GLN A 176 -7.89 -29.23 21.28
C GLN A 176 -7.69 -28.74 22.70
N TRP A 177 -6.54 -29.07 23.31
CA TRP A 177 -6.28 -28.66 24.69
C TRP A 177 -6.04 -27.19 24.79
N LYS A 178 -5.17 -26.68 23.94
CA LYS A 178 -4.81 -25.28 23.97
C LYS A 178 -6.04 -24.37 23.86
N ASN A 179 -6.97 -24.77 22.99
CA ASN A 179 -8.28 -24.14 22.90
C ASN A 179 -8.82 -23.98 24.31
N VAL A 180 -9.15 -25.11 24.93
CA VAL A 180 -9.70 -25.13 26.23
C VAL A 180 -8.86 -24.35 27.20
N GLU A 181 -7.54 -24.38 27.05
CA GLU A 181 -6.68 -23.58 27.93
C GLU A 181 -7.12 -22.14 27.84
N LEU A 182 -7.30 -21.68 26.62
CA LEU A 182 -7.55 -20.29 26.41
C LEU A 182 -8.97 -19.86 26.80
N ASN A 183 -9.84 -20.82 27.03
CA ASN A 183 -11.30 -20.56 27.19
C ASN A 183 -11.78 -20.74 28.63
N ILE A 184 -10.94 -20.33 29.57
CA ILE A 184 -11.17 -20.79 30.89
C ILE A 184 -11.44 -19.65 31.88
N HIS A 185 -12.72 -19.33 32.03
CA HIS A 185 -13.19 -18.40 33.04
C HIS A 185 -13.69 -19.18 34.23
N LEU A 186 -13.66 -18.54 35.39
CA LEU A 186 -13.91 -19.24 36.62
C LEU A 186 -14.97 -18.53 37.44
N THR A 187 -15.82 -19.30 38.11
CA THR A 187 -16.62 -18.81 39.22
C THR A 187 -16.44 -19.80 40.36
N MET A 188 -17.10 -19.56 41.48
CA MET A 188 -17.07 -20.49 42.60
C MET A 188 -17.63 -21.85 42.19
N ASN A 189 -18.46 -21.87 41.16
CA ASN A 189 -18.90 -23.09 40.50
C ASN A 189 -17.78 -24.04 40.16
N ASP A 190 -16.59 -23.49 39.95
CA ASP A 190 -15.44 -24.30 39.59
C ASP A 190 -14.63 -24.77 40.80
N PHE A 191 -15.13 -24.45 41.99
CA PHE A 191 -14.47 -24.86 43.24
C PHE A 191 -15.38 -25.46 44.30
N SER A 192 -14.94 -26.59 44.85
CA SER A 192 -15.54 -27.20 46.02
C SER A 192 -14.72 -26.73 47.27
N VAL A 193 -15.19 -25.66 47.93
CA VAL A 193 -14.46 -25.05 49.04
C VAL A 193 -14.60 -25.84 50.32
N HIS A 194 -13.48 -26.19 50.93
CA HIS A 194 -13.53 -27.01 52.13
C HIS A 194 -13.52 -26.19 53.45
N ARG A 195 -12.34 -25.95 54.01
CA ARG A 195 -12.23 -25.30 55.32
C ARG A 195 -11.59 -23.91 55.22
N ILE A 196 -11.61 -23.20 56.35
CA ILE A 196 -10.98 -21.88 56.48
C ILE A 196 -9.53 -22.10 56.90
N ILE A 197 -8.62 -21.28 56.38
CA ILE A 197 -7.18 -21.44 56.65
C ILE A 197 -6.50 -20.33 57.48
N GLY A 198 -7.32 -19.40 57.97
CA GLY A 198 -6.85 -18.19 58.68
C GLY A 198 -6.89 -16.93 57.80
N ARG A 199 -7.14 -15.78 58.43
CA ARG A 199 -7.41 -14.53 57.67
C ARG A 199 -6.15 -13.83 57.05
N GLY A 200 -6.39 -13.01 56.02
CA GLY A 200 -5.52 -11.90 55.62
C GLY A 200 -6.04 -10.58 56.19
N GLY A 201 -5.56 -9.45 55.67
CA GLY A 201 -5.99 -8.16 56.18
C GLY A 201 -7.33 -7.74 55.60
N PHE A 202 -7.58 -8.22 54.37
CA PHE A 202 -8.73 -7.82 53.54
C PHE A 202 -9.70 -8.97 53.28
N GLY A 203 -9.58 -9.99 54.12
CA GLY A 203 -10.41 -11.15 53.99
C GLY A 203 -9.61 -12.43 54.16
N GLU A 204 -10.33 -13.55 54.10
CA GLU A 204 -9.88 -14.86 54.54
C GLU A 204 -9.34 -15.71 53.42
N VAL A 205 -8.90 -16.89 53.81
CA VAL A 205 -8.29 -17.83 52.90
C VAL A 205 -8.78 -19.23 53.20
N TYR A 206 -9.12 -19.95 52.14
CA TYR A 206 -9.71 -21.26 52.27
C TYR A 206 -8.89 -22.27 51.55
N GLY A 207 -9.20 -23.53 51.84
CA GLY A 207 -8.69 -24.65 51.08
C GLY A 207 -9.80 -25.32 50.27
N CYS A 208 -9.46 -25.76 49.06
CA CYS A 208 -10.46 -26.25 48.11
C CYS A 208 -9.91 -27.16 47.01
N ARG A 209 -10.82 -27.61 46.18
CA ARG A 209 -10.54 -28.52 45.09
C ARG A 209 -11.06 -27.93 43.79
N LYS A 210 -10.30 -28.07 42.70
CA LYS A 210 -10.81 -27.69 41.40
C LYS A 210 -11.51 -28.91 40.89
N ALA A 211 -12.82 -28.81 40.67
CA ALA A 211 -13.60 -29.97 40.20
C ALA A 211 -13.32 -30.35 38.74
N ASP A 212 -12.67 -29.44 38.01
CA ASP A 212 -12.07 -29.73 36.68
C ASP A 212 -11.28 -31.02 36.79
N THR A 213 -10.24 -30.97 37.60
CA THR A 213 -9.28 -32.07 37.81
C THR A 213 -9.43 -32.73 39.17
N GLY A 214 -9.25 -31.95 40.22
CA GLY A 214 -9.24 -32.54 41.54
C GLY A 214 -7.85 -32.40 42.09
N LYS A 215 -7.29 -31.20 41.93
CA LYS A 215 -6.08 -30.86 42.66
C LYS A 215 -6.56 -30.10 43.87
N MET A 216 -5.70 -30.07 44.87
CA MET A 216 -5.94 -29.29 46.04
C MET A 216 -5.19 -27.96 45.93
N TYR A 217 -5.97 -26.88 45.90
CA TYR A 217 -5.47 -25.54 45.90
C TYR A 217 -6.05 -24.76 47.07
N ALA A 218 -5.43 -23.64 47.42
CA ALA A 218 -6.01 -22.72 48.40
C ALA A 218 -6.66 -21.51 47.72
N MET A 219 -7.66 -20.91 48.38
CA MET A 219 -8.26 -19.70 47.83
C MET A 219 -8.22 -18.49 48.73
N LYS A 220 -7.42 -17.50 48.33
CA LYS A 220 -7.33 -16.22 49.03
C LYS A 220 -8.42 -15.34 48.48
N CYS A 221 -9.38 -15.04 49.34
CA CYS A 221 -10.44 -14.17 48.95
C CYS A 221 -10.18 -12.82 49.53
N LEU A 222 -10.13 -11.83 48.64
CA LEU A 222 -10.20 -10.44 49.05
C LEU A 222 -11.59 -9.90 48.67
N ASP A 223 -12.32 -9.31 49.61
CA ASP A 223 -13.58 -8.66 49.25
C ASP A 223 -13.34 -7.19 48.87
N LYS A 224 -13.77 -6.83 47.66
CA LYS A 224 -13.51 -5.51 47.05
C LYS A 224 -13.94 -4.36 47.94
N LYS A 225 -15.15 -4.48 48.46
CA LYS A 225 -15.69 -3.54 49.41
C LYS A 225 -14.60 -3.10 50.40
N ARG A 226 -13.96 -4.08 51.03
CA ARG A 226 -12.98 -3.82 52.07
C ARG A 226 -11.79 -3.08 51.52
N ILE A 227 -11.35 -3.48 50.34
CA ILE A 227 -10.20 -2.85 49.69
C ILE A 227 -10.43 -1.37 49.40
N LYS A 228 -11.68 -1.02 49.04
CA LYS A 228 -12.07 0.38 48.84
C LYS A 228 -12.04 1.16 50.15
N MET A 229 -12.42 0.50 51.25
CA MET A 229 -12.43 1.12 52.57
C MET A 229 -11.03 1.49 53.09
N LYS A 230 -10.08 0.56 52.99
CA LYS A 230 -8.78 0.77 53.61
C LYS A 230 -7.77 1.48 52.70
N GLN A 231 -8.21 1.90 51.50
CA GLN A 231 -7.35 2.50 50.44
C GLN A 231 -6.18 1.59 50.04
N GLY A 232 -6.35 0.29 50.24
CA GLY A 232 -5.35 -0.71 49.93
C GLY A 232 -5.45 -1.18 48.49
N GLU A 233 -6.20 -0.46 47.67
CA GLU A 233 -6.27 -0.73 46.24
C GLU A 233 -4.88 -0.79 45.59
N THR A 234 -3.95 0.05 46.06
CA THR A 234 -2.55 0.00 45.61
C THR A 234 -1.95 -1.35 45.98
N LEU A 235 -2.19 -1.82 47.20
CA LEU A 235 -1.72 -3.17 47.60
C LEU A 235 -2.38 -4.28 46.79
N ALA A 236 -3.70 -4.33 46.86
CA ALA A 236 -4.45 -5.40 46.24
C ALA A 236 -3.97 -5.63 44.81
N LEU A 237 -3.90 -4.54 44.03
CA LEU A 237 -3.44 -4.62 42.65
C LEU A 237 -1.99 -5.13 42.58
N ASN A 238 -1.10 -4.59 43.42
CA ASN A 238 0.33 -4.95 43.38
C ASN A 238 0.57 -6.40 43.75
N GLU A 239 -0.19 -6.87 44.71
CA GLU A 239 -0.14 -8.27 45.07
C GLU A 239 -0.34 -9.11 43.83
N ARG A 240 -1.29 -8.70 42.99
CA ARG A 240 -1.56 -9.40 41.74
C ARG A 240 -0.30 -9.46 40.86
N ILE A 241 0.18 -8.27 40.50
CA ILE A 241 1.26 -8.12 39.52
C ILE A 241 2.46 -8.94 39.92
N MET A 242 2.81 -8.86 41.19
CA MET A 242 3.97 -9.56 41.68
C MET A 242 3.74 -11.03 41.46
N LEU A 243 2.64 -11.53 42.00
CA LEU A 243 2.36 -12.97 42.04
C LEU A 243 2.58 -13.63 40.70
N SER A 244 2.28 -12.88 39.64
CA SER A 244 2.40 -13.38 38.27
C SER A 244 3.83 -13.35 37.76
N LEU A 245 4.63 -12.46 38.36
CA LEU A 245 5.99 -12.29 37.91
C LEU A 245 6.86 -13.37 38.54
N VAL A 246 6.29 -14.07 39.53
CA VAL A 246 7.09 -15.00 40.31
C VAL A 246 6.84 -16.44 39.92
N SER A 247 5.57 -16.75 39.72
CA SER A 247 5.14 -18.12 39.73
C SER A 247 5.62 -18.92 38.54
N THR A 248 6.04 -18.22 37.48
CA THR A 248 6.61 -18.88 36.28
C THR A 248 7.87 -19.65 36.69
N GLY A 249 8.08 -20.83 36.10
CA GLY A 249 9.03 -21.79 36.62
C GLY A 249 8.48 -22.40 37.90
N ASP A 250 8.92 -23.60 38.20
CA ASP A 250 8.38 -24.28 39.38
C ASP A 250 9.12 -23.87 40.66
N CYS A 251 8.37 -23.39 41.64
CA CYS A 251 8.99 -23.26 42.93
C CYS A 251 8.21 -23.95 44.04
N PRO A 252 8.94 -24.47 45.02
CA PRO A 252 8.47 -24.89 46.32
C PRO A 252 8.91 -23.97 47.49
N PHE A 253 9.18 -22.70 47.23
CA PHE A 253 9.54 -21.81 48.35
C PHE A 253 8.73 -20.53 48.39
N ILE A 254 7.64 -20.56 47.65
CA ILE A 254 6.80 -19.41 47.47
C ILE A 254 5.36 -19.90 47.38
N VAL A 255 4.45 -19.21 48.04
CA VAL A 255 3.05 -19.47 47.80
C VAL A 255 2.83 -19.15 46.35
N CYS A 256 2.51 -20.16 45.56
CA CYS A 256 2.46 -19.90 44.13
C CYS A 256 1.09 -19.79 43.49
N MET A 257 1.01 -18.86 42.56
CA MET A 257 -0.23 -18.51 41.93
C MET A 257 -0.49 -19.40 40.75
N SER A 258 -1.68 -19.95 40.72
CA SER A 258 -2.03 -20.76 39.60
C SER A 258 -3.18 -20.12 38.82
N TYR A 259 -4.12 -19.44 39.49
CA TYR A 259 -5.04 -18.62 38.72
C TYR A 259 -5.40 -17.35 39.44
N ALA A 260 -6.03 -16.46 38.69
CA ALA A 260 -6.59 -15.23 39.22
C ALA A 260 -7.92 -14.97 38.52
N PHE A 261 -8.96 -14.67 39.29
CA PHE A 261 -10.31 -14.39 38.75
C PHE A 261 -11.15 -13.61 39.73
N HIS A 262 -12.20 -12.95 39.24
CA HIS A 262 -13.14 -12.23 40.11
C HIS A 262 -14.63 -12.36 39.76
N THR A 263 -15.46 -12.45 40.81
CA THR A 263 -16.92 -12.25 40.73
C THR A 263 -17.17 -10.82 41.18
N PRO A 264 -18.23 -10.17 40.66
CA PRO A 264 -18.55 -8.77 40.94
C PRO A 264 -17.92 -8.15 42.21
N ASP A 265 -17.94 -8.83 43.36
CA ASP A 265 -17.38 -8.26 44.61
C ASP A 265 -16.18 -8.97 45.22
N LYS A 266 -15.88 -10.19 44.81
CA LYS A 266 -14.76 -10.89 45.42
C LYS A 266 -13.58 -11.01 44.46
N LEU A 267 -12.38 -10.76 44.99
CA LEU A 267 -11.14 -11.07 44.30
C LEU A 267 -10.75 -12.48 44.67
N SER A 268 -10.11 -13.20 43.73
CA SER A 268 -9.65 -14.54 44.04
C SER A 268 -8.32 -14.87 43.48
N PHE A 269 -7.46 -15.31 44.40
CA PHE A 269 -6.15 -15.81 44.11
C PHE A 269 -6.14 -17.32 44.36
N ILE A 270 -6.14 -18.11 43.31
CA ILE A 270 -6.00 -19.53 43.53
C ILE A 270 -4.55 -19.78 43.80
N LEU A 271 -4.29 -20.30 44.98
CA LEU A 271 -2.93 -20.38 45.41
C LEU A 271 -2.59 -21.75 45.89
N ASP A 272 -1.30 -21.97 46.11
CA ASP A 272 -0.82 -23.22 46.64
C ASP A 272 -1.36 -23.49 48.02
N LEU A 273 -1.80 -24.71 48.23
CA LEU A 273 -2.41 -25.05 49.49
C LEU A 273 -1.38 -25.24 50.59
N MET A 274 -1.33 -24.31 51.54
CA MET A 274 -0.42 -24.37 52.68
C MET A 274 -1.14 -24.39 54.04
N ASN A 275 -0.89 -25.44 54.84
CA ASN A 275 -1.70 -25.76 56.05
C ASN A 275 -1.29 -25.21 57.40
N GLY A 276 -0.35 -25.89 58.07
CA GLY A 276 0.03 -25.60 59.45
C GLY A 276 0.71 -24.27 59.73
N GLY A 277 -0.08 -23.19 59.68
CA GLY A 277 0.28 -21.85 60.14
C GLY A 277 1.58 -21.22 59.66
N ASP A 278 2.04 -20.22 60.42
CA ASP A 278 3.21 -19.44 60.07
C ASP A 278 4.33 -19.62 61.08
N LEU A 279 5.55 -19.29 60.70
CA LEU A 279 6.66 -19.51 61.59
C LEU A 279 6.46 -18.79 62.90
N HIS A 280 5.90 -17.59 62.82
CA HIS A 280 5.62 -16.81 63.99
C HIS A 280 4.86 -17.63 65.03
N TYR A 281 3.74 -18.20 64.63
CA TYR A 281 2.88 -19.03 65.52
C TYR A 281 3.68 -20.15 66.20
N HIS A 282 4.51 -20.83 65.41
CA HIS A 282 5.26 -21.97 65.90
C HIS A 282 6.46 -21.54 66.73
N LEU A 283 6.93 -20.32 66.53
CA LEU A 283 7.97 -19.78 67.37
C LEU A 283 7.40 -19.58 68.75
N SER A 284 6.13 -19.18 68.80
CA SER A 284 5.46 -18.95 70.08
C SER A 284 5.07 -20.30 70.70
N GLN A 285 4.84 -21.31 69.86
CA GLN A 285 4.42 -22.62 70.35
C GLN A 285 5.59 -23.52 70.77
N HIS A 286 6.64 -23.55 69.98
CA HIS A 286 7.81 -24.34 70.34
C HIS A 286 8.72 -23.56 71.27
N GLY A 287 8.97 -22.31 70.94
CA GLY A 287 9.96 -21.52 71.66
C GLY A 287 11.13 -21.33 70.75
N VAL A 288 12.23 -20.80 71.29
CA VAL A 288 13.44 -20.58 70.49
C VAL A 288 13.95 -21.86 69.86
N PHE A 289 14.65 -21.70 68.74
CA PHE A 289 15.04 -22.84 67.94
C PHE A 289 16.48 -23.14 68.09
N SER A 290 16.76 -24.44 68.11
CA SER A 290 18.12 -24.94 68.07
C SER A 290 18.80 -24.54 66.77
N GLU A 291 20.13 -24.42 66.85
CA GLU A 291 20.96 -23.89 65.77
C GLU A 291 20.66 -24.66 64.52
N ALA A 292 20.82 -25.99 64.62
CA ALA A 292 20.58 -26.90 63.50
C ALA A 292 19.19 -26.74 62.85
N ASP A 293 18.19 -26.40 63.66
CA ASP A 293 16.81 -26.26 63.21
C ASP A 293 16.62 -24.96 62.40
N MET A 294 17.30 -23.90 62.83
CA MET A 294 17.24 -22.65 62.11
C MET A 294 17.84 -22.80 60.72
N ARG A 295 18.98 -23.49 60.69
CA ARG A 295 19.67 -23.76 59.45
C ARG A 295 18.66 -24.20 58.42
N PHE A 296 17.91 -25.25 58.74
CA PHE A 296 16.98 -25.81 57.77
C PHE A 296 16.06 -24.74 57.27
N TYR A 297 15.45 -24.02 58.21
CA TYR A 297 14.57 -22.97 57.83
C TYR A 297 15.32 -22.02 56.93
N ALA A 298 16.44 -21.52 57.42
CA ALA A 298 17.23 -20.57 56.64
C ALA A 298 17.34 -21.02 55.19
N ALA A 299 17.93 -22.19 55.01
CA ALA A 299 18.20 -22.73 53.69
C ALA A 299 17.06 -22.46 52.75
N GLU A 300 15.91 -23.00 53.09
CA GLU A 300 14.74 -22.87 52.23
C GLU A 300 14.42 -21.42 51.94
N ILE A 301 14.46 -20.58 52.97
CA ILE A 301 14.09 -19.21 52.81
C ILE A 301 15.02 -18.60 51.81
N ILE A 302 16.29 -18.94 51.94
CA ILE A 302 17.27 -18.45 51.00
C ILE A 302 16.90 -18.85 49.59
N LEU A 303 16.77 -20.14 49.33
CA LEU A 303 16.41 -20.59 47.99
C LEU A 303 15.26 -19.77 47.40
N GLY A 304 14.25 -19.54 48.24
CA GLY A 304 13.10 -18.75 47.86
C GLY A 304 13.48 -17.38 47.39
N LEU A 305 14.22 -16.67 48.22
CA LEU A 305 14.66 -15.36 47.85
C LEU A 305 15.31 -15.43 46.49
N GLU A 306 16.20 -16.41 46.29
CA GLU A 306 17.02 -16.50 45.07
C GLU A 306 16.14 -16.46 43.86
N HIS A 307 15.18 -17.35 43.85
CA HIS A 307 14.20 -17.40 42.81
C HIS A 307 13.58 -16.02 42.54
N MET A 308 13.21 -15.29 43.58
CA MET A 308 12.60 -13.99 43.40
C MET A 308 13.55 -13.02 42.73
N HIS A 309 14.77 -13.02 43.23
CA HIS A 309 15.81 -12.10 42.78
C HIS A 309 16.15 -12.36 41.32
N ASN A 310 15.99 -13.62 40.89
CA ASN A 310 16.23 -13.99 39.51
C ASN A 310 15.14 -13.47 38.52
N ARG A 311 13.96 -13.12 39.05
CA ARG A 311 12.95 -12.51 38.20
C ARG A 311 12.93 -11.02 38.39
N PHE A 312 13.92 -10.54 39.14
CA PHE A 312 14.13 -9.13 39.40
C PHE A 312 13.09 -8.60 40.39
N VAL A 313 12.75 -9.40 41.40
CA VAL A 313 11.73 -9.01 42.39
C VAL A 313 12.30 -8.97 43.80
N VAL A 314 11.92 -7.94 44.57
CA VAL A 314 12.39 -7.82 45.95
C VAL A 314 11.24 -7.86 46.96
N TYR A 315 11.33 -8.79 47.92
CA TYR A 315 10.21 -9.16 48.78
C TYR A 315 9.85 -8.18 49.87
N ARG A 316 10.89 -7.71 50.55
CA ARG A 316 10.82 -6.60 51.51
C ARG A 316 10.19 -6.88 52.86
N ASP A 317 9.30 -7.87 52.92
CA ASP A 317 8.63 -8.18 54.17
C ASP A 317 9.07 -9.52 54.77
N LEU A 318 10.34 -9.85 54.61
CA LEU A 318 10.86 -11.08 55.18
C LEU A 318 10.64 -11.08 56.70
N LYS A 319 9.68 -11.89 57.15
CA LYS A 319 9.29 -11.91 58.56
C LYS A 319 8.64 -13.23 59.00
N PRO A 320 8.76 -13.58 60.29
CA PRO A 320 8.37 -14.90 60.78
C PRO A 320 6.99 -15.31 60.33
N ALA A 321 6.05 -14.38 60.41
CA ALA A 321 4.65 -14.65 60.13
C ALA A 321 4.31 -14.72 58.64
N ASN A 322 5.28 -14.44 57.79
CA ASN A 322 5.02 -14.56 56.39
C ASN A 322 5.54 -15.85 55.84
N ILE A 323 6.04 -16.69 56.75
CA ILE A 323 6.52 -17.97 56.32
C ILE A 323 5.57 -19.06 56.78
N LEU A 324 4.99 -19.71 55.78
CA LEU A 324 3.96 -20.72 55.99
C LEU A 324 4.54 -22.11 55.99
N LEU A 325 3.80 -23.06 56.55
CA LEU A 325 4.17 -24.48 56.55
C LEU A 325 3.09 -25.37 55.93
N ASP A 326 3.51 -26.41 55.21
CA ASP A 326 2.61 -27.45 54.73
C ASP A 326 2.59 -28.54 55.77
N GLU A 327 1.71 -29.51 55.58
CA GLU A 327 1.57 -30.58 56.56
C GLU A 327 2.90 -31.25 56.84
N HIS A 328 3.74 -31.39 55.81
CA HIS A 328 4.95 -32.22 55.92
C HIS A 328 6.13 -31.52 56.57
N GLY A 329 6.02 -30.21 56.76
CA GLY A 329 6.95 -29.48 57.60
C GLY A 329 7.90 -28.54 56.91
N HIS A 330 7.77 -28.40 55.60
CA HIS A 330 8.62 -27.49 54.87
C HIS A 330 8.00 -26.15 54.81
N VAL A 331 8.61 -25.23 54.09
CA VAL A 331 8.13 -23.86 54.16
C VAL A 331 8.16 -23.16 52.84
N ARG A 332 7.49 -22.01 52.81
CA ARG A 332 7.43 -21.15 51.64
C ARG A 332 7.24 -19.72 52.13
N ILE A 333 7.51 -18.73 51.27
CA ILE A 333 7.29 -17.32 51.58
C ILE A 333 5.90 -16.96 51.04
N SER A 334 5.26 -15.91 51.56
CA SER A 334 3.79 -15.74 51.35
C SER A 334 3.17 -14.45 50.76
N ASP A 335 3.26 -13.35 51.47
CA ASP A 335 2.48 -12.17 51.11
C ASP A 335 3.35 -11.31 50.25
N LEU A 336 3.05 -11.27 48.96
CA LEU A 336 3.92 -10.50 48.09
C LEU A 336 3.50 -9.05 48.02
N GLY A 337 2.33 -8.74 48.58
CA GLY A 337 1.78 -7.39 48.52
C GLY A 337 2.83 -6.32 48.65
N LEU A 338 3.69 -6.50 49.65
CA LEU A 338 4.70 -5.50 49.97
C LEU A 338 6.01 -5.76 49.26
N ALA A 339 5.94 -6.19 48.01
CA ALA A 339 7.13 -6.47 47.24
C ALA A 339 7.18 -5.63 45.98
N CYS A 340 8.34 -5.65 45.32
CA CYS A 340 8.51 -4.81 44.14
C CYS A 340 9.39 -5.35 43.00
N ASP A 341 9.05 -4.90 41.77
CA ASP A 341 9.82 -5.12 40.53
C ASP A 341 10.88 -4.03 40.36
N PHE A 342 12.16 -4.42 40.35
CA PHE A 342 13.20 -3.44 40.19
C PHE A 342 13.87 -3.48 38.82
N SER A 343 13.24 -4.19 37.87
CA SER A 343 13.81 -4.38 36.52
C SER A 343 14.22 -3.07 35.82
N LYS A 344 13.38 -2.04 35.91
CA LYS A 344 13.67 -0.74 35.31
C LYS A 344 13.72 0.36 36.37
N LYS A 345 12.76 0.33 37.29
CA LYS A 345 12.66 1.35 38.33
C LYS A 345 12.87 0.79 39.74
N LYS A 346 14.05 1.10 40.29
CA LYS A 346 14.46 0.73 41.64
C LYS A 346 13.77 1.64 42.68
N PRO A 347 13.25 1.07 43.79
CA PRO A 347 12.42 1.84 44.74
C PRO A 347 13.21 2.58 45.80
N HIS A 348 12.59 3.63 46.35
CA HIS A 348 13.22 4.47 47.39
C HIS A 348 12.36 4.51 48.64
N ALA A 349 11.15 3.98 48.50
CA ALA A 349 10.11 3.97 49.52
C ALA A 349 10.51 3.24 50.82
N SER A 350 9.71 3.40 51.87
CA SER A 350 9.95 2.72 53.14
C SER A 350 8.85 1.69 53.48
N VAL A 351 9.02 0.49 52.93
CA VAL A 351 8.02 -0.55 53.01
C VAL A 351 8.56 -1.78 53.73
N GLY A 352 7.87 -2.18 54.80
CA GLY A 352 8.25 -3.38 55.57
C GLY A 352 7.72 -3.26 56.97
N THR A 353 7.89 -4.33 57.76
CA THR A 353 7.57 -4.26 59.19
C THR A 353 8.81 -3.73 59.89
N HIS A 354 8.60 -2.87 60.90
CA HIS A 354 9.65 -1.95 61.36
C HIS A 354 10.91 -2.57 61.96
N GLY A 355 10.80 -3.77 62.53
CA GLY A 355 11.98 -4.48 63.06
C GLY A 355 13.02 -4.95 62.03
N TYR A 356 12.55 -5.34 60.85
CA TYR A 356 13.42 -5.96 59.83
C TYR A 356 13.52 -5.16 58.53
N MET A 357 14.21 -4.03 58.59
CA MET A 357 14.42 -3.24 57.39
C MET A 357 15.85 -2.77 57.31
N ALA A 358 16.41 -2.85 56.12
CA ALA A 358 17.76 -2.40 55.84
C ALA A 358 17.85 -0.86 55.84
N PRO A 359 19.04 -0.32 56.17
CA PRO A 359 19.28 1.13 56.16
C PRO A 359 18.81 1.80 54.88
N GLU A 360 18.99 1.12 53.76
CA GLU A 360 18.61 1.65 52.45
C GLU A 360 17.10 1.95 52.33
N VAL A 361 16.27 1.04 52.85
CA VAL A 361 14.82 1.20 52.75
C VAL A 361 14.41 2.39 53.60
N LEU A 362 14.84 2.34 54.85
CA LEU A 362 14.50 3.32 55.86
C LEU A 362 14.72 4.79 55.41
N GLN A 363 15.81 5.04 54.67
CA GLN A 363 16.16 6.41 54.27
C GLN A 363 15.25 6.95 53.17
N LYS A 364 15.00 8.27 53.24
CA LYS A 364 14.19 8.99 52.27
C LYS A 364 15.00 9.39 51.02
N GLY A 365 14.91 8.59 49.96
CA GLY A 365 15.55 8.91 48.69
C GLY A 365 16.58 7.93 48.14
N VAL A 366 17.10 7.06 49.01
CA VAL A 366 18.16 6.10 48.64
C VAL A 366 17.58 4.85 47.94
N ALA A 367 18.15 4.53 46.78
CA ALA A 367 17.71 3.42 45.92
C ALA A 367 18.44 2.10 46.23
N TYR A 368 17.67 1.04 46.34
CA TYR A 368 18.19 -0.26 46.73
C TYR A 368 17.67 -1.36 45.81
N ASP A 369 18.23 -2.56 45.93
CA ASP A 369 17.76 -3.74 45.19
C ASP A 369 17.37 -4.91 46.10
N SER A 370 17.84 -6.09 45.77
CA SER A 370 17.68 -7.28 46.61
C SER A 370 18.20 -7.08 48.05
N SER A 371 19.30 -6.34 48.16
CA SER A 371 20.04 -6.12 49.41
C SER A 371 19.19 -6.10 50.66
N ALA A 372 18.07 -5.38 50.60
CA ALA A 372 17.19 -5.20 51.74
C ALA A 372 16.58 -6.49 52.25
N ASP A 373 16.42 -7.45 51.34
CA ASP A 373 15.93 -8.76 51.69
C ASP A 373 16.94 -9.45 52.57
N TRP A 374 18.20 -9.43 52.13
CA TRP A 374 19.28 -10.10 52.83
C TRP A 374 19.48 -9.66 54.26
N PHE A 375 19.31 -8.38 54.49
CA PHE A 375 19.27 -7.85 55.83
C PHE A 375 18.03 -8.40 56.50
N SER A 376 16.86 -8.08 55.95
CA SER A 376 15.60 -8.53 56.51
C SER A 376 15.73 -9.98 56.96
N LEU A 377 16.29 -10.82 56.09
CA LEU A 377 16.55 -12.21 56.42
C LEU A 377 17.24 -12.34 57.75
N GLY A 378 18.45 -11.80 57.82
CA GLY A 378 19.26 -11.92 59.00
C GLY A 378 18.41 -11.65 60.20
N CYS A 379 17.71 -10.54 60.15
CA CYS A 379 16.93 -10.16 61.27
C CYS A 379 16.00 -11.25 61.68
N MET A 380 15.31 -11.83 60.70
CA MET A 380 14.32 -12.84 61.01
C MET A 380 15.01 -14.08 61.56
N LEU A 381 16.09 -14.46 60.92
CA LEU A 381 16.84 -15.63 61.37
C LEU A 381 17.19 -15.42 62.83
N PHE A 382 17.78 -14.27 63.10
CA PHE A 382 18.18 -13.89 64.44
C PHE A 382 17.04 -14.21 65.37
N LYS A 383 15.90 -13.64 65.04
CA LYS A 383 14.73 -13.75 65.89
C LYS A 383 14.45 -15.22 66.22
N LEU A 384 14.64 -16.12 65.25
CA LEU A 384 14.34 -17.53 65.48
C LEU A 384 15.26 -18.15 66.54
N LEU A 385 16.43 -17.56 66.76
CA LEU A 385 17.35 -18.07 67.76
C LEU A 385 17.14 -17.45 69.12
N ARG A 386 16.69 -16.19 69.13
CA ARG A 386 16.70 -15.38 70.35
C ARG A 386 15.35 -14.95 70.93
N GLY A 387 14.31 -14.97 70.11
CA GLY A 387 12.99 -14.62 70.61
C GLY A 387 12.56 -13.25 70.17
N HIS A 388 13.50 -12.32 70.02
CA HIS A 388 13.14 -11.01 69.52
C HIS A 388 13.81 -10.54 68.22
N SER A 389 13.23 -9.52 67.60
CA SER A 389 13.81 -8.79 66.50
C SER A 389 15.15 -8.22 66.98
N PRO A 390 16.11 -7.99 66.07
CA PRO A 390 17.48 -7.68 66.55
C PRO A 390 17.66 -6.33 67.21
N PHE A 391 16.77 -5.41 66.91
CA PHE A 391 16.87 -4.05 67.43
C PHE A 391 15.79 -3.78 68.47
N ARG A 392 14.88 -4.75 68.62
CA ARG A 392 13.72 -4.62 69.51
C ARG A 392 14.04 -5.09 70.97
N GLN A 393 14.64 -4.19 71.76
CA GLN A 393 14.86 -4.47 73.18
C GLN A 393 13.69 -3.90 74.01
N HIS A 394 12.49 -4.32 73.57
CA HIS A 394 11.18 -3.94 74.13
C HIS A 394 10.80 -2.43 74.11
N LYS A 395 10.49 -1.96 72.89
CA LYS A 395 9.72 -0.74 72.66
C LYS A 395 8.55 -1.10 71.72
N THR A 396 7.32 -0.91 72.22
CA THR A 396 6.09 -1.44 71.59
C THR A 396 5.71 -0.77 70.24
N LYS A 397 5.44 0.55 70.31
CA LYS A 397 4.97 1.41 69.19
C LYS A 397 6.03 2.46 68.76
N ASP A 398 7.05 2.67 69.60
CA ASP A 398 8.15 3.59 69.26
C ASP A 398 9.06 3.02 68.15
N LYS A 399 8.72 3.38 66.91
CA LYS A 399 9.37 2.91 65.69
C LYS A 399 10.77 3.46 65.53
N HIS A 400 10.95 4.73 65.94
CA HIS A 400 12.20 5.48 65.75
C HIS A 400 13.39 4.91 66.53
N GLU A 401 13.13 4.15 67.59
CA GLU A 401 14.16 3.54 68.43
C GLU A 401 14.66 2.26 67.79
N ILE A 402 13.81 1.62 67.00
CA ILE A 402 14.21 0.46 66.24
C ILE A 402 14.96 0.91 65.00
N ASP A 403 14.66 2.13 64.56
CA ASP A 403 15.24 2.74 63.35
C ASP A 403 16.63 3.33 63.58
N ARG A 404 16.84 3.90 64.76
CA ARG A 404 18.15 4.46 65.08
C ARG A 404 19.13 3.41 65.59
N MET A 405 18.62 2.33 66.20
CA MET A 405 19.46 1.19 66.59
C MET A 405 20.06 0.53 65.35
N THR A 406 19.28 0.54 64.27
CA THR A 406 19.71 0.05 62.97
C THR A 406 20.91 0.84 62.41
N LEU A 407 20.82 2.17 62.47
CA LEU A 407 21.77 3.05 61.80
C LEU A 407 23.11 3.28 62.51
N THR A 408 23.12 3.37 63.85
CA THR A 408 24.38 3.54 64.60
C THR A 408 25.02 2.21 65.08
N MET A 409 24.24 1.12 65.10
CA MET A 409 24.70 -0.16 65.69
C MET A 409 24.48 -1.42 64.80
N ALA A 410 25.50 -2.26 64.69
CA ALA A 410 25.30 -3.66 64.31
C ALA A 410 25.55 -4.46 65.59
N VAL A 411 24.48 -5.09 66.10
CA VAL A 411 24.39 -5.54 67.53
C VAL A 411 25.37 -6.67 67.97
N GLU A 412 25.89 -6.57 69.20
CA GLU A 412 26.78 -7.59 69.78
C GLU A 412 26.00 -8.84 70.20
N LEU A 413 26.64 -10.01 70.00
CA LEU A 413 26.00 -11.34 70.05
C LEU A 413 26.69 -12.32 71.04
N PRO A 414 25.89 -13.09 71.83
CA PRO A 414 26.39 -13.99 72.89
C PRO A 414 27.36 -15.11 72.49
N ASP A 415 27.82 -15.85 73.50
CA ASP A 415 28.83 -16.90 73.36
C ASP A 415 28.23 -18.27 73.05
N SER A 416 26.90 -18.35 73.03
CA SER A 416 26.18 -19.61 72.80
C SER A 416 26.15 -20.03 71.31
N PHE A 417 26.52 -19.10 70.43
CA PHE A 417 26.61 -19.39 69.01
C PHE A 417 27.99 -19.86 68.64
N SER A 418 28.04 -20.64 67.57
CA SER A 418 29.30 -21.04 66.95
C SER A 418 29.98 -19.80 66.31
N PRO A 419 31.33 -19.78 66.26
CA PRO A 419 32.09 -18.77 65.50
C PRO A 419 31.68 -18.72 64.00
N GLU A 420 31.00 -19.78 63.55
CA GLU A 420 30.56 -19.96 62.16
C GLU A 420 29.23 -19.25 61.90
N LEU A 421 28.29 -19.40 62.83
CA LEU A 421 27.00 -18.70 62.78
C LEU A 421 27.21 -17.22 63.05
N ARG A 422 28.17 -16.93 63.91
CA ARG A 422 28.52 -15.57 64.27
C ARG A 422 28.91 -14.74 63.05
N SER A 423 29.75 -15.28 62.15
CA SER A 423 30.16 -14.54 60.96
C SER A 423 29.09 -14.42 59.86
N LEU A 424 28.12 -15.34 59.86
CA LEU A 424 26.98 -15.29 58.93
C LEU A 424 26.00 -14.17 59.27
N LEU A 425 25.73 -14.00 60.56
CA LEU A 425 24.86 -12.92 61.02
C LEU A 425 25.56 -11.56 60.96
N GLU A 426 26.82 -11.48 61.43
CA GLU A 426 27.61 -10.25 61.44
C GLU A 426 27.92 -9.70 60.05
N GLY A 427 27.95 -10.57 59.04
CA GLY A 427 28.15 -10.16 57.65
C GLY A 427 26.87 -9.76 56.95
N LEU A 428 25.74 -10.28 57.42
CA LEU A 428 24.44 -9.92 56.88
C LEU A 428 24.03 -8.54 57.35
N LEU A 429 24.23 -8.27 58.63
CA LEU A 429 23.71 -7.05 59.23
C LEU A 429 24.74 -5.94 59.27
N GLN A 430 25.28 -5.68 58.08
CA GLN A 430 26.16 -4.56 57.82
C GLN A 430 25.30 -3.43 57.33
N ARG A 431 25.44 -2.26 57.96
CA ARG A 431 24.64 -1.10 57.60
C ARG A 431 25.12 -0.44 56.30
N ASP A 432 26.17 -1.02 55.71
CA ASP A 432 26.60 -0.64 54.37
C ASP A 432 26.00 -1.58 53.33
N VAL A 433 25.74 -1.00 52.15
CA VAL A 433 25.24 -1.75 51.01
C VAL A 433 26.36 -2.65 50.50
N ASN A 434 27.54 -2.06 50.36
CA ASN A 434 28.66 -2.71 49.73
C ASN A 434 29.23 -3.88 50.50
N ARG A 435 29.42 -3.73 51.80
CA ARG A 435 30.12 -4.73 52.63
C ARG A 435 29.31 -5.98 53.05
N ARG A 436 28.00 -6.01 52.77
CA ARG A 436 27.16 -7.11 53.28
C ARG A 436 27.00 -8.28 52.30
N LEU A 437 26.64 -9.43 52.86
CA LEU A 437 26.39 -10.62 52.08
C LEU A 437 25.19 -10.47 51.18
N GLY A 438 25.35 -10.97 49.96
CA GLY A 438 24.29 -10.97 48.97
C GLY A 438 24.30 -9.76 48.07
N CYS A 439 25.36 -8.96 48.15
CA CYS A 439 25.38 -7.69 47.42
C CYS A 439 26.34 -7.61 46.25
N LEU A 440 27.60 -7.27 46.54
CA LEU A 440 28.60 -6.90 45.52
C LEU A 440 28.99 -8.02 44.53
N GLY A 441 28.77 -9.28 44.91
CA GLY A 441 29.14 -10.40 44.05
C GLY A 441 27.98 -11.13 43.42
N ARG A 442 28.06 -12.45 43.48
CA ARG A 442 27.12 -13.36 42.83
C ARG A 442 25.67 -13.21 43.33
N GLY A 443 25.48 -12.49 44.43
CA GLY A 443 24.15 -12.23 44.97
C GLY A 443 23.68 -13.38 45.85
N ALA A 444 22.66 -14.10 45.39
CA ALA A 444 22.07 -15.23 46.12
C ALA A 444 23.07 -16.27 46.60
N GLN A 445 24.12 -16.49 45.81
CA GLN A 445 25.10 -17.55 46.08
C GLN A 445 26.14 -17.19 47.13
N GLU A 446 26.47 -15.90 47.22
CA GLU A 446 27.40 -15.40 48.26
C GLU A 446 27.02 -15.98 49.62
N VAL A 447 25.72 -15.96 49.90
CA VAL A 447 25.16 -16.49 51.12
C VAL A 447 25.33 -17.98 51.22
N LYS A 448 25.03 -18.70 50.14
CA LYS A 448 25.12 -20.15 50.15
C LYS A 448 26.50 -20.69 50.66
N GLU A 449 27.54 -19.87 50.60
CA GLU A 449 28.88 -20.36 50.85
C GLU A 449 29.46 -20.12 52.24
N SER A 450 28.98 -19.07 52.92
CA SER A 450 29.49 -18.73 54.26
C SER A 450 29.41 -19.93 55.16
N PRO A 451 30.54 -20.26 55.82
CA PRO A 451 30.81 -21.47 56.61
C PRO A 451 29.69 -22.05 57.48
N PHE A 452 28.60 -21.30 57.70
CA PHE A 452 27.48 -21.88 58.41
C PHE A 452 26.83 -22.98 57.58
N PHE A 453 26.90 -22.84 56.25
CA PHE A 453 26.24 -23.76 55.31
C PHE A 453 27.19 -24.74 54.64
N ARG A 454 28.33 -24.93 55.29
CA ARG A 454 29.35 -25.85 54.85
C ARG A 454 28.84 -27.30 54.83
N SER A 455 27.97 -27.62 55.79
CA SER A 455 27.52 -29.00 55.98
C SER A 455 26.28 -29.35 55.15
N LEU A 456 26.04 -28.59 54.08
CA LEU A 456 24.91 -28.85 53.19
C LEU A 456 25.26 -28.90 51.68
N ASP A 457 24.73 -29.92 51.00
CA ASP A 457 24.73 -29.98 49.54
C ASP A 457 23.48 -29.24 49.10
N TRP A 458 23.70 -28.20 48.30
CA TRP A 458 22.67 -27.22 48.05
C TRP A 458 21.50 -27.69 47.19
N GLN A 459 21.76 -28.66 46.32
CA GLN A 459 20.67 -29.20 45.58
C GLN A 459 19.80 -30.07 46.50
N MET A 460 20.38 -30.58 47.60
CA MET A 460 19.61 -31.41 48.54
C MET A 460 18.42 -30.66 49.14
N VAL A 461 18.58 -29.37 49.39
CA VAL A 461 17.50 -28.61 49.98
C VAL A 461 16.50 -28.33 48.92
N PHE A 462 16.98 -28.16 47.70
CA PHE A 462 16.15 -27.86 46.55
C PHE A 462 15.17 -28.99 46.21
N LEU A 463 15.55 -30.20 46.62
CA LEU A 463 14.68 -31.35 46.47
C LEU A 463 13.80 -31.50 47.69
N GLN A 464 14.11 -30.73 48.74
CA GLN A 464 13.43 -30.86 50.03
C GLN A 464 13.67 -32.24 50.61
N LYS A 465 14.83 -32.81 50.30
CA LYS A 465 15.23 -34.14 50.79
C LYS A 465 15.70 -34.18 52.25
N TYR A 466 15.76 -33.00 52.90
CA TYR A 466 16.13 -32.88 54.31
C TYR A 466 14.92 -33.06 55.22
N PRO A 467 15.17 -33.43 56.49
CA PRO A 467 14.07 -33.52 57.44
C PRO A 467 13.76 -32.21 58.13
N PRO A 468 12.47 -31.94 58.33
CA PRO A 468 12.12 -30.70 58.96
C PRO A 468 12.10 -30.88 60.45
N PRO A 469 12.44 -29.83 61.22
CA PRO A 469 12.32 -29.79 62.67
C PRO A 469 10.90 -29.86 63.21
N LEU A 470 9.94 -29.22 62.54
CA LEU A 470 8.60 -29.23 63.10
C LEU A 470 7.45 -29.65 62.19
N ILE A 471 6.95 -30.85 62.47
CA ILE A 471 5.75 -31.43 61.85
C ILE A 471 4.55 -30.92 62.62
N PRO A 472 3.70 -30.09 62.01
CA PRO A 472 2.60 -29.43 62.71
C PRO A 472 1.42 -30.35 63.00
N PRO A 473 0.93 -30.40 64.27
CA PRO A 473 -0.12 -31.34 64.73
C PRO A 473 -1.49 -31.21 64.03
N ARG A 474 -2.42 -32.13 64.37
CA ARG A 474 -3.67 -32.40 63.60
C ARG A 474 -4.76 -31.28 63.68
N GLY A 475 -4.62 -30.27 62.80
CA GLY A 475 -5.42 -29.03 62.85
C GLY A 475 -6.93 -29.18 62.82
N THR A 493 -18.85 -6.42 60.33
CA THR A 493 -18.45 -6.10 58.96
C THR A 493 -19.46 -5.07 58.30
N LYS A 494 -19.04 -4.44 57.19
CA LYS A 494 -19.45 -3.08 56.78
C LYS A 494 -20.43 -2.91 55.62
N GLY A 495 -21.30 -1.89 55.71
CA GLY A 495 -22.38 -1.61 54.73
C GLY A 495 -22.23 -0.42 53.78
N ILE A 496 -21.08 -0.37 53.08
CA ILE A 496 -20.77 0.58 51.98
C ILE A 496 -20.87 -0.09 50.58
N LYS A 497 -21.44 0.63 49.61
CA LYS A 497 -21.61 0.12 48.23
C LYS A 497 -20.44 0.47 47.27
N LEU A 498 -20.59 0.10 45.99
CA LEU A 498 -19.44 -0.06 45.07
C LEU A 498 -19.63 0.46 43.64
N LEU A 499 -18.83 1.45 43.24
CA LEU A 499 -18.98 2.13 41.94
C LEU A 499 -18.60 1.31 40.71
N ASP A 500 -18.73 1.94 39.55
CA ASP A 500 -18.23 1.41 38.30
C ASP A 500 -16.77 1.80 38.11
N SER A 501 -16.39 2.98 38.60
CA SER A 501 -15.01 3.49 38.53
C SER A 501 -14.00 2.65 39.29
N ASP A 502 -14.49 1.91 40.28
CA ASP A 502 -13.64 0.99 41.04
C ASP A 502 -13.60 -0.36 40.35
N GLN A 503 -14.70 -0.71 39.68
CA GLN A 503 -14.85 -1.98 38.97
C GLN A 503 -13.90 -2.14 37.79
N GLU A 504 -13.54 -1.02 37.15
CA GLU A 504 -12.63 -1.06 36.00
C GLU A 504 -11.17 -1.06 36.39
N LEU A 505 -10.90 -1.15 37.70
CA LEU A 505 -9.55 -1.42 38.18
C LEU A 505 -9.32 -2.94 38.23
N TYR A 506 -10.38 -3.69 37.94
CA TYR A 506 -10.36 -5.16 38.03
C TYR A 506 -10.66 -5.95 36.71
N ARG A 507 -10.71 -5.28 35.56
CA ARG A 507 -10.48 -5.96 34.27
C ARG A 507 -8.95 -5.87 34.09
N ASN A 508 -8.34 -6.80 33.34
CA ASN A 508 -6.87 -6.95 33.31
C ASN A 508 -6.28 -7.41 34.68
N PHE A 509 -7.04 -8.28 35.31
CA PHE A 509 -6.65 -8.92 36.53
C PHE A 509 -6.88 -10.39 36.30
N PRO A 510 -8.04 -10.79 35.68
CA PRO A 510 -8.22 -12.21 35.43
C PRO A 510 -6.99 -12.82 34.77
N LEU A 511 -6.53 -13.95 35.29
CA LEU A 511 -5.30 -14.54 34.82
C LEU A 511 -5.23 -16.05 35.00
N THR A 512 -4.60 -16.70 34.02
CA THR A 512 -4.44 -18.15 33.99
C THR A 512 -3.06 -18.44 33.57
N ILE A 513 -2.20 -18.63 34.54
CA ILE A 513 -0.82 -18.71 34.18
C ILE A 513 -0.51 -20.02 33.51
N SER A 514 -0.67 -19.95 32.20
CA SER A 514 -0.56 -21.06 31.27
C SER A 514 0.14 -22.29 31.86
N GLU A 515 1.45 -22.17 31.97
CA GLU A 515 2.23 -23.21 32.49
C GLU A 515 1.48 -23.92 33.66
N ARG A 516 1.12 -23.20 34.74
CA ARG A 516 0.58 -23.87 35.95
C ARG A 516 -0.53 -24.80 35.56
N TRP A 517 -1.41 -24.31 34.71
CA TRP A 517 -2.59 -25.05 34.43
C TRP A 517 -2.15 -26.32 33.81
N GLN A 518 -1.26 -26.20 32.84
CA GLN A 518 -0.79 -27.38 32.14
C GLN A 518 -0.36 -28.47 33.12
N GLN A 519 0.57 -28.12 34.00
CA GLN A 519 1.05 -29.01 35.03
C GLN A 519 -0.10 -29.75 35.65
N GLU A 520 -0.99 -29.00 36.29
CA GLU A 520 -2.16 -29.54 36.96
C GLU A 520 -2.78 -30.66 36.12
N VAL A 521 -3.08 -30.36 34.86
CA VAL A 521 -3.76 -31.30 33.98
C VAL A 521 -2.98 -32.60 33.93
N ALA A 522 -1.68 -32.43 33.72
CA ALA A 522 -0.78 -33.53 33.40
C ALA A 522 -0.47 -34.47 34.54
N GLU A 523 -0.80 -34.06 35.75
CA GLU A 523 -0.51 -34.92 36.88
C GLU A 523 -1.67 -35.85 37.05
N THR A 524 -2.84 -35.43 36.57
CA THR A 524 -4.06 -36.16 36.90
C THR A 524 -4.95 -36.65 35.75
N VAL A 525 -5.34 -35.79 34.82
CA VAL A 525 -6.33 -36.27 33.87
C VAL A 525 -5.84 -36.37 32.45
N PHE A 526 -4.81 -35.61 32.14
CA PHE A 526 -4.32 -35.52 30.78
C PHE A 526 -4.36 -36.86 30.09
N ASP A 527 -3.78 -37.86 30.73
CA ASP A 527 -3.60 -39.19 30.15
C ASP A 527 -4.91 -39.92 29.81
N THR A 528 -5.82 -40.05 30.78
CA THR A 528 -7.09 -40.79 30.54
C THR A 528 -8.18 -39.98 29.82
N ILE A 529 -7.88 -38.71 29.56
CA ILE A 529 -8.79 -37.92 28.77
C ILE A 529 -8.35 -37.94 27.30
N ASN A 530 -7.05 -38.16 27.07
CA ASN A 530 -6.53 -38.36 25.72
C ASN A 530 -7.05 -39.63 25.06
N ALA A 531 -6.99 -40.76 25.79
CA ALA A 531 -7.44 -42.07 25.28
C ALA A 531 -8.98 -42.24 25.23
N GLU A 532 -9.69 -41.46 26.04
CA GLU A 532 -11.14 -41.45 26.04
C GLU A 532 -11.69 -40.73 24.82
N THR A 533 -11.08 -39.61 24.48
CA THR A 533 -11.47 -38.90 23.27
C THR A 533 -11.02 -39.65 22.02
N ASP A 534 -9.85 -40.32 22.09
CA ASP A 534 -9.36 -41.21 21.00
C ASP A 534 -10.42 -42.28 20.71
N ARG A 535 -11.19 -42.63 21.75
CA ARG A 535 -12.32 -43.57 21.65
C ARG A 535 -13.57 -42.91 21.07
N LEU A 536 -13.81 -41.64 21.43
CA LEU A 536 -14.96 -40.93 20.89
C LEU A 536 -14.79 -40.49 19.45
N GLU A 537 -13.54 -40.36 19.01
CA GLU A 537 -13.23 -39.91 17.65
C GLU A 537 -13.16 -41.07 16.62
N ALA A 538 -12.83 -42.26 17.11
CA ALA A 538 -12.85 -43.49 16.29
C ALA A 538 -14.27 -44.06 16.15
N ARG A 539 -15.19 -43.63 17.04
CA ARG A 539 -16.64 -43.96 16.97
C ARG A 539 -17.40 -42.99 16.08
N LYS A 540 -16.84 -41.80 15.91
CA LYS A 540 -17.42 -40.77 15.06
C LYS A 540 -17.16 -41.05 13.59
N LYS A 541 -16.04 -41.70 13.31
CA LYS A 541 -15.62 -42.09 11.95
C LYS A 541 -16.38 -43.34 11.41
N THR A 542 -16.82 -44.20 12.32
CA THR A 542 -17.59 -45.43 12.00
C THR A 542 -19.09 -45.16 11.69
N LYS A 543 -19.69 -44.18 12.38
CA LYS A 543 -21.11 -43.84 12.20
C LYS A 543 -21.42 -43.16 10.84
N ASN A 544 -20.38 -42.82 10.08
CA ASN A 544 -20.51 -42.10 8.79
C ASN A 544 -20.18 -42.86 7.46
N LYS A 545 -19.29 -43.85 7.50
CA LYS A 545 -18.75 -44.58 6.29
C LYS A 545 -19.76 -45.37 5.44
N GLN A 546 -20.40 -46.39 6.02
CA GLN A 546 -21.36 -47.25 5.32
C GLN A 546 -22.71 -46.55 5.08
N LEU A 547 -22.90 -45.41 5.76
CA LEU A 547 -23.98 -44.44 5.51
C LEU A 547 -23.56 -43.40 4.46
N GLY A 548 -22.37 -43.60 3.88
CA GLY A 548 -21.81 -42.69 2.86
C GLY A 548 -21.30 -41.38 3.44
N HIS A 549 -20.00 -41.32 3.74
CA HIS A 549 -19.33 -40.13 4.32
C HIS A 549 -19.54 -38.91 3.42
N GLU A 550 -19.66 -37.74 4.07
CA GLU A 550 -19.88 -36.46 3.39
C GLU A 550 -18.55 -36.02 2.74
N GLU A 551 -18.31 -36.45 1.48
CA GLU A 551 -17.04 -36.23 0.76
C GLU A 551 -16.56 -34.80 0.98
N ASP A 552 -15.86 -34.60 2.10
CA ASP A 552 -15.45 -33.28 2.60
C ASP A 552 -15.05 -32.35 1.46
N TYR A 553 -15.71 -31.20 1.44
CA TYR A 553 -15.78 -30.35 0.26
C TYR A 553 -15.05 -29.01 0.55
N ALA A 554 -14.48 -28.94 1.76
CA ALA A 554 -13.59 -27.84 2.21
C ALA A 554 -12.11 -28.13 1.90
N LEU A 555 -11.76 -29.42 1.87
CA LEU A 555 -10.38 -29.88 1.55
C LEU A 555 -10.09 -29.94 0.02
N GLY A 556 -10.99 -29.35 -0.77
CA GLY A 556 -10.82 -29.33 -2.23
C GLY A 556 -10.64 -27.94 -2.84
N LYS A 557 -11.08 -26.90 -2.11
CA LYS A 557 -11.04 -25.54 -2.64
C LYS A 557 -10.00 -24.66 -1.95
N ASP A 558 -9.60 -23.57 -2.62
CA ASP A 558 -8.70 -22.57 -2.02
C ASP A 558 -9.45 -21.72 -0.96
N CYS A 559 -10.00 -22.44 0.01
CA CYS A 559 -10.77 -21.91 1.11
C CYS A 559 -9.86 -21.15 2.08
N ILE A 560 -10.42 -20.60 3.16
CA ILE A 560 -9.62 -19.83 4.14
C ILE A 560 -9.71 -20.34 5.60
N MET A 561 -10.87 -20.88 5.98
CA MET A 561 -11.10 -21.30 7.37
C MET A 561 -12.49 -21.95 7.51
N HIS A 562 -12.66 -22.83 8.50
CA HIS A 562 -13.97 -23.43 8.76
C HIS A 562 -14.18 -23.76 10.24
N GLY A 563 -15.12 -23.08 10.90
CA GLY A 563 -15.34 -23.26 12.33
C GLY A 563 -16.81 -23.23 12.68
N TYR A 564 -17.11 -23.47 13.96
CA TYR A 564 -18.52 -23.55 14.44
C TYR A 564 -19.10 -22.22 14.96
N MET A 565 -20.34 -21.91 14.58
CA MET A 565 -21.03 -20.67 15.02
C MET A 565 -22.54 -20.78 15.13
N SER A 566 -23.14 -19.77 15.75
CA SER A 566 -24.59 -19.64 15.83
C SER A 566 -25.06 -18.36 15.12
N LYS A 567 -26.29 -18.37 14.58
CA LYS A 567 -26.89 -17.21 13.90
C LYS A 567 -28.34 -17.04 14.32
N MET A 568 -28.95 -15.92 13.94
CA MET A 568 -30.26 -15.53 14.52
C MET A 568 -31.47 -15.27 13.54
N GLY A 569 -32.69 -15.50 14.05
CA GLY A 569 -33.93 -15.12 13.37
C GLY A 569 -35.09 -15.24 14.35
N ASN A 570 -35.79 -14.13 14.60
CA ASN A 570 -36.82 -14.05 15.65
C ASN A 570 -38.07 -14.87 15.36
N THR A 574 -36.88 -15.52 19.48
CA THR A 574 -35.42 -15.42 19.49
C THR A 574 -34.74 -16.76 19.82
N GLN A 575 -34.46 -17.52 18.77
CA GLN A 575 -33.78 -18.82 18.86
C GLN A 575 -32.29 -18.66 18.52
N TRP A 576 -31.49 -19.65 18.89
CA TRP A 576 -30.11 -19.77 18.39
C TRP A 576 -29.96 -21.11 17.64
N GLN A 577 -29.90 -21.07 16.30
CA GLN A 577 -29.60 -22.28 15.55
C GLN A 577 -28.10 -22.42 15.32
N ARG A 578 -27.56 -23.59 15.66
CA ARG A 578 -26.11 -23.82 15.60
C ARG A 578 -25.72 -24.43 14.25
N ARG A 579 -24.90 -23.71 13.48
CA ARG A 579 -24.53 -24.09 12.11
C ARG A 579 -23.01 -24.14 11.87
N TYR A 580 -22.60 -24.78 10.77
CA TYR A 580 -21.19 -24.93 10.43
C TYR A 580 -20.82 -24.12 9.17
N PHE A 581 -19.95 -23.13 9.33
CA PHE A 581 -19.68 -22.17 8.27
C PHE A 581 -18.38 -22.44 7.54
N TYR A 582 -18.36 -22.00 6.28
CA TYR A 582 -17.23 -22.21 5.41
C TYR A 582 -16.86 -20.85 4.80
N LEU A 583 -15.62 -20.39 4.98
CA LEU A 583 -15.21 -19.06 4.49
C LEU A 583 -14.25 -19.05 3.30
N PHE A 584 -14.77 -18.68 2.12
CA PHE A 584 -13.99 -18.48 0.89
C PHE A 584 -13.74 -16.96 0.72
N PRO A 585 -12.73 -16.56 -0.08
CA PRO A 585 -12.40 -15.11 -0.14
C PRO A 585 -13.42 -14.16 -0.80
N ASN A 586 -14.62 -14.68 -1.10
CA ASN A 586 -15.71 -13.87 -1.68
C ASN A 586 -17.14 -14.18 -1.15
N ARG A 587 -17.29 -15.28 -0.41
CA ARG A 587 -18.58 -15.73 0.11
C ARG A 587 -18.46 -16.38 1.49
N LEU A 588 -19.58 -16.56 2.19
CA LEU A 588 -19.60 -17.35 3.44
C LEU A 588 -20.79 -18.30 3.44
N GLU A 589 -20.51 -19.59 3.25
CA GLU A 589 -21.56 -20.59 3.14
C GLU A 589 -21.85 -21.34 4.44
N TRP A 590 -22.98 -22.05 4.44
CA TRP A 590 -23.36 -22.87 5.59
C TRP A 590 -24.27 -24.06 5.23
N ARG A 591 -23.98 -25.19 5.88
CA ARG A 591 -24.80 -26.38 5.80
C ARG A 591 -25.24 -26.87 7.18
N GLY A 592 -26.38 -27.55 7.21
CA GLY A 592 -26.77 -28.39 8.34
C GLY A 592 -26.12 -29.75 8.16
N GLU A 593 -26.13 -30.58 9.21
CA GLU A 593 -25.40 -31.86 9.19
C GLU A 593 -26.16 -33.01 8.52
N GLY A 594 -26.01 -33.13 7.20
CA GLY A 594 -26.70 -34.15 6.40
C GLY A 594 -26.89 -33.67 4.97
N GLU A 595 -26.74 -32.35 4.78
CA GLU A 595 -26.95 -31.68 3.48
C GLU A 595 -25.67 -31.01 2.90
N ALA A 596 -25.77 -30.50 1.67
CA ALA A 596 -24.69 -29.73 1.00
C ALA A 596 -25.06 -28.24 0.90
N PRO A 597 -24.19 -27.34 1.44
CA PRO A 597 -24.50 -25.91 1.72
C PRO A 597 -25.49 -25.20 0.75
N GLN A 598 -26.69 -24.89 1.26
CA GLN A 598 -27.81 -24.31 0.47
C GLN A 598 -27.82 -22.79 0.48
N SER A 599 -27.17 -22.20 1.49
CA SER A 599 -27.18 -20.74 1.67
C SER A 599 -25.76 -20.09 1.80
N LEU A 600 -25.69 -18.78 1.51
CA LEU A 600 -24.46 -18.00 1.38
C LEU A 600 -24.63 -16.54 1.88
N LEU A 601 -23.59 -15.97 2.48
CA LEU A 601 -23.59 -14.54 2.75
C LEU A 601 -22.32 -13.90 2.19
N THR A 602 -22.44 -13.20 1.06
CA THR A 602 -21.30 -12.73 0.27
C THR A 602 -20.56 -11.51 0.83
N MET A 603 -19.31 -11.32 0.39
CA MET A 603 -18.38 -10.37 1.01
C MET A 603 -18.62 -8.90 0.69
N GLU A 604 -19.04 -8.62 -0.54
CA GLU A 604 -19.20 -7.22 -0.99
C GLU A 604 -20.39 -6.49 -0.37
N GLU A 605 -21.37 -7.24 0.15
CA GLU A 605 -22.56 -6.64 0.80
C GLU A 605 -22.34 -6.38 2.30
N ILE A 606 -21.20 -6.84 2.81
CA ILE A 606 -20.81 -6.57 4.18
C ILE A 606 -20.21 -5.17 4.25
N GLN A 607 -20.73 -4.34 5.17
CA GLN A 607 -20.37 -2.92 5.28
C GLN A 607 -19.51 -2.58 6.49
N SER A 608 -19.74 -3.28 7.60
CA SER A 608 -18.89 -3.15 8.79
C SER A 608 -19.04 -4.32 9.78
N VAL A 609 -17.92 -4.97 10.10
CA VAL A 609 -17.93 -6.07 11.06
C VAL A 609 -17.51 -5.53 12.39
N GLU A 610 -18.41 -5.68 13.36
CA GLU A 610 -18.17 -5.18 14.70
C GLU A 610 -18.55 -6.20 15.80
N GLU A 611 -18.22 -5.86 17.03
CA GLU A 611 -18.51 -6.73 18.17
C GLU A 611 -19.45 -6.04 19.14
N THR A 612 -20.34 -6.83 19.71
CA THR A 612 -21.35 -6.27 20.58
C THR A 612 -21.37 -7.15 21.81
N GLN A 613 -22.26 -6.85 22.75
CA GLN A 613 -22.44 -7.68 23.93
C GLN A 613 -23.91 -8.01 24.24
N ILE A 614 -24.36 -9.20 23.84
CA ILE A 614 -25.75 -9.64 24.02
C ILE A 614 -25.90 -10.53 25.25
N LYS A 615 -26.41 -9.92 26.31
CA LYS A 615 -26.50 -10.50 27.65
C LYS A 615 -25.14 -10.95 28.22
N GLU A 616 -24.17 -10.03 28.17
CA GLU A 616 -22.83 -10.14 28.79
C GLU A 616 -21.86 -11.16 28.15
N ARG A 617 -22.26 -11.73 27.02
CA ARG A 617 -21.39 -12.54 26.12
C ARG A 617 -20.72 -11.61 25.09
N LYS A 618 -19.69 -12.06 24.39
CA LYS A 618 -19.21 -11.29 23.23
C LYS A 618 -19.70 -11.97 21.96
N CYS A 619 -20.03 -11.15 20.96
CA CYS A 619 -20.69 -11.63 19.72
C CYS A 619 -20.32 -10.77 18.51
N LEU A 620 -20.65 -11.24 17.31
CA LEU A 620 -20.26 -10.50 16.12
C LEU A 620 -21.43 -9.89 15.32
N LEU A 621 -21.30 -8.59 15.04
CA LEU A 621 -22.33 -7.80 14.34
C LEU A 621 -21.94 -7.46 12.90
N LEU A 622 -22.72 -7.99 11.96
CA LEU A 622 -22.42 -7.85 10.56
C LEU A 622 -23.48 -7.00 9.89
N LYS A 623 -23.14 -5.76 9.58
CA LYS A 623 -24.06 -4.87 8.85
C LYS A 623 -24.11 -5.18 7.34
N ILE A 624 -25.32 -5.21 6.79
CA ILE A 624 -25.54 -5.62 5.41
C ILE A 624 -26.11 -4.42 4.61
N ARG A 625 -26.18 -4.58 3.29
CA ARG A 625 -26.40 -3.47 2.35
C ARG A 625 -27.85 -3.04 2.07
N GLY A 626 -28.83 -3.72 2.65
CA GLY A 626 -30.23 -3.27 2.57
C GLY A 626 -30.61 -2.45 3.79
N GLY A 627 -29.65 -2.34 4.71
CA GLY A 627 -29.86 -1.84 6.06
C GLY A 627 -29.77 -3.02 7.01
N LYS A 628 -29.84 -4.21 6.43
CA LYS A 628 -29.98 -5.52 7.13
C LYS A 628 -28.89 -5.78 8.17
N GLN A 629 -29.25 -6.51 9.23
CA GLN A 629 -28.30 -6.87 10.28
C GLN A 629 -28.28 -8.38 10.59
N PHE A 630 -27.07 -8.88 10.87
CA PHE A 630 -26.81 -10.30 11.13
C PHE A 630 -25.81 -10.56 12.27
N VAL A 631 -26.09 -11.60 13.05
CA VAL A 631 -25.43 -11.80 14.33
C VAL A 631 -24.79 -13.17 14.42
N LEU A 632 -23.59 -13.21 15.03
CA LEU A 632 -22.77 -14.42 15.23
C LEU A 632 -22.35 -14.69 16.66
N GLN A 633 -22.54 -15.92 17.11
CA GLN A 633 -22.06 -16.36 18.42
C GLN A 633 -21.10 -17.51 18.31
N CYS A 634 -19.97 -17.36 19.01
CA CYS A 634 -18.91 -18.37 19.07
C CYS A 634 -18.99 -19.08 20.40
N ASP A 635 -18.12 -20.08 20.55
CA ASP A 635 -18.06 -20.87 21.77
C ASP A 635 -16.85 -20.46 22.59
N SER A 636 -15.75 -20.28 21.89
CA SER A 636 -14.46 -20.10 22.52
C SER A 636 -13.78 -18.83 22.07
N ASP A 637 -13.48 -17.97 23.05
CA ASP A 637 -12.93 -16.64 22.79
C ASP A 637 -11.95 -16.56 21.63
N PRO A 638 -10.93 -17.42 21.61
CA PRO A 638 -10.11 -17.27 20.44
C PRO A 638 -10.92 -17.40 19.17
N GLU A 639 -11.70 -18.47 19.05
CA GLU A 639 -12.45 -18.67 17.84
C GLU A 639 -12.97 -17.32 17.38
N LEU A 640 -13.60 -16.60 18.29
CA LEU A 640 -14.20 -15.29 18.00
C LEU A 640 -13.21 -14.28 17.41
N VAL A 641 -12.06 -14.09 18.07
CA VAL A 641 -11.08 -13.08 17.64
C VAL A 641 -10.53 -13.41 16.26
N GLN A 642 -10.56 -14.68 15.90
CA GLN A 642 -10.05 -15.10 14.59
C GLN A 642 -11.05 -14.87 13.44
N TRP A 643 -12.33 -15.08 13.71
CA TRP A 643 -13.33 -14.73 12.74
C TRP A 643 -13.27 -13.22 12.60
N LYS A 644 -13.27 -12.53 13.74
CA LYS A 644 -13.24 -11.07 13.78
C LYS A 644 -12.18 -10.48 12.88
N LYS A 645 -11.00 -11.08 12.86
CA LYS A 645 -9.93 -10.55 12.01
C LYS A 645 -10.07 -11.05 10.58
N GLU A 646 -10.26 -12.36 10.38
CA GLU A 646 -10.24 -12.95 9.02
C GLU A 646 -11.40 -12.50 8.12
N LEU A 647 -12.51 -12.13 8.74
CA LEU A 647 -13.66 -11.54 8.03
C LEU A 647 -13.32 -10.12 7.64
N ARG A 648 -12.70 -9.41 8.57
CA ARG A 648 -12.34 -8.01 8.38
C ARG A 648 -11.23 -7.86 7.33
N ASP A 649 -10.49 -8.94 7.07
CA ASP A 649 -9.48 -8.89 6.03
C ASP A 649 -10.00 -9.29 4.68
N ALA A 650 -10.89 -10.29 4.67
CA ALA A 650 -11.43 -10.85 3.42
C ALA A 650 -12.36 -9.89 2.71
N TYR A 651 -13.11 -9.12 3.49
CA TYR A 651 -14.03 -8.16 2.93
C TYR A 651 -13.32 -6.87 2.53
N ARG A 652 -12.15 -6.62 3.12
CA ARG A 652 -11.38 -5.46 2.72
C ARG A 652 -10.73 -5.69 1.37
N GLU A 653 -10.36 -6.96 1.11
CA GLU A 653 -9.67 -7.33 -0.13
C GLU A 653 -10.62 -7.83 -1.22
N ALA A 654 -11.82 -8.27 -0.84
CA ALA A 654 -12.85 -8.58 -1.83
C ALA A 654 -13.53 -7.31 -2.39
N GLN A 655 -13.40 -6.21 -1.65
CA GLN A 655 -13.92 -4.90 -2.09
C GLN A 655 -12.87 -4.06 -2.83
N GLN A 656 -11.62 -4.53 -2.81
CA GLN A 656 -10.51 -3.93 -3.55
C GLN A 656 -10.62 -4.19 -5.07
N SER B 29 -27.18 25.19 27.55
CA SER B 29 -28.57 24.62 27.55
C SER B 29 -29.27 24.73 26.17
N LYS B 30 -30.38 25.47 26.15
CA LYS B 30 -31.39 25.52 25.07
C LYS B 30 -30.87 25.79 23.64
N LYS B 31 -30.45 27.02 23.40
CA LYS B 31 -29.97 27.47 22.08
C LYS B 31 -28.96 26.57 21.33
N ILE B 32 -28.94 26.71 20.00
CA ILE B 32 -28.09 25.90 19.15
C ILE B 32 -26.68 26.42 19.10
N LEU B 33 -25.73 25.50 19.18
CA LEU B 33 -24.32 25.87 19.17
C LEU B 33 -23.56 25.25 18.01
N LEU B 34 -22.60 26.04 17.51
CA LEU B 34 -21.74 25.65 16.40
C LEU B 34 -20.38 25.20 16.86
N PRO B 35 -19.93 24.06 16.32
CA PRO B 35 -18.63 23.52 16.60
C PRO B 35 -17.60 24.33 15.83
N GLU B 36 -16.43 24.48 16.44
CA GLU B 36 -15.36 25.37 15.97
C GLU B 36 -14.83 25.04 14.59
N PRO B 37 -14.21 26.02 13.92
CA PRO B 37 -13.68 25.88 12.56
C PRO B 37 -12.62 24.79 12.37
N SER B 38 -11.99 24.32 13.44
CA SER B 38 -10.97 23.27 13.34
C SER B 38 -11.61 21.93 12.96
N ILE B 39 -12.92 21.79 13.17
CA ILE B 39 -13.66 20.61 12.75
C ILE B 39 -13.33 20.22 11.34
N ARG B 40 -12.98 21.24 10.55
CA ARG B 40 -12.77 21.17 9.11
C ARG B 40 -12.20 19.86 8.59
N SER B 41 -10.89 19.67 8.77
CA SER B 41 -10.19 18.54 8.17
C SER B 41 -10.93 17.22 8.35
N VAL B 42 -11.54 17.02 9.50
CA VAL B 42 -12.32 15.81 9.74
C VAL B 42 -13.58 15.72 8.84
N MET B 43 -14.42 16.75 8.90
CA MET B 43 -15.63 16.82 8.09
C MET B 43 -15.36 16.63 6.61
N GLN B 44 -14.44 17.44 6.09
CA GLN B 44 -14.09 17.46 4.68
C GLN B 44 -13.82 16.06 4.15
N LYS B 45 -13.11 15.24 4.93
CA LYS B 45 -12.83 13.88 4.49
C LYS B 45 -14.06 13.00 4.64
N TYR B 46 -14.78 13.18 5.75
CA TYR B 46 -16.01 12.43 5.92
C TYR B 46 -16.89 12.52 4.67
N LEU B 47 -17.20 13.75 4.31
CA LEU B 47 -18.03 14.04 3.16
C LEU B 47 -17.44 13.40 1.92
N GLU B 48 -16.12 13.52 1.79
CA GLU B 48 -15.38 13.14 0.60
C GLU B 48 -15.53 11.66 0.40
N ASP B 49 -15.55 10.93 1.49
CA ASP B 49 -15.75 9.52 1.39
C ASP B 49 -17.09 9.21 0.77
N ARG B 50 -18.13 9.93 1.16
CA ARG B 50 -19.47 9.67 0.61
C ARG B 50 -19.75 10.33 -0.73
N GLY B 51 -18.74 11.01 -1.26
CA GLY B 51 -18.77 11.61 -2.61
C GLY B 51 -19.68 12.81 -2.67
N GLU B 52 -19.75 13.50 -1.52
CA GLU B 52 -20.69 14.58 -1.29
C GLU B 52 -20.07 15.95 -1.45
N VAL B 53 -18.92 15.99 -2.09
CA VAL B 53 -18.29 17.24 -2.39
C VAL B 53 -18.49 17.68 -3.81
N THR B 54 -19.49 17.13 -4.52
CA THR B 54 -19.81 17.57 -5.92
C THR B 54 -20.45 18.93 -5.92
N PHE B 55 -20.37 19.61 -7.04
CA PHE B 55 -21.07 20.87 -7.14
C PHE B 55 -22.47 20.56 -6.64
N GLU B 56 -23.10 19.68 -7.39
CA GLU B 56 -24.53 19.40 -7.32
C GLU B 56 -25.12 19.07 -5.95
N LYS B 57 -24.63 17.98 -5.38
CA LYS B 57 -25.08 17.60 -4.05
C LYS B 57 -25.07 18.78 -3.08
N ILE B 58 -24.18 19.75 -3.28
CA ILE B 58 -24.04 20.84 -2.33
C ILE B 58 -24.94 22.02 -2.62
N PHE B 59 -25.33 22.14 -3.89
CA PHE B 59 -26.18 23.25 -4.35
C PHE B 59 -27.62 22.95 -4.00
N SER B 60 -27.91 21.67 -4.03
CA SER B 60 -29.24 21.19 -3.78
C SER B 60 -29.66 21.42 -2.31
N GLN B 61 -28.77 21.08 -1.39
CA GLN B 61 -29.04 21.27 0.05
C GLN B 61 -29.21 22.78 0.36
N LYS B 62 -30.34 23.11 1.00
CA LYS B 62 -30.78 24.50 1.20
C LYS B 62 -29.69 25.42 1.84
N LEU B 63 -28.93 24.91 2.79
CA LEU B 63 -27.90 25.72 3.37
C LEU B 63 -26.73 25.76 2.41
N GLY B 64 -26.52 24.65 1.70
CA GLY B 64 -25.42 24.49 0.75
C GLY B 64 -25.50 25.64 -0.21
N TYR B 65 -26.66 25.77 -0.83
CA TYR B 65 -26.90 26.91 -1.71
C TYR B 65 -26.72 28.24 -0.97
N LEU B 66 -27.34 28.37 0.20
CA LEU B 66 -27.34 29.66 0.85
C LEU B 66 -25.92 30.12 1.16
N LEU B 67 -25.04 29.20 1.53
CA LEU B 67 -23.67 29.59 1.87
C LEU B 67 -22.85 29.86 0.64
N PHE B 68 -23.16 29.15 -0.44
CA PHE B 68 -22.49 29.32 -1.71
C PHE B 68 -22.73 30.71 -2.26
N ARG B 69 -23.98 31.15 -2.23
CA ARG B 69 -24.31 32.48 -2.73
C ARG B 69 -23.68 33.60 -1.89
N ASP B 70 -23.57 33.37 -0.58
CA ASP B 70 -22.93 34.34 0.32
C ASP B 70 -21.45 34.51 0.00
N PHE B 71 -20.83 33.43 -0.48
CA PHE B 71 -19.42 33.45 -0.85
C PHE B 71 -19.21 34.20 -2.17
N CYS B 72 -20.16 33.99 -3.06
CA CYS B 72 -20.10 34.59 -4.37
C CYS B 72 -20.36 36.09 -4.32
N LEU B 73 -21.42 36.50 -3.65
CA LEU B 73 -21.82 37.90 -3.60
C LEU B 73 -20.93 38.84 -2.80
N LYS B 74 -20.11 38.28 -1.92
CA LYS B 74 -19.27 39.08 -1.04
C LYS B 74 -17.79 39.05 -1.43
N HIS B 75 -17.27 37.86 -1.75
CA HIS B 75 -15.80 37.69 -1.85
C HIS B 75 -15.22 37.52 -3.26
N LEU B 76 -15.90 36.73 -4.10
CA LEU B 76 -15.45 36.52 -5.50
C LEU B 76 -15.96 37.59 -6.48
N GLU B 77 -15.15 37.88 -7.48
CA GLU B 77 -15.49 38.91 -8.44
C GLU B 77 -16.43 38.43 -9.52
N GLU B 78 -15.96 37.51 -10.35
CA GLU B 78 -16.71 37.02 -11.51
C GLU B 78 -17.95 36.18 -11.14
N ALA B 79 -18.13 35.92 -9.86
CA ALA B 79 -19.28 35.18 -9.43
C ALA B 79 -20.49 36.07 -9.43
N LYS B 80 -20.35 37.25 -8.83
CA LYS B 80 -21.44 38.21 -8.62
C LYS B 80 -22.57 38.05 -9.61
N PRO B 81 -22.35 38.41 -10.89
CA PRO B 81 -23.51 38.48 -11.78
C PRO B 81 -24.18 37.13 -11.88
N LEU B 82 -23.37 36.11 -12.10
CA LEU B 82 -23.87 34.75 -12.32
C LEU B 82 -24.97 34.37 -11.29
N VAL B 83 -24.75 34.73 -10.04
CA VAL B 83 -25.68 34.38 -8.99
C VAL B 83 -26.90 35.28 -8.99
N GLU B 84 -26.69 36.60 -8.85
CA GLU B 84 -27.77 37.59 -8.89
C GLU B 84 -28.68 37.30 -10.05
N PHE B 85 -28.07 36.82 -11.13
CA PHE B 85 -28.76 36.47 -12.37
C PHE B 85 -29.59 35.23 -12.13
N TYR B 86 -28.97 34.20 -11.56
CA TYR B 86 -29.71 32.99 -11.24
C TYR B 86 -30.89 33.32 -10.32
N GLU B 87 -30.62 34.05 -9.23
CA GLU B 87 -31.64 34.41 -8.19
C GLU B 87 -32.82 35.20 -8.78
N GLU B 88 -32.51 36.00 -9.80
CA GLU B 88 -33.54 36.72 -10.47
C GLU B 88 -34.30 35.78 -11.38
N ILE B 89 -33.64 34.76 -11.91
CA ILE B 89 -34.32 33.79 -12.78
C ILE B 89 -35.33 33.00 -11.97
N LYS B 90 -34.93 32.58 -10.78
CA LYS B 90 -35.83 31.90 -9.85
C LYS B 90 -37.11 32.67 -9.54
N LYS B 91 -37.01 33.99 -9.35
CA LYS B 91 -38.19 34.84 -9.07
C LYS B 91 -39.16 34.90 -10.23
N TYR B 92 -38.61 34.89 -11.44
CA TYR B 92 -39.38 34.91 -12.67
C TYR B 92 -40.24 33.68 -12.81
N GLU B 93 -39.62 32.52 -12.68
CA GLU B 93 -40.35 31.24 -12.70
C GLU B 93 -41.52 31.29 -11.73
N LYS B 94 -41.26 31.86 -10.54
CA LYS B 94 -42.22 31.91 -9.41
C LYS B 94 -43.45 32.82 -9.64
N LEU B 95 -43.44 33.63 -10.69
CA LEU B 95 -44.54 34.55 -10.86
C LEU B 95 -45.73 33.94 -11.57
N GLU B 96 -46.86 34.58 -11.32
CA GLU B 96 -48.18 34.00 -11.49
C GLU B 96 -48.88 34.31 -12.80
N THR B 97 -49.31 35.56 -12.96
CA THR B 97 -50.04 35.96 -14.17
C THR B 97 -49.12 36.16 -15.35
N GLU B 98 -49.73 36.25 -16.54
CA GLU B 98 -48.99 36.50 -17.74
C GLU B 98 -48.24 37.85 -17.64
N GLU B 99 -48.89 38.85 -17.03
CA GLU B 99 -48.38 40.24 -17.10
C GLU B 99 -47.29 40.67 -16.10
N GLU B 100 -47.13 39.96 -14.97
CA GLU B 100 -46.03 40.27 -14.06
C GLU B 100 -44.73 39.79 -14.67
N ARG B 101 -44.83 38.66 -15.35
CA ARG B 101 -43.69 37.96 -15.91
C ARG B 101 -43.23 38.64 -17.17
N LEU B 102 -44.20 39.18 -17.88
CA LEU B 102 -43.96 39.90 -19.10
C LEU B 102 -42.98 41.03 -18.83
N VAL B 103 -43.18 41.72 -17.72
CA VAL B 103 -42.33 42.84 -17.34
C VAL B 103 -40.98 42.34 -16.86
N CYS B 104 -41.03 41.38 -15.93
CA CYS B 104 -39.82 40.89 -15.33
C CYS B 104 -38.79 40.44 -16.37
N SER B 105 -39.25 39.74 -17.40
CA SER B 105 -38.37 39.23 -18.45
C SER B 105 -37.61 40.37 -19.15
N ARG B 106 -38.31 41.48 -19.40
CA ARG B 106 -37.70 42.62 -20.04
C ARG B 106 -36.46 43.10 -19.31
N GLU B 107 -36.65 43.40 -18.04
CA GLU B 107 -35.56 43.84 -17.18
C GLU B 107 -34.38 42.89 -17.23
N ILE B 108 -34.67 41.60 -17.04
CA ILE B 108 -33.65 40.57 -17.11
C ILE B 108 -32.84 40.69 -18.41
N PHE B 109 -33.54 40.79 -19.53
CA PHE B 109 -32.93 40.91 -20.85
C PHE B 109 -31.95 42.05 -20.86
N ASP B 110 -32.48 43.23 -20.56
CA ASP B 110 -31.72 44.48 -20.53
C ASP B 110 -30.50 44.36 -19.61
N THR B 111 -30.75 44.00 -18.36
CA THR B 111 -29.72 44.01 -17.33
C THR B 111 -28.62 42.95 -17.51
N TYR B 112 -29.03 41.69 -17.70
CA TYR B 112 -28.06 40.61 -17.65
C TYR B 112 -27.61 40.09 -19.01
N ILE B 113 -28.36 40.36 -20.06
CA ILE B 113 -27.92 39.99 -21.39
C ILE B 113 -27.44 41.20 -22.17
N MET B 114 -28.34 42.13 -22.48
CA MET B 114 -28.00 43.28 -23.29
C MET B 114 -26.83 44.05 -22.73
N LYS B 115 -27.07 44.76 -21.63
CA LYS B 115 -26.05 45.66 -21.10
C LYS B 115 -24.71 44.98 -20.98
N GLU B 116 -24.72 43.74 -20.50
CA GLU B 116 -23.49 42.97 -20.42
C GLU B 116 -22.85 42.76 -21.80
N LEU B 117 -23.68 42.69 -22.84
CA LEU B 117 -23.14 42.46 -24.16
C LEU B 117 -22.45 43.70 -24.69
N LEU B 118 -22.83 44.85 -24.16
CA LEU B 118 -22.23 46.10 -24.54
C LEU B 118 -20.74 46.06 -24.27
N ALA B 119 -20.38 45.65 -23.05
CA ALA B 119 -18.98 45.49 -22.65
C ALA B 119 -18.52 44.02 -22.69
N CYS B 120 -19.12 43.24 -23.59
CA CYS B 120 -18.77 41.84 -23.92
C CYS B 120 -18.45 40.92 -22.75
N SER B 121 -18.89 41.34 -21.56
CA SER B 121 -18.73 40.61 -20.32
C SER B 121 -19.77 39.49 -20.20
N HIS B 122 -20.34 39.09 -21.33
CA HIS B 122 -21.35 38.06 -21.38
C HIS B 122 -20.67 36.82 -21.91
N PRO B 123 -20.56 35.81 -21.04
CA PRO B 123 -19.97 34.49 -21.29
C PRO B 123 -21.01 33.39 -21.58
N PHE B 124 -21.82 33.56 -22.61
CA PHE B 124 -22.83 32.57 -22.93
C PHE B 124 -22.89 32.21 -24.37
N SER B 125 -23.20 30.95 -24.62
CA SER B 125 -23.14 30.37 -25.95
C SER B 125 -24.09 31.05 -26.94
N LYS B 126 -23.82 30.85 -28.23
CA LYS B 126 -24.65 31.44 -29.24
C LYS B 126 -26.08 30.95 -29.06
N SER B 127 -26.27 29.66 -29.29
CA SER B 127 -27.60 29.05 -29.25
C SER B 127 -28.42 29.56 -28.06
N ALA B 128 -27.76 29.76 -26.91
CA ALA B 128 -28.46 30.18 -25.70
C ALA B 128 -29.08 31.56 -25.90
N ILE B 129 -28.25 32.55 -26.15
CA ILE B 129 -28.80 33.84 -26.29
C ILE B 129 -30.05 33.78 -27.13
N GLU B 130 -29.93 33.15 -28.28
CA GLU B 130 -30.93 33.27 -29.32
C GLU B 130 -32.30 32.67 -29.00
N HIS B 131 -32.35 31.80 -28.00
CA HIS B 131 -33.61 31.22 -27.53
C HIS B 131 -34.41 32.33 -26.86
N VAL B 132 -33.71 33.15 -26.05
CA VAL B 132 -34.33 34.21 -25.25
C VAL B 132 -34.74 35.35 -26.13
N GLN B 133 -33.89 35.59 -27.10
CA GLN B 133 -34.11 36.61 -28.08
C GLN B 133 -35.44 36.38 -28.75
N GLY B 134 -35.52 35.30 -29.53
CA GLY B 134 -36.69 34.93 -30.32
C GLY B 134 -38.00 34.82 -29.55
N HIS B 135 -37.88 34.74 -28.22
CA HIS B 135 -39.01 34.76 -27.32
C HIS B 135 -39.44 36.19 -26.95
N LEU B 136 -38.50 37.00 -26.46
CA LEU B 136 -38.86 38.31 -25.98
C LEU B 136 -39.43 39.23 -27.03
N VAL B 137 -39.00 39.03 -28.28
CA VAL B 137 -39.53 39.82 -29.38
C VAL B 137 -40.95 39.38 -29.74
N LYS B 138 -41.36 38.20 -29.27
CA LYS B 138 -42.71 37.71 -29.55
C LYS B 138 -43.65 37.82 -28.35
N LYS B 139 -43.16 38.42 -27.28
CA LYS B 139 -43.94 38.60 -26.06
C LYS B 139 -44.27 37.29 -25.39
N GLN B 140 -43.76 36.15 -25.88
CA GLN B 140 -44.10 34.81 -25.31
C GLN B 140 -43.34 34.50 -24.00
N VAL B 141 -44.09 34.26 -22.92
CA VAL B 141 -43.49 34.21 -21.57
C VAL B 141 -43.67 32.93 -20.69
N PRO B 142 -43.41 31.72 -21.25
CA PRO B 142 -43.33 30.57 -20.32
C PRO B 142 -42.29 30.76 -19.22
N PRO B 143 -42.59 30.25 -17.99
CA PRO B 143 -41.66 30.23 -16.81
C PRO B 143 -40.39 29.35 -17.00
N ASP B 144 -40.45 28.45 -17.99
CA ASP B 144 -39.33 27.59 -18.41
C ASP B 144 -38.26 28.33 -19.26
N LEU B 145 -38.65 29.46 -19.84
CA LEU B 145 -37.80 30.26 -20.76
C LEU B 145 -36.32 30.31 -20.44
N PHE B 146 -35.99 30.76 -19.23
CA PHE B 146 -34.62 31.08 -18.88
C PHE B 146 -33.81 29.89 -18.51
N GLN B 147 -34.37 28.72 -18.82
CA GLN B 147 -33.73 27.43 -18.58
C GLN B 147 -32.35 27.33 -19.26
N PRO B 148 -32.30 27.41 -20.62
CA PRO B 148 -30.97 27.19 -21.23
C PRO B 148 -29.88 28.09 -20.67
N TYR B 149 -30.26 29.26 -20.19
CA TYR B 149 -29.34 30.04 -19.40
C TYR B 149 -29.05 29.33 -18.07
N ILE B 150 -30.10 28.99 -17.30
CA ILE B 150 -29.91 28.33 -16.01
C ILE B 150 -28.72 27.41 -16.14
N GLU B 151 -28.81 26.52 -17.11
CA GLU B 151 -27.87 25.43 -17.25
C GLU B 151 -26.42 25.90 -17.37
N GLU B 152 -26.22 27.03 -18.03
CA GLU B 152 -24.85 27.52 -18.22
C GLU B 152 -24.38 28.42 -17.09
N ILE B 153 -25.28 28.83 -16.21
CA ILE B 153 -24.78 29.44 -15.01
C ILE B 153 -24.19 28.35 -14.14
N CYS B 154 -24.87 27.21 -14.08
CA CYS B 154 -24.32 26.03 -13.44
C CYS B 154 -22.94 25.73 -13.97
N GLN B 155 -22.91 25.54 -15.27
CA GLN B 155 -21.71 25.23 -16.01
C GLN B 155 -20.52 25.98 -15.48
N ASN B 156 -20.58 27.31 -15.57
CA ASN B 156 -19.49 28.20 -15.18
C ASN B 156 -19.15 28.15 -13.71
N LEU B 157 -20.15 27.83 -12.88
CA LEU B 157 -19.94 27.74 -11.46
C LEU B 157 -19.34 26.39 -11.09
N ARG B 158 -19.67 25.35 -11.86
CA ARG B 158 -19.25 23.98 -11.57
C ARG B 158 -17.75 23.77 -11.61
N GLY B 159 -17.06 24.47 -12.51
CA GLY B 159 -15.62 24.30 -12.67
C GLY B 159 -14.79 25.00 -11.62
N ASP B 160 -14.11 26.06 -12.06
CA ASP B 160 -13.19 26.80 -11.21
C ASP B 160 -13.88 27.37 -9.96
N VAL B 161 -14.94 28.13 -10.14
CA VAL B 161 -15.60 28.86 -9.07
C VAL B 161 -15.78 28.04 -7.85
N PHE B 162 -16.19 26.81 -8.09
CA PHE B 162 -16.47 25.89 -7.02
C PHE B 162 -15.24 25.56 -6.22
N GLN B 163 -14.11 25.39 -6.90
CA GLN B 163 -12.86 25.04 -6.23
C GLN B 163 -12.44 26.09 -5.19
N LYS B 164 -12.73 27.36 -5.48
CA LYS B 164 -12.39 28.46 -4.57
C LYS B 164 -13.41 28.53 -3.42
N PHE B 165 -14.60 28.01 -3.66
CA PHE B 165 -15.52 27.86 -2.58
C PHE B 165 -15.00 26.78 -1.69
N ILE B 166 -14.39 25.76 -2.27
CA ILE B 166 -13.83 24.64 -1.48
C ILE B 166 -12.85 25.13 -0.41
N GLU B 167 -11.88 25.95 -0.81
CA GLU B 167 -10.86 26.45 0.14
C GLU B 167 -11.34 27.63 1.01
N SER B 168 -12.56 28.10 0.73
CA SER B 168 -13.06 29.33 1.32
C SER B 168 -13.50 29.16 2.75
N ASP B 169 -13.65 30.28 3.41
CA ASP B 169 -14.17 30.33 4.76
C ASP B 169 -15.61 29.90 4.81
N LYS B 170 -16.30 30.07 3.70
CA LYS B 170 -17.68 29.68 3.66
C LYS B 170 -17.82 28.17 3.55
N PHE B 171 -16.83 27.46 3.01
CA PHE B 171 -16.92 26.00 3.07
C PHE B 171 -16.77 25.54 4.51
N THR B 172 -15.77 26.09 5.19
CA THR B 172 -15.53 25.81 6.60
C THR B 172 -16.86 25.88 7.32
N ARG B 173 -17.53 27.01 7.20
CA ARG B 173 -18.82 27.14 7.80
C ARG B 173 -19.79 26.02 7.40
N PHE B 174 -19.87 25.68 6.11
CA PHE B 174 -20.81 24.64 5.68
C PHE B 174 -20.57 23.43 6.52
N CYS B 175 -19.30 23.04 6.63
CA CYS B 175 -18.98 21.86 7.41
C CYS B 175 -19.62 21.98 8.76
N GLN B 176 -19.41 23.12 9.40
CA GLN B 176 -19.90 23.34 10.73
C GLN B 176 -21.36 22.94 10.86
N TRP B 177 -22.23 23.39 9.96
CA TRP B 177 -23.65 23.10 10.10
C TRP B 177 -23.96 21.65 9.85
N LYS B 178 -23.40 21.14 8.76
CA LYS B 178 -23.65 19.78 8.32
C LYS B 178 -23.24 18.82 9.40
N ASN B 179 -22.14 19.12 10.08
CA ASN B 179 -21.70 18.34 11.24
C ASN B 179 -22.88 18.21 12.16
N VAL B 180 -23.30 19.34 12.70
CA VAL B 180 -24.40 19.39 13.61
C VAL B 180 -25.63 18.71 13.04
N GLU B 181 -25.87 18.86 11.73
CA GLU B 181 -26.99 18.16 11.10
C GLU B 181 -26.93 16.68 11.41
N LEU B 182 -25.73 16.14 11.26
CA LEU B 182 -25.54 14.72 11.33
C LEU B 182 -25.51 14.24 12.76
N ASN B 183 -25.42 15.17 13.69
CA ASN B 183 -25.21 14.80 15.08
C ASN B 183 -26.44 15.02 15.94
N ILE B 184 -27.60 14.67 15.39
CA ILE B 184 -28.80 15.19 16.01
C ILE B 184 -29.78 14.15 16.63
N HIS B 185 -29.62 14.05 17.95
CA HIS B 185 -30.46 13.19 18.79
C HIS B 185 -31.39 14.08 19.58
N LEU B 186 -32.51 13.51 19.99
CA LEU B 186 -33.55 14.32 20.58
C LEU B 186 -34.08 13.63 21.84
N THR B 187 -34.47 14.42 22.82
CA THR B 187 -35.33 13.96 23.89
C THR B 187 -36.40 15.00 24.03
N MET B 188 -37.30 14.80 24.98
CA MET B 188 -38.32 15.78 25.24
C MET B 188 -37.73 17.10 25.69
N ASN B 189 -36.51 17.05 26.24
CA ASN B 189 -35.70 18.24 26.47
C ASN B 189 -35.65 19.22 25.28
N ASP B 190 -35.86 18.69 24.07
CA ASP B 190 -35.74 19.48 22.86
C ASP B 190 -37.09 20.00 22.44
N PHE B 191 -38.11 19.71 23.24
CA PHE B 191 -39.47 20.20 22.97
C PHE B 191 -40.25 20.81 24.15
N SER B 192 -40.86 21.95 23.88
CA SER B 192 -41.72 22.65 24.83
C SER B 192 -43.14 22.29 24.40
N VAL B 193 -43.70 21.28 25.05
CA VAL B 193 -45.00 20.73 24.64
C VAL B 193 -46.14 21.59 25.14
N HIS B 194 -47.03 21.98 24.23
CA HIS B 194 -48.12 22.87 24.61
C HIS B 194 -49.42 22.12 24.99
N ARG B 195 -50.31 21.97 24.03
CA ARG B 195 -51.63 21.37 24.30
C ARG B 195 -51.79 19.98 23.69
N ILE B 196 -52.93 19.35 23.98
CA ILE B 196 -53.28 18.07 23.38
C ILE B 196 -54.10 18.33 22.11
N ILE B 197 -53.88 17.50 21.07
CA ILE B 197 -54.52 17.69 19.75
C ILE B 197 -55.53 16.61 19.30
N GLY B 198 -55.79 15.66 20.20
CA GLY B 198 -56.68 14.53 19.94
C GLY B 198 -55.87 13.25 19.80
N ARG B 199 -56.48 12.12 20.20
CA ARG B 199 -55.77 10.82 20.25
C ARG B 199 -55.63 10.07 18.87
N GLY B 200 -54.59 9.21 18.78
CA GLY B 200 -54.51 8.11 17.81
C GLY B 200 -55.01 6.83 18.49
N GLY B 201 -54.67 5.67 17.91
CA GLY B 201 -55.15 4.38 18.48
C GLY B 201 -54.25 3.88 19.61
N PHE B 202 -52.99 4.29 19.52
CA PHE B 202 -51.90 3.84 20.40
C PHE B 202 -51.32 5.00 21.20
N GLY B 203 -52.09 6.08 21.32
CA GLY B 203 -51.62 7.21 22.08
C GLY B 203 -51.96 8.50 21.38
N GLU B 204 -51.70 9.59 22.09
CA GLU B 204 -52.17 10.93 21.79
C GLU B 204 -51.20 11.76 20.96
N VAL B 205 -51.62 12.96 20.62
CA VAL B 205 -50.84 13.82 19.77
C VAL B 205 -50.90 15.23 20.31
N TYR B 206 -49.75 15.87 20.39
CA TYR B 206 -49.66 17.19 20.98
C TYR B 206 -49.17 18.21 19.98
N GLY B 207 -49.24 19.47 20.38
CA GLY B 207 -48.57 20.54 19.65
C GLY B 207 -47.42 21.14 20.47
N CYS B 208 -46.33 21.47 19.80
CA CYS B 208 -45.13 21.90 20.49
C CYS B 208 -44.22 22.76 19.65
N ARG B 209 -43.16 23.22 20.30
CA ARG B 209 -42.15 24.06 19.69
C ARG B 209 -40.79 23.37 19.82
N LYS B 210 -39.93 23.51 18.81
CA LYS B 210 -38.58 23.04 18.93
C LYS B 210 -37.78 24.22 19.48
N ALA B 211 -37.18 24.09 20.66
CA ALA B 211 -36.48 25.22 21.28
C ALA B 211 -35.14 25.52 20.63
N ASP B 212 -34.63 24.57 19.84
CA ASP B 212 -33.54 24.79 18.88
C ASP B 212 -33.79 26.13 18.16
N THR B 213 -34.88 26.14 17.38
CA THR B 213 -35.28 27.24 16.51
C THR B 213 -36.50 27.99 17.03
N GLY B 214 -37.62 27.31 17.10
CA GLY B 214 -38.87 27.95 17.50
C GLY B 214 -39.83 27.81 16.37
N LYS B 215 -39.86 26.63 15.77
CA LYS B 215 -40.89 26.37 14.81
C LYS B 215 -41.94 25.68 15.62
N MET B 216 -43.16 25.70 15.08
CA MET B 216 -44.29 24.95 15.62
C MET B 216 -44.46 23.61 14.87
N TYR B 217 -44.23 22.52 15.60
CA TYR B 217 -44.45 21.19 15.12
C TYR B 217 -45.42 20.49 16.04
N ALA B 218 -46.03 19.44 15.52
CA ALA B 218 -46.86 18.54 16.32
C ALA B 218 -46.07 17.28 16.76
N MET B 219 -46.45 16.69 17.91
CA MET B 219 -45.85 15.43 18.35
C MET B 219 -46.78 14.22 18.57
N LYS B 220 -46.71 13.27 17.65
CA LYS B 220 -47.46 12.06 17.75
C LYS B 220 -46.63 11.18 18.64
N CYS B 221 -47.20 10.91 19.81
CA CYS B 221 -46.65 9.93 20.73
C CYS B 221 -47.34 8.55 20.64
N LEU B 222 -46.55 7.54 20.33
CA LEU B 222 -47.00 6.19 20.51
C LEU B 222 -46.22 5.61 21.69
N ASP B 223 -46.93 5.03 22.64
CA ASP B 223 -46.27 4.38 23.73
C ASP B 223 -46.07 2.92 23.42
N LYS B 224 -44.81 2.50 23.50
CA LYS B 224 -44.40 1.17 23.11
C LYS B 224 -45.25 0.12 23.78
N LYS B 225 -45.40 0.24 25.08
CA LYS B 225 -46.20 -0.70 25.84
C LYS B 225 -47.49 -1.08 25.08
N ARG B 226 -48.21 -0.07 24.62
CA ARG B 226 -49.50 -0.29 24.01
C ARG B 226 -49.34 -1.10 22.75
N ILE B 227 -48.37 -0.72 21.95
CA ILE B 227 -48.10 -1.35 20.66
C ILE B 227 -47.84 -2.85 20.80
N LYS B 228 -47.18 -3.24 21.88
CA LYS B 228 -46.90 -4.65 22.19
C LYS B 228 -48.22 -5.31 22.53
N MET B 229 -49.13 -4.56 23.14
CA MET B 229 -50.43 -5.12 23.54
C MET B 229 -51.32 -5.46 22.36
N LYS B 230 -51.42 -4.53 21.42
CA LYS B 230 -52.41 -4.73 20.37
C LYS B 230 -51.84 -5.43 19.14
N GLN B 231 -50.59 -5.87 19.23
CA GLN B 231 -49.87 -6.51 18.09
C GLN B 231 -49.79 -5.62 16.84
N GLY B 232 -49.90 -4.32 17.06
CA GLY B 232 -49.80 -3.36 15.99
C GLY B 232 -48.35 -2.99 15.69
N GLU B 233 -47.42 -3.78 16.18
CA GLU B 233 -46.01 -3.54 15.89
C GLU B 233 -45.75 -3.48 14.38
N THR B 234 -46.53 -4.28 13.63
CA THR B 234 -46.45 -4.25 12.16
C THR B 234 -46.90 -2.89 11.66
N LEU B 235 -47.95 -2.33 12.26
CA LEU B 235 -48.40 -0.97 11.95
C LEU B 235 -47.35 0.09 12.37
N ALA B 236 -47.05 0.13 13.67
CA ALA B 236 -46.23 1.18 14.19
C ALA B 236 -45.03 1.35 13.29
N LEU B 237 -44.33 0.25 13.04
CA LEU B 237 -43.14 0.27 12.22
C LEU B 237 -43.43 0.81 10.80
N ASN B 238 -44.51 0.32 10.18
CA ASN B 238 -44.81 0.66 8.78
C ASN B 238 -45.10 2.14 8.68
N GLU B 239 -45.74 2.66 9.73
CA GLU B 239 -46.10 4.05 9.77
C GLU B 239 -44.82 4.81 9.61
N ARG B 240 -43.77 4.28 10.20
CA ARG B 240 -42.48 4.95 10.10
C ARG B 240 -42.02 4.98 8.68
N ILE B 241 -41.91 3.80 8.11
CA ILE B 241 -41.29 3.63 6.82
C ILE B 241 -41.97 4.47 5.75
N MET B 242 -43.28 4.49 5.79
CA MET B 242 -43.97 5.22 4.79
C MET B 242 -43.60 6.67 4.95
N LEU B 243 -43.78 7.18 6.16
CA LEU B 243 -43.69 8.62 6.42
C LEU B 243 -42.42 9.21 5.85
N SER B 244 -41.38 8.41 5.82
CA SER B 244 -40.10 8.89 5.33
C SER B 244 -40.02 8.86 3.83
N LEU B 245 -40.85 8.03 3.22
CA LEU B 245 -40.77 7.82 1.79
C LEU B 245 -41.54 8.92 1.10
N VAL B 246 -42.27 9.67 1.92
CA VAL B 246 -43.19 10.63 1.40
C VAL B 246 -42.72 12.06 1.57
N SER B 247 -42.18 12.37 2.74
CA SER B 247 -41.98 13.74 3.13
C SER B 247 -40.90 14.51 2.40
N THR B 248 -40.00 13.78 1.72
CA THR B 248 -38.96 14.38 0.83
C THR B 248 -39.67 15.15 -0.27
N GLY B 249 -39.10 16.30 -0.64
CA GLY B 249 -39.85 17.27 -1.42
C GLY B 249 -40.94 17.91 -0.54
N ASP B 250 -41.28 19.14 -0.86
CA ASP B 250 -42.21 19.86 0.01
C ASP B 250 -43.65 19.50 -0.33
N CYS B 251 -44.41 19.05 0.64
CA CYS B 251 -45.84 19.00 0.39
C CYS B 251 -46.68 19.75 1.43
N PRO B 252 -47.79 20.32 0.97
CA PRO B 252 -48.87 20.81 1.80
C PRO B 252 -50.14 19.99 1.72
N PHE B 253 -50.06 18.72 1.38
CA PHE B 253 -51.27 17.93 1.34
C PHE B 253 -51.13 16.65 2.14
N ILE B 254 -50.11 16.65 2.99
CA ILE B 254 -49.74 15.49 3.76
C ILE B 254 -49.22 15.95 5.13
N VAL B 255 -49.66 15.29 6.18
CA VAL B 255 -49.02 15.46 7.46
C VAL B 255 -47.61 15.04 7.24
N CYS B 256 -46.71 15.99 7.28
CA CYS B 256 -45.33 15.65 6.96
C CYS B 256 -44.34 15.51 8.12
N MET B 257 -43.46 14.51 7.95
CA MET B 257 -42.52 14.11 8.97
C MET B 257 -41.27 14.87 8.91
N SER B 258 -40.89 15.38 10.05
CA SER B 258 -39.71 16.14 10.05
C SER B 258 -38.66 15.45 10.94
N TYR B 259 -39.07 14.79 12.01
CA TYR B 259 -38.10 13.92 12.64
C TYR B 259 -38.74 12.70 13.16
N ALA B 260 -37.90 11.77 13.57
CA ALA B 260 -38.34 10.58 14.27
C ALA B 260 -37.32 10.23 15.35
N PHE B 261 -37.79 9.96 16.57
CA PHE B 261 -36.88 9.62 17.68
C PHE B 261 -37.64 8.89 18.76
N HIS B 262 -36.90 8.18 19.63
CA HIS B 262 -37.50 7.50 20.79
C HIS B 262 -36.74 7.63 22.13
N THR B 263 -37.51 7.72 23.21
CA THR B 263 -37.03 7.48 24.58
C THR B 263 -37.50 6.07 24.97
N PRO B 264 -36.75 5.37 25.83
CA PRO B 264 -37.02 4.00 26.22
C PRO B 264 -38.43 3.48 25.93
N ASP B 265 -39.47 4.23 26.27
CA ASP B 265 -40.85 3.73 26.08
C ASP B 265 -41.75 4.48 25.11
N LYS B 266 -41.37 5.67 24.72
CA LYS B 266 -42.24 6.36 23.83
C LYS B 266 -41.65 6.48 22.44
N LEU B 267 -42.50 6.32 21.44
CA LEU B 267 -42.19 6.63 20.06
C LEU B 267 -42.55 8.08 19.79
N SER B 268 -41.80 8.75 18.92
CA SER B 268 -42.18 10.09 18.58
C SER B 268 -41.98 10.45 17.16
N PHE B 269 -43.07 10.91 16.57
CA PHE B 269 -43.10 11.42 15.23
C PHE B 269 -43.30 12.91 15.28
N ILE B 270 -42.25 13.66 14.99
CA ILE B 270 -42.42 15.09 14.90
C ILE B 270 -43.05 15.40 13.58
N LEU B 271 -44.24 15.95 13.66
CA LEU B 271 -45.03 16.11 12.48
C LEU B 271 -45.46 17.51 12.27
N ASP B 272 -46.03 17.75 11.11
CA ASP B 272 -46.61 19.02 10.86
C ASP B 272 -47.77 19.31 11.79
N LEU B 273 -47.84 20.55 12.23
CA LEU B 273 -48.84 20.94 13.17
C LEU B 273 -50.15 21.26 12.49
N MET B 274 -51.15 20.41 12.74
CA MET B 274 -52.47 20.58 12.14
C MET B 274 -53.58 20.66 13.18
N ASN B 275 -54.39 21.72 13.13
CA ASN B 275 -55.29 22.09 14.25
C ASN B 275 -56.73 21.62 14.25
N GLY B 276 -57.59 22.36 13.55
CA GLY B 276 -59.04 22.13 13.59
C GLY B 276 -59.57 20.81 13.03
N GLY B 277 -59.35 19.74 13.79
CA GLY B 277 -59.91 18.40 13.57
C GLY B 277 -59.87 17.79 12.18
N ASP B 278 -60.75 16.84 11.97
CA ASP B 278 -60.82 16.05 10.73
C ASP B 278 -62.10 16.32 9.95
N LEU B 279 -62.09 16.03 8.65
CA LEU B 279 -63.29 16.27 7.86
C LEU B 279 -64.54 15.57 8.41
N HIS B 280 -64.37 14.35 8.89
CA HIS B 280 -65.43 13.64 9.54
C HIS B 280 -66.12 14.54 10.57
N TYR B 281 -65.38 15.03 11.57
CA TYR B 281 -65.96 15.89 12.62
C TYR B 281 -66.76 17.06 12.05
N HIS B 282 -66.18 17.72 11.05
CA HIS B 282 -66.80 18.88 10.46
C HIS B 282 -67.97 18.54 9.54
N LEU B 283 -68.01 17.30 9.05
CA LEU B 283 -69.14 16.83 8.28
C LEU B 283 -70.34 16.69 9.21
N SER B 284 -70.09 16.25 10.45
CA SER B 284 -71.12 16.08 11.43
C SER B 284 -71.53 17.44 11.98
N GLN B 285 -70.59 18.38 12.02
CA GLN B 285 -70.87 19.73 12.54
C GLN B 285 -71.54 20.66 11.51
N HIS B 286 -71.03 20.69 10.29
CA HIS B 286 -71.66 21.51 9.25
C HIS B 286 -72.86 20.80 8.63
N GLY B 287 -72.66 19.54 8.28
CA GLY B 287 -73.66 18.82 7.52
C GLY B 287 -73.13 18.57 6.14
N VAL B 288 -73.99 18.08 5.25
CA VAL B 288 -73.58 17.82 3.88
C VAL B 288 -73.06 19.08 3.22
N PHE B 289 -72.19 18.89 2.24
CA PHE B 289 -71.51 20.01 1.64
C PHE B 289 -72.02 20.38 0.29
N SER B 290 -72.09 21.69 0.03
CA SER B 290 -72.41 22.20 -1.28
C SER B 290 -71.37 21.72 -2.30
N GLU B 291 -71.81 21.63 -3.54
CA GLU B 291 -71.02 21.07 -4.62
C GLU B 291 -69.68 21.77 -4.66
N ALA B 292 -69.73 23.10 -4.80
CA ALA B 292 -68.55 23.97 -4.91
C ALA B 292 -67.53 23.78 -3.78
N ASP B 293 -68.05 23.48 -2.59
CA ASP B 293 -67.20 23.30 -1.42
C ASP B 293 -66.49 21.94 -1.49
N MET B 294 -67.16 20.91 -2.00
CA MET B 294 -66.55 19.61 -2.10
C MET B 294 -65.40 19.66 -3.05
N ARG B 295 -65.66 20.36 -4.15
CA ARG B 295 -64.67 20.60 -5.18
C ARG B 295 -63.35 20.99 -4.51
N PHE B 296 -63.38 22.02 -3.68
CA PHE B 296 -62.14 22.51 -3.06
C PHE B 296 -61.43 21.41 -2.31
N TYR B 297 -62.19 20.74 -1.47
CA TYR B 297 -61.66 19.62 -0.74
C TYR B 297 -61.08 18.65 -1.71
N ALA B 298 -61.90 18.14 -2.62
CA ALA B 298 -61.44 17.21 -3.65
C ALA B 298 -60.06 17.58 -4.20
N ALA B 299 -59.97 18.77 -4.81
CA ALA B 299 -58.74 19.26 -5.45
C ALA B 299 -57.54 18.90 -4.64
N GLU B 300 -57.52 19.42 -3.41
CA GLU B 300 -56.39 19.27 -2.51
C GLU B 300 -56.07 17.83 -2.28
N ILE B 301 -57.10 17.04 -2.00
CA ILE B 301 -56.91 15.63 -1.75
C ILE B 301 -56.25 15.00 -2.95
N ILE B 302 -56.70 15.39 -4.14
CA ILE B 302 -56.16 14.85 -5.37
C ILE B 302 -54.68 15.15 -5.38
N LEU B 303 -54.33 16.42 -5.30
CA LEU B 303 -52.93 16.79 -5.27
C LEU B 303 -52.13 15.93 -4.33
N GLY B 304 -52.64 15.76 -3.13
CA GLY B 304 -52.02 14.91 -2.16
C GLY B 304 -51.74 13.54 -2.70
N LEU B 305 -52.77 12.89 -3.22
CA LEU B 305 -52.60 11.55 -3.71
C LEU B 305 -51.50 11.50 -4.74
N GLU B 306 -51.47 12.50 -5.62
CA GLU B 306 -50.52 12.51 -6.74
C GLU B 306 -49.09 12.38 -6.24
N HIS B 307 -48.73 13.28 -5.35
CA HIS B 307 -47.44 13.29 -4.73
C HIS B 307 -47.08 11.88 -4.25
N MET B 308 -48.01 11.22 -3.57
CA MET B 308 -47.77 9.89 -3.01
C MET B 308 -47.51 8.91 -4.12
N HIS B 309 -48.36 8.96 -5.13
CA HIS B 309 -48.24 8.04 -6.23
C HIS B 309 -46.93 8.25 -6.96
N ASN B 310 -46.38 9.46 -6.86
CA ASN B 310 -45.12 9.78 -7.51
C ASN B 310 -43.90 9.17 -6.79
N ARG B 311 -44.08 8.82 -5.52
CA ARG B 311 -43.03 8.16 -4.79
C ARG B 311 -43.31 6.68 -4.71
N PHE B 312 -44.31 6.26 -5.47
CA PHE B 312 -44.70 4.85 -5.59
C PHE B 312 -45.37 4.36 -4.31
N VAL B 313 -46.16 5.21 -3.67
CA VAL B 313 -46.85 4.89 -2.40
C VAL B 313 -48.36 4.91 -2.53
N VAL B 314 -49.04 3.94 -1.93
CA VAL B 314 -50.50 3.87 -2.02
C VAL B 314 -51.16 3.99 -0.65
N TYR B 315 -52.06 4.95 -0.50
CA TYR B 315 -52.54 5.33 0.79
C TYR B 315 -53.54 4.40 1.40
N ARG B 316 -54.50 3.97 0.59
CA ARG B 316 -55.49 2.92 0.96
C ARG B 316 -56.62 3.25 1.95
N ASP B 317 -56.38 4.22 2.85
CA ASP B 317 -57.39 4.58 3.85
C ASP B 317 -57.99 5.97 3.57
N LEU B 318 -58.16 6.32 2.30
CA LEU B 318 -58.74 7.59 1.99
C LEU B 318 -60.10 7.67 2.65
N LYS B 319 -60.25 8.50 3.69
CA LYS B 319 -61.50 8.57 4.45
C LYS B 319 -61.68 9.89 5.20
N PRO B 320 -62.93 10.30 5.49
CA PRO B 320 -63.23 11.64 5.99
C PRO B 320 -62.38 12.00 7.17
N ALA B 321 -62.25 11.06 8.10
CA ALA B 321 -61.54 11.30 9.37
C ALA B 321 -60.01 11.30 9.28
N ASN B 322 -59.51 10.99 8.12
CA ASN B 322 -58.11 11.03 7.98
C ASN B 322 -57.68 12.28 7.28
N ILE B 323 -58.64 13.17 7.08
CA ILE B 323 -58.30 14.44 6.50
C ILE B 323 -58.39 15.55 7.53
N LEU B 324 -57.22 16.11 7.83
CA LEU B 324 -57.04 17.10 8.88
C LEU B 324 -57.16 18.52 8.33
N LEU B 325 -57.42 19.47 9.22
CA LEU B 325 -57.42 20.90 8.88
C LEU B 325 -56.46 21.74 9.74
N ASP B 326 -55.84 22.74 9.12
CA ASP B 326 -55.08 23.76 9.84
C ASP B 326 -56.02 24.90 10.13
N GLU B 327 -55.57 25.82 10.97
CA GLU B 327 -56.41 26.93 11.39
C GLU B 327 -57.03 27.63 10.18
N HIS B 328 -56.27 27.74 9.09
CA HIS B 328 -56.69 28.61 7.96
C HIS B 328 -57.71 27.98 7.02
N GLY B 329 -57.92 26.68 7.17
CA GLY B 329 -59.03 26.02 6.51
C GLY B 329 -58.66 25.04 5.42
N HIS B 330 -57.37 24.86 5.17
CA HIS B 330 -56.94 23.91 4.16
C HIS B 330 -56.82 22.53 4.76
N VAL B 331 -56.33 21.58 3.98
CA VAL B 331 -56.36 20.22 4.45
C VAL B 331 -55.14 19.46 4.04
N ARG B 332 -54.97 18.31 4.66
CA ARG B 332 -53.88 17.39 4.38
C ARG B 332 -54.35 15.97 4.70
N ILE B 333 -53.68 14.96 4.15
CA ILE B 333 -53.98 13.56 4.45
C ILE B 333 -53.12 13.14 5.66
N SER B 334 -53.44 12.06 6.37
CA SER B 334 -52.82 11.89 7.67
C SER B 334 -52.15 10.60 8.15
N ASP B 335 -52.91 9.52 8.20
CA ASP B 335 -52.42 8.29 8.85
C ASP B 335 -51.88 7.34 7.79
N LEU B 336 -50.60 7.17 7.73
CA LEU B 336 -50.09 6.42 6.61
C LEU B 336 -50.02 5.00 7.01
N GLY B 337 -50.23 4.75 8.29
CA GLY B 337 -50.08 3.43 8.81
C GLY B 337 -50.55 2.39 7.83
N LEU B 338 -51.72 2.61 7.30
CA LEU B 338 -52.32 1.59 6.49
C LEU B 338 -51.98 1.82 5.03
N ALA B 339 -50.77 2.25 4.73
CA ALA B 339 -50.37 2.49 3.34
C ALA B 339 -49.23 1.59 2.87
N CYS B 340 -48.95 1.55 1.59
CA CYS B 340 -47.92 0.64 1.11
C CYS B 340 -47.05 1.13 -0.03
N ASP B 341 -45.79 0.65 -0.04
CA ASP B 341 -44.82 0.88 -1.14
C ASP B 341 -45.02 -0.18 -2.22
N PHE B 342 -45.28 0.25 -3.44
CA PHE B 342 -45.46 -0.73 -4.48
C PHE B 342 -44.34 -0.73 -5.51
N SER B 343 -43.22 -0.10 -5.16
CA SER B 343 -42.09 0.01 -6.10
C SER B 343 -41.63 -1.33 -6.69
N LYS B 344 -41.54 -2.37 -5.86
CA LYS B 344 -41.12 -3.73 -6.31
C LYS B 344 -42.19 -4.81 -6.07
N LYS B 345 -42.82 -4.75 -4.90
CA LYS B 345 -43.85 -5.72 -4.48
C LYS B 345 -45.24 -5.09 -4.29
N LYS B 346 -46.10 -5.33 -5.29
CA LYS B 346 -47.49 -4.86 -5.32
C LYS B 346 -48.34 -5.70 -4.39
N PRO B 347 -49.21 -5.07 -3.58
CA PRO B 347 -49.91 -5.80 -2.51
C PRO B 347 -51.20 -6.49 -2.97
N HIS B 348 -51.61 -7.53 -2.23
CA HIS B 348 -52.83 -8.30 -2.54
C HIS B 348 -53.79 -8.28 -1.36
N ALA B 349 -53.28 -7.78 -0.24
CA ALA B 349 -53.98 -7.72 1.03
C ALA B 349 -55.31 -6.91 0.99
N SER B 350 -56.09 -7.03 2.05
CA SER B 350 -57.35 -6.29 2.21
C SER B 350 -57.29 -5.25 3.36
N VAL B 351 -56.70 -4.11 3.07
CA VAL B 351 -56.45 -3.09 4.08
C VAL B 351 -57.23 -1.82 3.78
N GLY B 352 -58.03 -1.38 4.76
CA GLY B 352 -58.82 -0.15 4.63
C GLY B 352 -60.06 -0.21 5.51
N THR B 353 -60.78 0.89 5.56
CA THR B 353 -62.04 0.87 6.28
C THR B 353 -63.06 0.40 5.30
N HIS B 354 -64.02 -0.40 5.77
CA HIS B 354 -64.83 -1.23 4.87
C HIS B 354 -65.72 -0.53 3.80
N GLY B 355 -66.21 0.67 4.08
CA GLY B 355 -67.01 1.39 3.08
C GLY B 355 -66.30 1.79 1.79
N TYR B 356 -65.03 2.16 1.90
CA TYR B 356 -64.26 2.75 0.81
C TYR B 356 -63.07 1.90 0.38
N MET B 357 -63.39 0.78 -0.26
CA MET B 357 -62.35 -0.08 -0.79
C MET B 357 -62.71 -0.55 -2.17
N ALA B 358 -61.71 -0.57 -3.05
CA ALA B 358 -61.86 -0.98 -4.45
C ALA B 358 -61.94 -2.49 -4.56
N PRO B 359 -62.61 -2.98 -5.61
CA PRO B 359 -62.74 -4.42 -5.82
C PRO B 359 -61.41 -5.15 -5.69
N GLU B 360 -60.34 -4.51 -6.16
CA GLU B 360 -59.03 -5.13 -6.20
C GLU B 360 -58.53 -5.47 -4.80
N VAL B 361 -58.75 -4.56 -3.88
CA VAL B 361 -58.25 -4.74 -2.53
C VAL B 361 -59.00 -5.91 -1.93
N LEU B 362 -60.33 -5.81 -2.04
CA LEU B 362 -61.25 -6.70 -1.37
C LEU B 362 -61.00 -8.17 -1.70
N GLN B 363 -60.57 -8.44 -2.94
CA GLN B 363 -60.38 -9.82 -3.40
C GLN B 363 -59.10 -10.47 -2.85
N LYS B 364 -59.18 -11.77 -2.60
CA LYS B 364 -58.06 -12.57 -2.09
C LYS B 364 -57.12 -13.00 -3.23
N GLY B 365 -56.03 -12.26 -3.42
CA GLY B 365 -55.01 -12.65 -4.39
C GLY B 365 -54.71 -11.66 -5.52
N VAL B 366 -55.63 -10.74 -5.77
CA VAL B 366 -55.53 -9.78 -6.88
C VAL B 366 -54.63 -8.59 -6.51
N ALA B 367 -53.65 -8.32 -7.38
CA ALA B 367 -52.65 -7.28 -7.21
C ALA B 367 -53.08 -5.93 -7.80
N TYR B 368 -52.91 -4.88 -7.01
CA TYR B 368 -53.34 -3.54 -7.41
C TYR B 368 -52.25 -2.50 -7.13
N ASP B 369 -52.44 -1.30 -7.67
CA ASP B 369 -51.51 -0.16 -7.43
C ASP B 369 -52.20 1.05 -6.79
N SER B 370 -51.97 2.24 -7.35
CA SER B 370 -52.67 3.45 -6.96
C SER B 370 -54.21 3.32 -7.07
N SER B 371 -54.69 2.61 -8.09
CA SER B 371 -56.11 2.45 -8.44
C SER B 371 -57.11 2.44 -7.28
N ALA B 372 -56.75 1.74 -6.22
CA ALA B 372 -57.61 1.64 -5.07
C ALA B 372 -57.84 2.96 -4.35
N ASP B 373 -56.87 3.86 -4.43
CA ASP B 373 -57.00 5.18 -3.82
C ASP B 373 -58.09 5.93 -4.53
N TRP B 374 -58.02 5.94 -5.86
CA TRP B 374 -58.96 6.66 -6.74
C TRP B 374 -60.42 6.30 -6.51
N PHE B 375 -60.64 5.01 -6.32
CA PHE B 375 -61.91 4.54 -5.92
C PHE B 375 -62.15 5.12 -4.53
N SER B 376 -61.32 4.74 -3.57
CA SER B 376 -61.51 5.18 -2.20
C SER B 376 -61.90 6.65 -2.21
N LEU B 377 -61.18 7.44 -3.00
CA LEU B 377 -61.49 8.86 -3.13
C LEU B 377 -62.96 9.09 -3.40
N GLY B 378 -63.39 8.63 -4.57
CA GLY B 378 -64.76 8.81 -5.01
C GLY B 378 -65.75 8.57 -3.88
N CYS B 379 -65.53 7.47 -3.19
CA CYS B 379 -66.36 7.09 -2.08
C CYS B 379 -66.41 8.19 -1.04
N MET B 380 -65.26 8.69 -0.66
CA MET B 380 -65.24 9.68 0.36
C MET B 380 -65.91 10.94 -0.16
N LEU B 381 -65.59 11.30 -1.39
CA LEU B 381 -66.14 12.51 -1.97
C LEU B 381 -67.62 12.40 -1.94
N PHE B 382 -68.12 11.29 -2.48
CA PHE B 382 -69.54 10.98 -2.44
C PHE B 382 -70.12 11.30 -1.06
N LYS B 383 -69.49 10.75 -0.03
CA LYS B 383 -69.98 10.87 1.33
C LYS B 383 -70.12 12.32 1.73
N LEU B 384 -69.19 13.17 1.31
CA LEU B 384 -69.26 14.59 1.64
C LEU B 384 -70.52 15.30 1.05
N LEU B 385 -71.07 14.74 -0.02
CA LEU B 385 -72.26 15.30 -0.63
C LEU B 385 -73.53 14.71 -0.06
N ARG B 386 -73.48 13.45 0.36
CA ARG B 386 -74.71 12.71 0.67
C ARG B 386 -74.92 12.35 2.13
N GLY B 387 -73.84 12.28 2.89
CA GLY B 387 -73.91 11.93 4.31
C GLY B 387 -73.45 10.51 4.64
N HIS B 388 -73.63 9.59 3.70
CA HIS B 388 -73.13 8.24 3.92
C HIS B 388 -72.08 7.73 2.91
N SER B 389 -71.40 6.66 3.27
CA SER B 389 -70.53 5.92 2.38
C SER B 389 -71.41 5.39 1.24
N PRO B 390 -70.85 5.15 0.06
CA PRO B 390 -71.70 4.87 -1.11
C PRO B 390 -72.45 3.55 -1.14
N PHE B 391 -71.98 2.59 -0.37
CA PHE B 391 -72.62 1.28 -0.32
C PHE B 391 -73.32 1.06 1.02
N ARG B 392 -73.18 2.01 1.93
CA ARG B 392 -73.69 1.90 3.29
C ARG B 392 -75.12 2.46 3.41
N GLN B 393 -76.09 1.62 3.07
CA GLN B 393 -77.51 1.98 3.25
C GLN B 393 -78.00 1.43 4.59
N HIS B 394 -77.22 1.80 5.62
CA HIS B 394 -77.40 1.43 7.03
C HIS B 394 -77.35 -0.08 7.37
N LYS B 395 -76.12 -0.61 7.35
CA LYS B 395 -75.76 -1.87 8.02
C LYS B 395 -74.52 -1.55 8.87
N THR B 396 -74.66 -1.70 10.19
CA THR B 396 -73.66 -1.25 11.19
C THR B 396 -72.29 -1.99 11.16
N LYS B 397 -72.35 -3.31 11.41
CA LYS B 397 -71.20 -4.24 11.54
C LYS B 397 -71.15 -5.30 10.39
N ASP B 398 -72.26 -5.50 9.68
CA ASP B 398 -72.31 -6.43 8.54
C ASP B 398 -71.50 -5.93 7.35
N LYS B 399 -70.22 -6.31 7.36
CA LYS B 399 -69.20 -5.88 6.39
C LYS B 399 -69.48 -6.43 5.00
N HIS B 400 -70.05 -7.65 4.95
CA HIS B 400 -70.24 -8.41 3.70
C HIS B 400 -71.28 -7.80 2.77
N GLU B 401 -72.17 -6.98 3.35
CA GLU B 401 -73.21 -6.28 2.57
C GLU B 401 -72.67 -5.00 1.90
N ILE B 402 -71.62 -4.44 2.48
CA ILE B 402 -70.96 -3.29 1.88
C ILE B 402 -69.98 -3.79 0.80
N ASP B 403 -69.52 -5.02 0.97
CA ASP B 403 -68.58 -5.66 0.06
C ASP B 403 -69.22 -6.22 -1.21
N ARG B 404 -70.43 -6.76 -1.08
CA ARG B 404 -71.16 -7.29 -2.24
C ARG B 404 -71.90 -6.20 -3.03
N MET B 405 -72.26 -5.10 -2.36
CA MET B 405 -72.82 -3.92 -3.06
C MET B 405 -71.74 -3.34 -3.96
N THR B 406 -70.49 -3.41 -3.52
CA THR B 406 -69.33 -2.99 -4.29
C THR B 406 -69.17 -3.78 -5.60
N LEU B 407 -69.26 -5.10 -5.52
CA LEU B 407 -68.93 -5.98 -6.65
C LEU B 407 -70.02 -6.16 -7.74
N THR B 408 -71.30 -6.19 -7.36
CA THR B 408 -72.40 -6.28 -8.35
C THR B 408 -72.99 -4.92 -8.81
N MET B 409 -72.76 -3.85 -8.04
CA MET B 409 -73.38 -2.54 -8.33
C MET B 409 -72.39 -1.36 -8.37
N ALA B 410 -72.52 -0.51 -9.39
CA ALA B 410 -72.03 0.88 -9.31
C ALA B 410 -73.31 1.73 -9.16
N VAL B 411 -73.44 2.41 -8.01
CA VAL B 411 -74.75 2.94 -7.51
C VAL B 411 -75.38 4.11 -8.32
N GLU B 412 -76.70 4.06 -8.48
CA GLU B 412 -77.42 5.14 -9.17
C GLU B 412 -77.51 6.40 -8.32
N LEU B 413 -77.42 7.56 -8.98
CA LEU B 413 -77.25 8.85 -8.33
C LEU B 413 -78.36 9.89 -8.69
N PRO B 414 -78.84 10.70 -7.71
CA PRO B 414 -79.95 11.66 -7.89
C PRO B 414 -79.80 12.80 -8.95
N ASP B 415 -80.85 13.59 -9.09
CA ASP B 415 -80.92 14.66 -10.09
C ASP B 415 -80.38 15.99 -9.60
N SER B 416 -79.97 16.04 -8.33
CA SER B 416 -79.48 17.26 -7.71
C SER B 416 -78.03 17.61 -8.09
N PHE B 417 -77.33 16.63 -8.69
CA PHE B 417 -75.97 16.84 -9.17
C PHE B 417 -75.95 17.32 -10.61
N SER B 418 -74.89 18.03 -10.97
CA SER B 418 -74.66 18.43 -12.34
C SER B 418 -74.30 17.20 -13.17
N PRO B 419 -74.62 17.21 -14.47
CA PRO B 419 -74.20 16.17 -15.41
C PRO B 419 -72.68 16.04 -15.43
N GLU B 420 -72.00 17.06 -14.91
CA GLU B 420 -70.54 17.15 -14.87
C GLU B 420 -69.97 16.39 -13.68
N LEU B 421 -70.57 16.58 -12.50
CA LEU B 421 -70.17 15.85 -11.30
C LEU B 421 -70.55 14.39 -11.42
N ARG B 422 -71.68 14.17 -12.08
CA ARG B 422 -72.20 12.85 -12.33
C ARG B 422 -71.15 11.98 -13.03
N SER B 423 -70.51 12.49 -14.08
CA SER B 423 -69.53 11.69 -14.84
C SER B 423 -68.21 11.49 -14.12
N LEU B 424 -67.91 12.38 -13.19
CA LEU B 424 -66.69 12.26 -12.39
C LEU B 424 -66.84 11.12 -11.39
N LEU B 425 -68.01 11.03 -10.80
CA LEU B 425 -68.24 10.00 -9.81
C LEU B 425 -68.44 8.64 -10.50
N GLU B 426 -69.26 8.63 -11.55
CA GLU B 426 -69.57 7.40 -12.28
C GLU B 426 -68.35 6.78 -12.94
N GLY B 427 -67.33 7.61 -13.21
CA GLY B 427 -66.06 7.16 -13.81
C GLY B 427 -65.04 6.68 -12.80
N LEU B 428 -65.14 7.20 -11.58
CA LEU B 428 -64.28 6.78 -10.50
C LEU B 428 -64.67 5.41 -9.98
N LEU B 429 -65.97 5.18 -9.87
CA LEU B 429 -66.49 3.99 -9.22
C LEU B 429 -66.92 2.88 -10.22
N GLN B 430 -65.94 2.55 -11.05
CA GLN B 430 -66.00 1.44 -11.97
C GLN B 430 -65.35 0.27 -11.28
N ARG B 431 -66.04 -0.86 -11.22
CA ARG B 431 -65.51 -2.03 -10.53
C ARG B 431 -64.41 -2.72 -11.33
N ASP B 432 -64.12 -2.16 -12.51
CA ASP B 432 -62.99 -2.62 -13.31
C ASP B 432 -61.76 -1.79 -13.01
N VAL B 433 -60.60 -2.42 -13.09
CA VAL B 433 -59.33 -1.74 -12.95
C VAL B 433 -59.14 -0.83 -14.17
N ASN B 434 -59.37 -1.40 -15.34
CA ASN B 434 -59.03 -0.75 -16.62
C ASN B 434 -59.86 0.49 -16.95
N ARG B 435 -61.18 0.40 -16.78
CA ARG B 435 -62.11 1.45 -17.19
C ARG B 435 -62.21 2.70 -16.27
N ARG B 436 -61.58 2.68 -15.10
CA ARG B 436 -61.76 3.80 -14.16
C ARG B 436 -60.74 4.93 -14.30
N LEU B 437 -61.09 6.09 -13.77
CA LEU B 437 -60.20 7.23 -13.78
C LEU B 437 -59.02 6.99 -12.88
N GLY B 438 -57.87 7.40 -13.38
CA GLY B 438 -56.64 7.36 -12.61
C GLY B 438 -55.86 6.10 -12.85
N CYS B 439 -56.18 5.39 -13.91
CA CYS B 439 -55.59 4.10 -14.12
C CYS B 439 -54.78 3.95 -15.39
N LEU B 440 -55.45 3.63 -16.49
CA LEU B 440 -54.77 3.20 -17.73
C LEU B 440 -53.84 4.27 -18.35
N GLY B 441 -54.03 5.53 -17.97
CA GLY B 441 -53.27 6.63 -18.57
C GLY B 441 -52.31 7.34 -17.65
N ARG B 442 -52.37 8.65 -17.72
CA ARG B 442 -51.41 9.52 -17.07
C ARG B 442 -51.46 9.37 -15.57
N GLY B 443 -52.53 8.74 -15.09
CA GLY B 443 -52.69 8.49 -13.67
C GLY B 443 -53.32 9.67 -12.95
N ALA B 444 -52.58 10.28 -12.05
CA ALA B 444 -53.03 11.45 -11.31
C ALA B 444 -53.68 12.55 -12.15
N GLN B 445 -53.22 12.73 -13.38
CA GLN B 445 -53.69 13.81 -14.19
C GLN B 445 -55.02 13.52 -14.88
N GLU B 446 -55.27 12.24 -15.19
CA GLU B 446 -56.54 11.82 -15.79
C GLU B 446 -57.73 12.47 -15.05
N VAL B 447 -57.63 12.44 -13.74
CA VAL B 447 -58.62 13.01 -12.87
C VAL B 447 -58.65 14.51 -13.01
N LYS B 448 -57.48 15.14 -13.01
CA LYS B 448 -57.43 16.60 -13.07
C LYS B 448 -58.27 17.20 -14.23
N GLU B 449 -58.61 16.39 -15.23
CA GLU B 449 -59.19 16.93 -16.46
C GLU B 449 -60.70 16.76 -16.65
N SER B 450 -61.28 15.74 -16.03
CA SER B 450 -62.73 15.49 -16.13
C SER B 450 -63.52 16.74 -15.78
N PRO B 451 -64.43 17.11 -16.68
CA PRO B 451 -65.18 18.38 -16.70
C PRO B 451 -65.67 18.98 -15.37
N PHE B 452 -65.56 18.24 -14.27
CA PHE B 452 -65.93 18.83 -13.01
C PHE B 452 -64.90 19.88 -12.60
N PHE B 453 -63.67 19.68 -13.01
CA PHE B 453 -62.56 20.55 -12.60
C PHE B 453 -62.15 21.53 -13.69
N ARG B 454 -63.05 21.74 -14.63
CA ARG B 454 -62.85 22.64 -15.76
C ARG B 454 -62.60 24.06 -15.26
N SER B 455 -63.22 24.41 -14.13
CA SER B 455 -63.22 25.78 -13.62
C SER B 455 -62.05 26.07 -12.69
N LEU B 456 -61.01 25.26 -12.79
CA LEU B 456 -59.84 25.46 -11.98
C LEU B 456 -58.51 25.43 -12.75
N ASP B 457 -57.64 26.42 -12.44
CA ASP B 457 -56.22 26.40 -12.83
C ASP B 457 -55.49 25.61 -11.76
N TRP B 458 -54.85 24.56 -12.21
CA TRP B 458 -54.43 23.57 -11.28
C TRP B 458 -53.27 24.00 -10.42
N GLN B 459 -52.46 24.92 -10.92
CA GLN B 459 -51.38 25.43 -10.09
C GLN B 459 -51.93 26.35 -9.00
N MET B 460 -53.11 26.91 -9.20
CA MET B 460 -53.74 27.74 -8.19
C MET B 460 -54.06 27.00 -6.88
N VAL B 461 -54.42 25.73 -6.96
CA VAL B 461 -54.71 24.95 -5.77
C VAL B 461 -53.43 24.55 -5.10
N PHE B 462 -52.38 24.35 -5.90
CA PHE B 462 -51.01 24.01 -5.45
C PHE B 462 -50.34 25.09 -4.59
N LEU B 463 -50.73 26.32 -4.88
CA LEU B 463 -50.32 27.44 -4.07
C LEU B 463 -51.22 27.59 -2.86
N GLN B 464 -52.39 26.90 -2.87
CA GLN B 464 -53.47 27.07 -1.88
C GLN B 464 -54.02 28.48 -1.97
N LYS B 465 -53.99 29.05 -3.18
CA LYS B 465 -54.47 30.40 -3.39
C LYS B 465 -56.00 30.49 -3.41
N TYR B 466 -56.70 29.35 -3.30
CA TYR B 466 -58.18 29.33 -3.23
C TYR B 466 -58.72 29.55 -1.81
N PRO B 467 -59.98 30.02 -1.68
CA PRO B 467 -60.55 30.16 -0.35
C PRO B 467 -61.21 28.87 0.12
N PRO B 468 -61.03 28.57 1.41
CA PRO B 468 -61.60 27.35 1.94
C PRO B 468 -63.05 27.60 2.37
N PRO B 469 -63.92 26.61 2.22
CA PRO B 469 -65.26 26.64 2.75
C PRO B 469 -65.34 26.72 4.29
N LEU B 470 -64.51 26.00 5.03
CA LEU B 470 -64.70 26.01 6.49
C LEU B 470 -63.51 26.38 7.36
N ILE B 471 -63.55 27.61 7.87
CA ILE B 471 -62.59 28.12 8.85
C ILE B 471 -63.04 27.59 10.21
N PRO B 472 -62.26 26.74 10.85
CA PRO B 472 -62.67 26.11 12.11
C PRO B 472 -62.53 27.01 13.32
N PRO B 473 -63.59 27.11 14.13
CA PRO B 473 -63.68 28.07 15.26
C PRO B 473 -62.60 27.90 16.37
N ARG B 474 -62.63 28.80 17.37
CA ARG B 474 -61.54 29.02 18.39
C ARG B 474 -61.38 27.91 19.45
N GLY B 475 -60.63 26.87 19.10
CA GLY B 475 -60.54 25.61 19.86
C GLY B 475 -60.11 25.73 21.32
N THR B 493 -55.05 2.20 30.34
CA THR B 493 -54.09 2.32 31.44
C THR B 493 -53.68 0.95 32.03
N LYS B 494 -52.63 0.39 31.41
CA LYS B 494 -52.23 -1.00 31.58
C LYS B 494 -50.83 -1.20 32.17
N GLY B 495 -50.70 -2.17 33.05
CA GLY B 495 -49.46 -2.44 33.76
C GLY B 495 -48.65 -3.67 33.32
N ILE B 496 -48.33 -3.75 32.02
CA ILE B 496 -47.43 -4.79 31.42
C ILE B 496 -46.02 -4.24 31.15
N LYS B 497 -44.99 -5.03 31.40
CA LYS B 497 -43.61 -4.56 31.17
C LYS B 497 -43.04 -4.97 29.80
N LEU B 498 -41.75 -4.70 29.56
CA LEU B 498 -41.19 -4.56 28.21
C LEU B 498 -39.78 -5.15 27.96
N LEU B 499 -39.69 -6.13 27.05
CA LEU B 499 -38.44 -6.87 26.86
C LEU B 499 -37.33 -6.12 26.16
N ASP B 500 -36.21 -6.79 26.00
CA ASP B 500 -35.13 -6.33 25.16
C ASP B 500 -35.40 -6.70 23.71
N SER B 501 -36.05 -7.84 23.49
CA SER B 501 -36.38 -8.31 22.14
C SER B 501 -37.36 -7.41 21.41
N ASP B 502 -38.10 -6.62 22.17
CA ASP B 502 -39.01 -5.65 21.57
C ASP B 502 -38.27 -4.36 21.31
N GLN B 503 -37.33 -4.03 22.18
CA GLN B 503 -36.54 -2.81 22.06
C GLN B 503 -35.64 -2.71 20.83
N GLU B 504 -35.19 -3.84 20.32
CA GLU B 504 -34.36 -3.84 19.11
C GLU B 504 -35.19 -3.87 17.84
N LEU B 505 -36.49 -3.63 17.97
CA LEU B 505 -37.30 -3.33 16.79
C LEU B 505 -37.34 -1.83 16.59
N TYR B 506 -36.71 -1.10 17.52
CA TYR B 506 -36.73 0.36 17.48
C TYR B 506 -35.38 1.11 17.37
N ARG B 507 -34.28 0.38 17.09
CA ARG B 507 -33.06 0.99 16.51
C ARG B 507 -33.36 0.91 15.01
N ASN B 508 -32.74 1.78 14.24
CA ASN B 508 -33.09 1.94 12.81
C ASN B 508 -34.51 2.48 12.69
N PHE B 509 -34.84 3.37 13.63
CA PHE B 509 -36.06 4.11 13.59
C PHE B 509 -35.71 5.57 13.75
N PRO B 510 -34.79 5.92 14.67
CA PRO B 510 -34.44 7.34 14.77
C PRO B 510 -34.11 7.94 13.41
N LEU B 511 -34.68 9.11 13.08
CA LEU B 511 -34.55 9.70 11.75
C LEU B 511 -34.69 11.21 11.68
N THR B 512 -33.93 11.82 10.77
CA THR B 512 -33.86 13.28 10.60
C THR B 512 -33.80 13.63 9.11
N ILE B 513 -34.92 13.94 8.47
CA ILE B 513 -34.85 14.08 7.02
C ILE B 513 -34.23 15.33 6.57
N SER B 514 -32.97 15.17 6.25
CA SER B 514 -32.02 16.23 5.97
C SER B 514 -32.69 17.53 5.50
N GLU B 515 -33.20 17.52 4.30
CA GLU B 515 -33.84 18.69 3.76
C GLU B 515 -34.72 19.42 4.82
N ARG B 516 -35.67 18.71 5.45
CA ARG B 516 -36.65 19.37 6.35
C ARG B 516 -35.94 20.20 7.37
N TRP B 517 -34.92 19.62 7.97
CA TRP B 517 -34.24 20.30 9.02
C TRP B 517 -33.65 21.56 8.51
N GLN B 518 -33.00 21.47 7.36
CA GLN B 518 -32.33 22.63 6.77
C GLN B 518 -33.30 23.80 6.65
N GLN B 519 -34.41 23.55 5.95
CA GLN B 519 -35.49 24.51 5.85
C GLN B 519 -35.70 25.16 7.21
N GLU B 520 -36.16 24.39 8.19
CA GLU B 520 -36.43 24.88 9.54
C GLU B 520 -35.38 25.89 9.99
N VAL B 521 -34.11 25.50 9.94
CA VAL B 521 -33.03 26.36 10.38
C VAL B 521 -33.09 27.69 9.67
N ALA B 522 -33.19 27.61 8.35
CA ALA B 522 -33.07 28.76 7.48
C ALA B 522 -34.20 29.78 7.57
N GLU B 523 -35.33 29.41 8.16
CA GLU B 523 -36.43 30.35 8.27
C GLU B 523 -36.27 31.18 9.50
N THR B 524 -35.51 30.68 10.47
CA THR B 524 -35.45 31.36 11.78
C THR B 524 -34.08 31.75 12.34
N VAL B 525 -33.13 30.84 12.40
CA VAL B 525 -31.91 31.19 13.11
C VAL B 525 -30.68 31.25 12.26
N PHE B 526 -30.71 30.53 11.14
CA PHE B 526 -29.52 30.39 10.31
C PHE B 526 -28.72 31.69 10.23
N ASP B 527 -29.44 32.77 9.93
CA ASP B 527 -28.83 34.06 9.67
C ASP B 527 -28.12 34.67 10.89
N THR B 528 -28.83 34.83 12.01
CA THR B 528 -28.21 35.45 13.17
C THR B 528 -27.26 34.53 13.91
N ILE B 529 -27.19 33.26 13.52
CA ILE B 529 -26.25 32.34 14.16
C ILE B 529 -24.96 32.30 13.34
N ASN B 530 -25.07 32.65 12.07
CA ASN B 530 -23.90 32.81 11.22
C ASN B 530 -23.02 33.98 11.64
N ALA B 531 -23.65 35.14 11.88
CA ALA B 531 -22.95 36.40 12.21
C ALA B 531 -22.48 36.44 13.66
N GLU B 532 -23.16 35.67 14.50
CA GLU B 532 -22.77 35.51 15.89
C GLU B 532 -21.48 34.70 16.00
N THR B 533 -21.37 33.63 15.21
CA THR B 533 -20.15 32.82 15.23
C THR B 533 -19.04 33.54 14.50
N ASP B 534 -19.38 34.32 13.49
CA ASP B 534 -18.38 35.18 12.83
C ASP B 534 -17.76 36.17 13.82
N ARG B 535 -18.53 36.52 14.85
CA ARG B 535 -18.06 37.34 15.98
C ARG B 535 -17.21 36.55 16.98
N LEU B 536 -17.58 35.30 17.26
CA LEU B 536 -16.81 34.47 18.18
C LEU B 536 -15.49 33.96 17.57
N GLU B 537 -15.41 33.94 16.25
CA GLU B 537 -14.22 33.42 15.54
C GLU B 537 -13.20 34.52 15.25
N ALA B 538 -13.67 35.76 15.21
CA ALA B 538 -12.80 36.94 15.09
C ALA B 538 -12.18 37.38 16.44
N ARG B 539 -12.84 36.98 17.53
CA ARG B 539 -12.35 37.19 18.90
C ARG B 539 -11.36 36.10 19.30
N LYS B 540 -11.41 34.95 18.62
CA LYS B 540 -10.54 33.82 18.92
C LYS B 540 -9.20 34.02 18.22
N LYS B 541 -9.22 34.80 17.15
CA LYS B 541 -8.01 35.13 16.42
C LYS B 541 -7.24 36.28 17.07
N THR B 542 -7.91 37.17 17.81
CA THR B 542 -7.26 38.28 18.54
C THR B 542 -6.53 37.92 19.87
N LYS B 543 -7.11 36.98 20.62
CA LYS B 543 -6.40 36.28 21.70
C LYS B 543 -5.55 35.13 21.06
N ASN B 544 -5.07 35.43 19.79
CA ASN B 544 -4.13 34.61 18.99
C ASN B 544 -3.34 35.50 17.97
N LYS B 545 -3.85 36.72 17.65
CA LYS B 545 -3.21 37.70 16.71
C LYS B 545 -2.30 38.69 17.45
N GLN B 546 -2.08 38.42 18.73
CA GLN B 546 -1.09 39.18 19.48
C GLN B 546 -0.34 38.25 20.42
N LEU B 547 -0.77 37.00 20.44
CA LEU B 547 -0.08 35.98 21.23
C LEU B 547 0.77 35.06 20.28
N GLY B 548 2.02 35.81 19.90
CA GLY B 548 3.04 35.21 19.00
C GLY B 548 2.56 34.25 17.87
N HIS B 549 1.45 34.75 17.18
CA HIS B 549 0.64 33.93 16.19
C HIS B 549 0.84 32.41 16.22
N GLU B 550 -0.12 31.73 16.91
CA GLU B 550 -0.22 30.25 16.94
C GLU B 550 0.25 29.59 15.62
N GLU B 551 1.57 29.40 15.56
CA GLU B 551 2.32 29.01 14.34
C GLU B 551 1.92 27.63 13.79
N ASP B 552 0.81 27.59 13.03
CA ASP B 552 0.14 26.33 12.67
C ASP B 552 1.07 25.37 11.94
N TYR B 553 1.20 24.16 12.52
CA TYR B 553 2.29 23.23 12.24
C TYR B 553 1.75 21.92 11.63
N ALA B 554 0.42 21.92 11.47
CA ALA B 554 -0.34 20.90 10.72
C ALA B 554 -0.45 21.23 9.22
N LEU B 555 -0.46 22.51 8.87
CA LEU B 555 -0.50 22.96 7.46
C LEU B 555 0.88 22.93 6.73
N GLY B 556 1.87 22.30 7.36
CA GLY B 556 3.23 22.21 6.81
C GLY B 556 3.69 20.80 6.46
N LYS B 557 3.06 19.79 7.06
CA LYS B 557 3.48 18.40 6.85
C LYS B 557 2.47 17.58 6.05
N ASP B 558 2.93 16.46 5.48
CA ASP B 558 2.03 15.52 4.80
C ASP B 558 1.18 14.71 5.79
N CYS B 559 0.45 15.47 6.62
CA CYS B 559 -0.45 14.97 7.66
C CYS B 559 -1.69 14.30 7.04
N ILE B 560 -2.59 13.80 7.88
CA ILE B 560 -3.78 13.11 7.41
C ILE B 560 -5.10 13.70 7.94
N MET B 561 -5.08 14.20 9.18
CA MET B 561 -6.30 14.70 9.84
C MET B 561 -5.97 15.33 11.18
N HIS B 562 -6.82 16.26 11.63
CA HIS B 562 -6.69 16.86 12.96
C HIS B 562 -8.01 17.30 13.58
N GLY B 563 -8.42 16.66 14.67
CA GLY B 563 -9.72 16.96 15.29
C GLY B 563 -9.67 16.90 16.80
N TYR B 564 -10.80 17.18 17.46
CA TYR B 564 -10.85 17.21 18.93
C TYR B 564 -11.28 15.90 19.62
N MET B 565 -10.62 15.54 20.71
CA MET B 565 -10.92 14.29 21.44
C MET B 565 -10.62 14.36 22.94
N SER B 566 -11.10 13.36 23.68
CA SER B 566 -10.77 13.19 25.10
C SER B 566 -10.05 11.85 25.36
N LYS B 567 -9.15 11.85 26.36
CA LYS B 567 -8.36 10.66 26.76
C LYS B 567 -8.35 10.48 28.29
N MET B 568 -7.86 9.33 28.75
CA MET B 568 -8.04 8.93 30.17
C MET B 568 -6.78 8.54 31.04
N GLY B 569 -6.90 8.78 32.35
CA GLY B 569 -5.93 8.32 33.34
C GLY B 569 -6.53 8.49 34.72
N ASN B 570 -6.63 7.40 35.48
CA ASN B 570 -7.36 7.40 36.76
C ASN B 570 -6.66 8.16 37.89
N THR B 574 -10.88 9.05 37.87
CA THR B 574 -11.38 9.01 36.49
C THR B 574 -11.83 10.38 35.92
N GLN B 575 -10.85 11.10 35.37
CA GLN B 575 -11.06 12.42 34.79
C GLN B 575 -11.14 12.25 33.28
N TRP B 576 -11.65 13.28 32.61
CA TRP B 576 -11.54 13.38 31.16
C TRP B 576 -10.80 14.67 30.80
N GLN B 577 -9.54 14.56 30.40
CA GLN B 577 -8.84 15.75 29.88
C GLN B 577 -9.06 15.89 28.36
N ARG B 578 -9.46 17.08 27.93
CA ARG B 578 -9.77 17.38 26.53
C ARG B 578 -8.55 17.92 25.73
N ARG B 579 -8.05 17.14 24.76
CA ARG B 579 -6.83 17.48 24.00
C ARG B 579 -7.05 17.56 22.48
N TYR B 580 -6.08 18.12 21.78
CA TYR B 580 -6.17 18.30 20.32
C TYR B 580 -5.13 17.42 19.60
N PHE B 581 -5.59 16.45 18.82
CA PHE B 581 -4.70 15.43 18.27
C PHE B 581 -4.36 15.69 16.82
N TYR B 582 -3.19 15.19 16.44
CA TYR B 582 -2.65 15.37 15.11
C TYR B 582 -2.25 14.00 14.54
N LEU B 583 -2.84 13.59 13.41
CA LEU B 583 -2.61 12.23 12.86
C LEU B 583 -1.72 12.20 11.61
N PHE B 584 -0.46 11.77 11.79
CA PHE B 584 0.48 11.49 10.69
C PHE B 584 0.47 9.97 10.39
N PRO B 585 0.92 9.53 9.17
CA PRO B 585 0.79 8.08 8.84
C PRO B 585 1.67 7.09 9.63
N ASN B 586 2.34 7.57 10.68
CA ASN B 586 3.16 6.71 11.55
C ASN B 586 3.07 7.01 13.07
N ARG B 587 2.47 8.15 13.41
CA ARG B 587 2.36 8.58 14.80
C ARG B 587 1.04 9.32 15.09
N LEU B 588 0.70 9.52 16.37
CA LEU B 588 -0.43 10.36 16.76
C LEU B 588 -0.05 11.30 17.90
N GLU B 589 0.15 12.57 17.56
CA GLU B 589 0.63 13.55 18.55
C GLU B 589 -0.48 14.37 19.20
N TRP B 590 -0.12 15.03 20.30
CA TRP B 590 -1.05 15.91 21.00
C TRP B 590 -0.38 17.05 21.78
N ARG B 591 -1.02 18.23 21.68
CA ARG B 591 -0.65 19.40 22.48
C ARG B 591 -1.83 19.94 23.31
N GLY B 592 -1.49 20.61 24.41
CA GLY B 592 -2.43 21.50 25.10
C GLY B 592 -2.37 22.85 24.41
N GLU B 593 -3.33 23.73 24.70
CA GLU B 593 -3.41 25.04 24.03
C GLU B 593 -2.46 26.13 24.59
N GLY B 594 -1.25 26.19 24.04
CA GLY B 594 -0.21 27.12 24.50
C GLY B 594 1.16 26.53 24.23
N GLU B 595 1.22 25.21 24.08
CA GLU B 595 2.47 24.48 23.90
C GLU B 595 2.63 23.83 22.51
N ALA B 596 3.81 23.25 22.25
CA ALA B 596 4.12 22.47 21.03
C ALA B 596 4.20 20.96 21.35
N PRO B 597 3.37 20.12 20.67
CA PRO B 597 3.09 18.70 21.04
C PRO B 597 4.23 17.91 21.69
N GLN B 598 4.07 17.61 22.98
CA GLN B 598 5.13 16.98 23.78
C GLN B 598 5.05 15.44 23.76
N SER B 599 3.88 14.92 23.44
CA SER B 599 3.66 13.48 23.50
C SER B 599 3.14 12.87 22.18
N LEU B 600 3.30 11.56 22.05
CA LEU B 600 3.00 10.81 20.82
C LEU B 600 2.47 9.38 21.11
N LEU B 601 1.55 8.86 20.30
CA LEU B 601 1.19 7.43 20.36
C LEU B 601 1.31 6.76 18.98
N THR B 602 2.39 6.02 18.77
CA THR B 602 2.79 5.56 17.45
C THR B 602 1.98 4.39 16.93
N MET B 603 2.02 4.20 15.62
CA MET B 603 1.11 3.30 14.89
C MET B 603 1.41 1.80 15.01
N GLU B 604 2.69 1.44 15.07
CA GLU B 604 3.11 0.04 15.07
C GLU B 604 2.83 -0.69 16.39
N GLU B 605 2.66 0.07 17.47
CA GLU B 605 2.31 -0.53 18.78
C GLU B 605 0.79 -0.68 18.98
N ILE B 606 0.01 -0.21 18.01
CA ILE B 606 -1.44 -0.39 18.02
C ILE B 606 -1.75 -1.78 17.49
N GLN B 607 -2.51 -2.55 18.26
CA GLN B 607 -2.81 -3.95 17.94
C GLN B 607 -4.25 -4.20 17.47
N SER B 608 -5.22 -3.46 18.00
CA SER B 608 -6.61 -3.48 17.49
C SER B 608 -7.46 -2.26 17.93
N VAL B 609 -8.02 -1.54 16.96
CA VAL B 609 -8.86 -0.41 17.27
C VAL B 609 -10.31 -0.84 17.26
N GLU B 610 -10.96 -0.68 18.40
CA GLU B 610 -12.35 -1.08 18.55
C GLU B 610 -13.20 -0.01 19.21
N GLU B 611 -14.50 -0.28 19.28
CA GLU B 611 -15.43 0.63 19.89
C GLU B 611 -16.14 0.00 21.06
N THR B 612 -16.39 0.80 22.08
CA THR B 612 -16.97 0.30 23.31
C THR B 612 -18.07 1.26 23.70
N GLN B 613 -18.76 0.97 24.80
CA GLN B 613 -19.78 1.85 25.29
C GLN B 613 -19.62 2.16 26.78
N ILE B 614 -19.05 3.33 27.07
CA ILE B 614 -18.81 3.76 28.46
C ILE B 614 -19.89 4.72 28.98
N LYS B 615 -20.80 4.14 29.77
CA LYS B 615 -22.02 4.77 30.28
C LYS B 615 -22.96 5.26 29.18
N GLU B 616 -23.24 4.34 28.25
CA GLU B 616 -24.18 4.53 27.13
C GLU B 616 -23.79 5.53 26.00
N ARG B 617 -22.55 6.04 26.06
CA ARG B 617 -21.85 6.80 24.97
C ARG B 617 -21.12 5.84 24.02
N LYS B 618 -20.76 6.28 22.81
CA LYS B 618 -19.83 5.48 22.00
C LYS B 618 -18.42 6.05 22.12
N CYS B 619 -17.42 5.16 22.17
CA CYS B 619 -16.03 5.55 22.43
C CYS B 619 -15.03 4.61 21.72
N LEU B 620 -13.76 5.01 21.67
CA LEU B 620 -12.74 4.23 20.96
C LEU B 620 -11.65 3.59 21.82
N LEU B 621 -11.51 2.26 21.65
CA LEU B 621 -10.62 1.44 22.48
C LEU B 621 -9.41 1.01 21.67
N LEU B 622 -8.25 1.42 22.18
CA LEU B 622 -6.99 1.20 21.50
C LEU B 622 -6.06 0.31 22.30
N LYS B 623 -5.95 -0.96 21.88
CA LYS B 623 -5.06 -1.91 22.52
C LYS B 623 -3.61 -1.66 22.11
N ILE B 624 -2.73 -1.65 23.12
CA ILE B 624 -1.30 -1.34 22.96
C ILE B 624 -0.45 -2.58 23.29
N ARG B 625 0.84 -2.53 22.95
CA ARG B 625 1.72 -3.71 22.88
C ARG B 625 2.39 -4.20 24.19
N GLY B 626 2.15 -3.52 25.31
CA GLY B 626 2.64 -4.01 26.63
C GLY B 626 1.52 -4.74 27.35
N GLY B 627 0.36 -4.75 26.69
CA GLY B 627 -0.92 -5.16 27.26
C GLY B 627 -1.79 -3.92 27.43
N LYS B 628 -1.13 -2.77 27.37
CA LYS B 628 -1.68 -1.46 27.73
C LYS B 628 -2.97 -1.11 26.99
N GLN B 629 -3.83 -0.33 27.64
CA GLN B 629 -5.08 0.12 27.03
C GLN B 629 -5.30 1.63 27.12
N PHE B 630 -5.87 2.17 26.03
CA PHE B 630 -6.11 3.61 25.84
C PHE B 630 -7.48 3.94 25.23
N VAL B 631 -8.07 5.03 25.70
CA VAL B 631 -9.49 5.33 25.45
C VAL B 631 -9.70 6.71 24.88
N LEU B 632 -10.62 6.81 23.91
CA LEU B 632 -10.94 8.05 23.21
C LEU B 632 -12.40 8.39 23.25
N GLN B 633 -12.70 9.65 23.57
CA GLN B 633 -14.08 10.16 23.46
C GLN B 633 -14.22 11.31 22.44
N CYS B 634 -15.21 11.20 21.56
CA CYS B 634 -15.54 12.23 20.57
C CYS B 634 -16.72 13.04 21.02
N ASP B 635 -17.02 14.09 20.27
CA ASP B 635 -18.17 14.95 20.58
C ASP B 635 -19.31 14.61 19.65
N SER B 636 -18.97 14.40 18.39
CA SER B 636 -19.94 14.29 17.34
C SER B 636 -19.75 13.01 16.55
N ASP B 637 -20.82 12.22 16.53
CA ASP B 637 -20.87 10.90 15.89
C ASP B 637 -20.04 10.77 14.63
N PRO B 638 -20.27 11.65 13.65
CA PRO B 638 -19.40 11.44 12.53
C PRO B 638 -17.93 11.50 12.96
N GLU B 639 -17.52 12.55 13.67
CA GLU B 639 -16.12 12.66 14.06
C GLU B 639 -15.62 11.27 14.39
N LEU B 640 -16.36 10.61 15.28
CA LEU B 640 -16.05 9.26 15.74
C LEU B 640 -15.84 8.25 14.61
N VAL B 641 -16.80 8.13 13.68
CA VAL B 641 -16.68 7.11 12.63
C VAL B 641 -15.49 7.39 11.72
N GLN B 642 -15.06 8.64 11.67
CA GLN B 642 -13.95 8.98 10.80
C GLN B 642 -12.59 8.66 11.43
N TRP B 643 -12.45 8.87 12.72
CA TRP B 643 -11.26 8.41 13.40
C TRP B 643 -11.22 6.91 13.33
N LYS B 644 -12.32 6.27 13.68
CA LYS B 644 -12.46 4.82 13.63
C LYS B 644 -11.97 4.23 12.33
N LYS B 645 -12.31 4.84 11.20
CA LYS B 645 -11.84 4.31 9.93
C LYS B 645 -10.39 4.71 9.61
N GLU B 646 -10.04 5.99 9.77
CA GLU B 646 -8.69 6.50 9.38
C GLU B 646 -7.50 6.01 10.26
N LEU B 647 -7.81 5.63 11.50
CA LEU B 647 -6.85 4.98 12.38
C LEU B 647 -6.66 3.56 11.91
N ARG B 648 -7.78 2.90 11.61
CA ARG B 648 -7.79 1.50 11.16
C ARG B 648 -7.16 1.32 9.77
N ASP B 649 -7.03 2.39 9.01
CA ASP B 649 -6.33 2.30 7.73
C ASP B 649 -4.83 2.64 7.86
N ALA B 650 -4.52 3.60 8.74
CA ALA B 650 -3.16 4.07 8.92
C ALA B 650 -2.28 3.02 9.57
N TYR B 651 -2.86 2.30 10.52
CA TYR B 651 -2.12 1.27 11.23
C TYR B 651 -2.04 -0.01 10.43
N ARG B 652 -2.91 -0.17 9.46
CA ARG B 652 -2.81 -1.34 8.60
C ARG B 652 -1.70 -1.14 7.58
N GLU B 653 -1.47 0.11 7.19
CA GLU B 653 -0.44 0.41 6.19
C GLU B 653 0.92 0.79 6.77
N ALA B 654 0.93 1.25 8.02
CA ALA B 654 2.19 1.48 8.73
C ALA B 654 2.84 0.18 9.20
N GLN B 655 2.04 -0.88 9.31
CA GLN B 655 2.53 -2.23 9.68
C GLN B 655 2.88 -3.09 8.45
N GLN B 656 2.52 -2.59 7.26
CA GLN B 656 2.86 -3.20 5.96
C GLN B 656 4.37 -3.10 5.62
N SER C 29 85.78 -52.65 -1.81
CA SER C 29 86.43 -52.87 -0.48
C SER C 29 85.43 -52.86 0.73
N LYS C 30 85.66 -51.93 1.66
CA LYS C 30 85.04 -51.86 2.99
C LYS C 30 83.50 -51.94 3.06
N LYS C 31 82.83 -50.85 2.67
CA LYS C 31 81.38 -50.71 2.76
C LYS C 31 80.54 -51.90 2.25
N ILE C 32 79.31 -51.99 2.72
CA ILE C 32 78.43 -53.10 2.37
C ILE C 32 77.70 -52.90 1.06
N LEU C 33 77.62 -53.97 0.27
CA LEU C 33 77.01 -53.89 -1.04
C LEU C 33 75.81 -54.82 -1.16
N LEU C 34 74.81 -54.34 -1.89
CA LEU C 34 73.60 -55.08 -2.13
C LEU C 34 73.58 -55.71 -3.48
N PRO C 35 73.16 -56.97 -3.53
CA PRO C 35 73.02 -57.70 -4.76
C PRO C 35 71.75 -57.27 -5.46
N GLU C 36 71.83 -57.26 -6.80
CA GLU C 36 70.81 -56.68 -7.68
C GLU C 36 69.45 -57.36 -7.56
N PRO C 37 68.39 -56.66 -7.97
CA PRO C 37 67.02 -57.13 -7.84
C PRO C 37 66.69 -58.39 -8.60
N SER C 38 67.54 -58.80 -9.55
CA SER C 38 67.29 -60.06 -10.30
C SER C 38 67.52 -61.33 -9.45
N ILE C 39 68.24 -61.18 -8.33
CA ILE C 39 68.40 -62.21 -7.32
C ILE C 39 67.07 -62.90 -6.98
N ARG C 40 66.02 -62.12 -7.10
CA ARG C 40 64.68 -62.47 -6.69
C ARG C 40 64.36 -63.94 -6.86
N SER C 41 64.04 -64.31 -8.09
CA SER C 41 63.50 -65.63 -8.34
C SER C 41 64.25 -66.69 -7.52
N VAL C 42 65.58 -66.60 -7.49
CA VAL C 42 66.35 -67.60 -6.78
C VAL C 42 66.03 -67.57 -5.30
N MET C 43 66.12 -66.39 -4.69
CA MET C 43 65.89 -66.25 -3.26
C MET C 43 64.53 -66.78 -2.86
N GLN C 44 63.52 -66.34 -3.60
CA GLN C 44 62.12 -66.58 -3.29
C GLN C 44 61.88 -68.06 -3.11
N LYS C 45 62.48 -68.85 -3.98
CA LYS C 45 62.30 -70.28 -3.87
C LYS C 45 63.13 -70.84 -2.72
N TYR C 46 64.34 -70.32 -2.53
CA TYR C 46 65.18 -70.81 -1.46
C TYR C 46 64.41 -70.76 -0.17
N LEU C 47 63.86 -69.59 0.09
CA LEU C 47 63.12 -69.33 1.30
C LEU C 47 61.94 -70.26 1.36
N GLU C 48 61.27 -70.39 0.22
CA GLU C 48 60.01 -71.11 0.10
C GLU C 48 60.23 -72.56 0.50
N ASP C 49 61.39 -73.10 0.16
CA ASP C 49 61.72 -74.47 0.50
C ASP C 49 61.74 -74.64 2.03
N ARG C 50 62.34 -73.67 2.72
CA ARG C 50 62.43 -73.75 4.18
C ARG C 50 61.15 -73.26 4.89
N GLY C 51 60.12 -72.90 4.11
CA GLY C 51 58.80 -72.52 4.65
C GLY C 51 58.81 -71.18 5.37
N GLU C 52 59.69 -70.30 4.92
CA GLU C 52 60.01 -69.04 5.56
C GLU C 52 59.28 -67.84 4.94
N VAL C 53 58.27 -68.15 4.16
CA VAL C 53 57.48 -67.12 3.54
C VAL C 53 56.15 -66.91 4.27
N THR C 54 56.02 -67.42 5.50
CA THR C 54 54.78 -67.18 6.29
C THR C 54 54.72 -65.71 6.68
N PHE C 55 53.53 -65.23 7.01
CA PHE C 55 53.45 -63.90 7.58
C PHE C 55 54.49 -63.81 8.70
N GLU C 56 54.30 -64.70 9.67
CA GLU C 56 54.97 -64.71 10.96
C GLU C 56 56.50 -64.68 10.94
N LYS C 57 57.12 -65.73 10.43
CA LYS C 57 58.55 -65.78 10.33
C LYS C 57 59.15 -64.48 9.77
N ILE C 58 58.39 -63.74 8.97
CA ILE C 58 58.89 -62.54 8.32
C ILE C 58 58.66 -61.27 9.12
N PHE C 59 57.60 -61.27 9.93
CA PHE C 59 57.27 -60.11 10.76
C PHE C 59 58.24 -60.05 11.93
N SER C 60 58.68 -61.23 12.34
CA SER C 60 59.53 -61.39 13.51
C SER C 60 60.94 -60.83 13.25
N GLN C 61 61.47 -61.12 12.07
CA GLN C 61 62.81 -60.68 11.71
C GLN C 61 62.79 -59.16 11.59
N LYS C 62 63.73 -58.51 12.27
CA LYS C 62 63.71 -57.05 12.44
C LYS C 62 63.64 -56.26 11.13
N LEU C 63 64.30 -56.77 10.09
CA LEU C 63 64.26 -56.13 8.77
C LEU C 63 63.01 -56.50 8.03
N GLY C 64 62.51 -57.70 8.32
CA GLY C 64 61.27 -58.17 7.73
C GLY C 64 60.16 -57.21 8.10
N TYR C 65 60.03 -56.97 9.41
CA TYR C 65 59.09 -55.98 9.93
C TYR C 65 59.36 -54.62 9.31
N LEU C 66 60.58 -54.11 9.48
CA LEU C 66 60.86 -52.76 9.02
C LEU C 66 60.52 -52.54 7.55
N LEU C 67 60.69 -53.56 6.71
CA LEU C 67 60.37 -53.45 5.27
C LEU C 67 58.88 -53.57 4.99
N PHE C 68 58.23 -54.38 5.80
CA PHE C 68 56.83 -54.56 5.69
C PHE C 68 56.09 -53.25 5.95
N ARG C 69 56.48 -52.55 7.00
CA ARG C 69 55.83 -51.28 7.35
C ARG C 69 56.08 -50.18 6.31
N ASP C 70 57.26 -50.19 5.69
CA ASP C 70 57.58 -49.20 4.67
C ASP C 70 56.75 -49.39 3.43
N PHE C 71 56.33 -50.61 3.19
CA PHE C 71 55.46 -50.93 2.06
C PHE C 71 54.02 -50.51 2.35
N CYS C 72 53.63 -50.68 3.60
CA CYS C 72 52.28 -50.38 4.06
C CYS C 72 52.03 -48.87 4.12
N LEU C 73 52.98 -48.14 4.71
CA LEU C 73 52.85 -46.70 4.92
C LEU C 73 52.96 -45.82 3.68
N LYS C 74 53.57 -46.37 2.63
CA LYS C 74 53.83 -45.59 1.41
C LYS C 74 52.91 -45.99 0.25
N HIS C 75 52.75 -47.30 0.03
CA HIS C 75 52.15 -47.81 -1.21
C HIS C 75 50.71 -48.32 -1.09
N LEU C 76 50.41 -49.11 -0.06
CA LEU C 76 49.05 -49.64 0.12
C LEU C 76 48.12 -48.68 0.88
N GLU C 77 46.86 -48.70 0.51
CA GLU C 77 45.88 -47.82 1.11
C GLU C 77 45.38 -48.29 2.48
N GLU C 78 44.67 -49.41 2.48
CA GLU C 78 44.04 -49.96 3.69
C GLU C 78 45.03 -50.45 4.75
N ALA C 79 46.32 -50.44 4.42
CA ALA C 79 47.33 -50.86 5.36
C ALA C 79 47.64 -49.76 6.37
N LYS C 80 47.83 -48.55 5.85
CA LYS C 80 48.18 -47.37 6.63
C LYS C 80 47.76 -47.48 8.10
N PRO C 81 46.43 -47.38 8.39
CA PRO C 81 46.07 -47.25 9.80
C PRO C 81 46.55 -48.44 10.57
N LEU C 82 46.29 -49.63 10.05
CA LEU C 82 46.60 -50.88 10.73
C LEU C 82 48.02 -50.84 11.33
N VAL C 83 48.95 -50.31 10.57
CA VAL C 83 50.33 -50.25 10.99
C VAL C 83 50.58 -49.16 12.01
N GLU C 84 50.33 -47.91 11.61
CA GLU C 84 50.47 -46.74 12.49
C GLU C 84 49.88 -47.04 13.85
N PHE C 85 48.79 -47.83 13.84
CA PHE C 85 48.03 -48.26 15.02
C PHE C 85 48.86 -49.28 15.79
N TYR C 86 49.42 -50.25 15.08
CA TYR C 86 50.25 -51.22 15.73
C TYR C 86 51.43 -50.51 16.37
N GLU C 87 52.14 -49.71 15.57
CA GLU C 87 53.33 -49.01 16.06
C GLU C 87 53.05 -48.13 17.26
N GLU C 88 51.84 -47.59 17.34
CA GLU C 88 51.44 -46.76 18.47
C GLU C 88 51.11 -47.64 19.65
N ILE C 89 50.68 -48.88 19.40
CA ILE C 89 50.40 -49.83 20.48
C ILE C 89 51.67 -50.27 21.16
N LYS C 90 52.71 -50.48 20.36
CA LYS C 90 54.04 -50.83 20.87
C LYS C 90 54.66 -49.79 21.80
N LYS C 91 54.51 -48.51 21.46
CA LYS C 91 54.99 -47.40 22.30
C LYS C 91 54.30 -47.35 23.66
N TYR C 92 53.01 -47.70 23.68
CA TYR C 92 52.20 -47.73 24.90
C TYR C 92 52.69 -48.79 25.88
N GLU C 93 52.91 -50.00 25.38
CA GLU C 93 53.47 -51.09 26.18
C GLU C 93 54.76 -50.67 26.87
N LYS C 94 55.60 -49.97 26.10
CA LYS C 94 56.94 -49.54 26.50
C LYS C 94 56.99 -48.44 27.57
N LEU C 95 55.85 -47.85 27.88
CA LEU C 95 55.85 -46.76 28.81
C LEU C 95 55.83 -47.23 30.25
N GLU C 96 56.31 -46.35 31.11
CA GLU C 96 56.80 -46.69 32.43
C GLU C 96 55.79 -46.45 33.57
N THR C 97 55.54 -45.18 33.90
CA THR C 97 54.65 -44.87 35.01
C THR C 97 53.20 -45.09 34.65
N GLU C 98 52.35 -45.04 35.67
CA GLU C 98 50.92 -45.13 35.48
C GLU C 98 50.43 -43.95 34.63
N GLU C 99 50.96 -42.75 34.88
CA GLU C 99 50.41 -41.52 34.31
C GLU C 99 50.78 -41.16 32.85
N GLU C 100 51.89 -41.66 32.32
CA GLU C 100 52.20 -41.47 30.88
C GLU C 100 51.29 -42.31 30.00
N ARG C 101 51.00 -43.50 30.50
CA ARG C 101 50.21 -44.49 29.80
C ARG C 101 48.74 -44.12 29.83
N LEU C 102 48.37 -43.51 30.94
CA LEU C 102 47.03 -43.05 31.16
C LEU C 102 46.65 -42.13 30.03
N VAL C 103 47.55 -41.24 29.67
CA VAL C 103 47.29 -40.29 28.61
C VAL C 103 47.32 -40.97 27.26
N CYS C 104 48.37 -41.74 27.03
CA CYS C 104 48.57 -42.38 25.74
C CYS C 104 47.34 -43.19 25.29
N SER C 105 46.76 -43.95 26.21
CA SER C 105 45.62 -44.78 25.87
C SER C 105 44.46 -43.96 25.35
N ARG C 106 44.20 -42.81 25.97
CA ARG C 106 43.12 -41.89 25.57
C ARG C 106 43.19 -41.54 24.10
N GLU C 107 44.34 -41.02 23.68
CA GLU C 107 44.60 -40.65 22.29
C GLU C 107 44.34 -41.80 21.34
N ILE C 108 44.90 -42.95 21.68
CA ILE C 108 44.67 -44.15 20.92
C ILE C 108 43.17 -44.42 20.70
N PHE C 109 42.43 -44.45 21.79
CA PHE C 109 40.98 -44.65 21.76
C PHE C 109 40.36 -43.76 20.73
N ASP C 110 40.53 -42.45 20.97
CA ASP C 110 39.96 -41.34 20.17
C ASP C 110 40.35 -41.53 18.70
N THR C 111 41.66 -41.63 18.47
CA THR C 111 42.19 -41.63 17.12
C THR C 111 41.86 -42.91 16.35
N TYR C 112 42.13 -44.09 16.93
CA TYR C 112 42.05 -45.32 16.14
C TYR C 112 40.83 -46.15 16.39
N ILE C 113 40.11 -45.88 17.47
CA ILE C 113 38.83 -46.53 17.65
C ILE C 113 37.68 -45.58 17.36
N MET C 114 37.52 -44.54 18.18
CA MET C 114 36.37 -43.68 18.07
C MET C 114 36.29 -43.09 16.68
N LYS C 115 37.19 -42.18 16.36
CA LYS C 115 37.07 -41.44 15.12
C LYS C 115 36.85 -42.32 13.93
N GLU C 116 37.47 -43.48 13.93
CA GLU C 116 37.25 -44.41 12.84
C GLU C 116 35.84 -44.98 12.87
N LEU C 117 35.27 -45.11 14.05
CA LEU C 117 33.93 -45.67 14.12
C LEU C 117 32.88 -44.70 13.59
N LEU C 118 33.22 -43.42 13.57
CA LEU C 118 32.32 -42.38 13.05
C LEU C 118 32.01 -42.63 11.60
N ALA C 119 33.07 -42.88 10.82
CA ALA C 119 32.94 -43.23 9.41
C ALA C 119 33.07 -44.73 9.19
N CYS C 120 32.70 -45.51 10.22
CA CYS C 120 32.60 -46.99 10.21
C CYS C 120 33.76 -47.76 9.56
N SER C 121 34.88 -47.06 9.42
CA SER C 121 36.09 -47.61 8.82
C SER C 121 36.86 -48.45 9.83
N HIS C 122 36.14 -48.94 10.85
CA HIS C 122 36.75 -49.74 11.88
C HIS C 122 36.33 -51.15 11.68
N PRO C 123 37.30 -51.99 11.31
CA PRO C 123 37.14 -53.39 11.00
C PRO C 123 37.55 -54.29 12.17
N PHE C 124 36.89 -54.13 13.32
CA PHE C 124 37.24 -54.98 14.44
C PHE C 124 36.05 -55.59 15.14
N SER C 125 36.24 -56.78 15.68
CA SER C 125 35.16 -57.60 16.23
C SER C 125 34.50 -56.93 17.43
N LYS C 126 33.30 -57.40 17.76
CA LYS C 126 32.57 -56.83 18.89
C LYS C 126 33.38 -56.98 20.17
N SER C 127 33.58 -58.23 20.60
CA SER C 127 34.29 -58.54 21.85
C SER C 127 35.60 -57.75 22.01
N ALA C 128 36.29 -57.48 20.91
CA ALA C 128 37.53 -56.71 20.95
C ALA C 128 37.27 -55.30 21.43
N ILE C 129 36.49 -54.53 20.69
CA ILE C 129 36.22 -53.18 21.11
C ILE C 129 35.95 -53.11 22.61
N GLU C 130 35.03 -53.95 23.06
CA GLU C 130 34.45 -53.82 24.39
C GLU C 130 35.42 -54.07 25.56
N HIS C 131 36.53 -54.75 25.28
CA HIS C 131 37.62 -54.95 26.24
C HIS C 131 38.21 -53.58 26.55
N VAL C 132 38.46 -52.80 25.51
CA VAL C 132 39.17 -51.52 25.63
C VAL C 132 38.26 -50.50 26.20
N GLN C 133 37.01 -50.63 25.83
CA GLN C 133 35.96 -49.79 26.34
C GLN C 133 35.93 -49.87 27.86
N GLY C 134 35.49 -51.02 28.36
CA GLY C 134 35.34 -51.25 29.81
C GLY C 134 36.57 -51.01 30.67
N HIS C 135 37.74 -50.86 30.03
CA HIS C 135 38.96 -50.46 30.72
C HIS C 135 39.15 -48.94 30.76
N LEU C 136 38.94 -48.25 29.64
CA LEU C 136 39.21 -46.81 29.62
C LEU C 136 38.27 -45.98 30.46
N VAL C 137 37.05 -46.46 30.62
CA VAL C 137 36.09 -45.78 31.47
C VAL C 137 36.43 -45.94 32.94
N LYS C 138 37.27 -46.89 33.27
CA LYS C 138 37.61 -47.10 34.67
C LYS C 138 39.02 -46.64 35.00
N LYS C 139 39.69 -45.99 34.04
CA LYS C 139 41.06 -45.53 34.21
C LYS C 139 42.12 -46.64 34.37
N GLN C 140 41.78 -47.91 34.17
CA GLN C 140 42.74 -49.05 34.38
C GLN C 140 43.72 -49.26 33.20
N VAL C 141 45.03 -49.16 33.45
CA VAL C 141 45.95 -49.11 32.34
C VAL C 141 47.07 -50.14 32.30
N PRO C 142 46.74 -51.45 32.41
CA PRO C 142 47.82 -52.42 32.09
C PRO C 142 48.38 -52.26 30.67
N PRO C 143 49.71 -52.46 30.52
CA PRO C 143 50.40 -52.44 29.20
C PRO C 143 49.96 -53.57 28.24
N ASP C 144 49.30 -54.59 28.80
CA ASP C 144 48.75 -55.73 28.05
C ASP C 144 47.41 -55.39 27.39
N LEU C 145 46.79 -54.30 27.82
CA LEU C 145 45.47 -53.86 27.36
C LEU C 145 45.13 -54.01 25.86
N PHE C 146 45.97 -53.46 25.01
CA PHE C 146 45.70 -53.41 23.57
C PHE C 146 46.04 -54.68 22.80
N GLN C 147 46.30 -55.75 23.55
CA GLN C 147 46.57 -57.08 23.03
C GLN C 147 45.46 -57.58 22.09
N PRO C 148 44.19 -57.69 22.59
CA PRO C 148 43.19 -58.26 21.70
C PRO C 148 43.06 -57.52 20.37
N TYR C 149 43.34 -56.24 20.37
CA TYR C 149 43.50 -55.52 19.11
C TYR C 149 44.73 -56.03 18.37
N ILE C 150 45.89 -56.00 19.03
CA ILE C 150 47.11 -56.48 18.43
C ILE C 150 46.75 -57.62 17.51
N GLU C 151 46.14 -58.65 18.09
CA GLU C 151 45.92 -59.92 17.43
C GLU C 151 45.12 -59.78 16.13
N GLU C 152 44.20 -58.84 16.10
CA GLU C 152 43.40 -58.69 14.91
C GLU C 152 44.04 -57.75 13.90
N ILE C 153 45.10 -57.05 14.29
CA ILE C 153 45.83 -56.32 13.26
C ILE C 153 46.66 -57.32 12.49
N CYS C 154 47.24 -58.27 13.20
CA CYS C 154 47.92 -59.43 12.59
C CYS C 154 46.98 -60.06 11.60
N GLN C 155 45.81 -60.42 12.13
CA GLN C 155 44.72 -61.06 11.40
C GLN C 155 44.52 -60.49 9.99
N ASN C 156 44.16 -59.21 9.93
CA ASN C 156 43.90 -58.53 8.66
C ASN C 156 45.10 -58.41 7.74
N LEU C 157 46.30 -58.41 8.33
CA LEU C 157 47.56 -58.28 7.59
C LEU C 157 48.03 -59.63 7.05
N ARG C 158 47.72 -60.70 7.78
CA ARG C 158 48.11 -62.07 7.40
C ARG C 158 47.54 -62.60 6.05
N GLY C 159 46.31 -62.24 5.73
CA GLY C 159 45.66 -62.78 4.53
C GLY C 159 46.07 -62.07 3.26
N ASP C 160 45.17 -61.23 2.74
CA ASP C 160 45.37 -60.49 1.51
C ASP C 160 46.61 -59.56 1.52
N VAL C 161 46.64 -58.60 2.45
CA VAL C 161 47.72 -57.61 2.55
C VAL C 161 49.10 -58.19 2.28
N PHE C 162 49.37 -59.32 2.93
CA PHE C 162 50.65 -59.96 2.85
C PHE C 162 50.98 -60.39 1.44
N GLN C 163 49.97 -60.88 0.73
CA GLN C 163 50.17 -61.34 -0.65
C GLN C 163 50.65 -60.22 -1.57
N LYS C 164 50.20 -58.99 -1.33
CA LYS C 164 50.59 -57.85 -2.15
C LYS C 164 51.97 -57.36 -1.71
N PHE C 165 52.36 -57.70 -0.50
CA PHE C 165 53.73 -57.51 -0.07
C PHE C 165 54.62 -58.49 -0.78
N ILE C 166 54.11 -59.70 -0.96
CA ILE C 166 54.84 -60.75 -1.68
C ILE C 166 55.27 -60.26 -3.06
N GLU C 167 54.34 -59.75 -3.87
CA GLU C 167 54.66 -59.29 -5.22
C GLU C 167 55.36 -57.93 -5.26
N SER C 168 55.48 -57.28 -4.10
CA SER C 168 55.92 -55.89 -4.03
C SER C 168 57.41 -55.72 -4.19
N ASP C 169 57.80 -54.47 -4.46
CA ASP C 169 59.20 -54.06 -4.59
C ASP C 169 59.91 -54.18 -3.29
N LYS C 170 59.16 -54.09 -2.22
CA LYS C 170 59.75 -54.20 -0.93
C LYS C 170 60.06 -55.66 -0.56
N PHE C 171 59.33 -56.62 -1.13
CA PHE C 171 59.74 -58.00 -0.95
C PHE C 171 61.04 -58.23 -1.67
N THR C 172 61.12 -57.77 -2.90
CA THR C 172 62.35 -57.84 -3.68
C THR C 172 63.49 -57.40 -2.78
N ARG C 173 63.35 -56.23 -2.18
CA ARG C 173 64.38 -55.72 -1.29
C ARG C 173 64.70 -56.67 -0.14
N PHE C 174 63.67 -57.21 0.50
CA PHE C 174 63.89 -58.12 1.61
C PHE C 174 64.84 -59.23 1.22
N CYS C 175 64.56 -59.83 0.07
CA CYS C 175 65.39 -60.87 -0.45
C CYS C 175 66.80 -60.36 -0.46
N GLN C 176 67.02 -59.20 -1.08
CA GLN C 176 68.38 -58.66 -1.21
C GLN C 176 69.17 -58.74 0.11
N TRP C 177 68.57 -58.29 1.21
CA TRP C 177 69.30 -58.29 2.47
C TRP C 177 69.52 -59.68 2.96
N LYS C 178 68.43 -60.45 3.01
CA LYS C 178 68.43 -61.78 3.56
C LYS C 178 69.52 -62.60 2.87
N ASN C 179 69.68 -62.38 1.57
CA ASN C 179 70.73 -63.02 0.77
C ASN C 179 72.00 -62.74 1.48
N VAL C 180 72.34 -61.47 1.52
CA VAL C 180 73.56 -61.07 2.13
C VAL C 180 73.68 -61.60 3.56
N GLU C 181 72.57 -61.64 4.29
CA GLU C 181 72.60 -62.19 5.65
C GLU C 181 73.17 -63.57 5.62
N LEU C 182 72.68 -64.37 4.70
CA LEU C 182 73.05 -65.76 4.65
C LEU C 182 74.46 -66.02 4.08
N ASN C 183 75.06 -64.97 3.51
CA ASN C 183 76.33 -65.09 2.76
C ASN C 183 77.49 -64.45 3.48
N ILE C 184 77.56 -64.64 4.79
CA ILE C 184 78.43 -63.75 5.48
C ILE C 184 79.71 -64.31 6.06
N HIS C 185 80.78 -63.97 5.29
CA HIS C 185 82.18 -64.32 5.59
C HIS C 185 82.94 -63.09 5.98
N LEU C 186 83.92 -63.30 6.84
CA LEU C 186 84.63 -62.19 7.41
C LEU C 186 86.11 -62.46 7.42
N THR C 187 86.90 -61.39 7.27
CA THR C 187 88.33 -61.37 7.58
C THR C 187 88.56 -60.12 8.37
N MET C 188 89.81 -59.88 8.76
CA MET C 188 90.17 -58.66 9.47
C MET C 188 89.90 -57.43 8.61
N ASN C 189 89.88 -57.62 7.30
CA ASN C 189 89.44 -56.62 6.33
C ASN C 189 88.11 -56.01 6.69
N ASP C 190 87.32 -56.73 7.46
CA ASP C 190 85.99 -56.27 7.85
C ASP C 190 86.00 -55.56 9.21
N PHE C 191 87.20 -55.44 9.80
CA PHE C 191 87.35 -54.76 11.08
C PHE C 191 88.50 -53.77 11.19
N SER C 192 88.14 -52.60 11.73
CA SER C 192 89.09 -51.53 12.06
C SER C 192 89.38 -51.69 13.55
N VAL C 193 90.48 -52.39 13.85
CA VAL C 193 90.82 -52.72 15.23
C VAL C 193 91.45 -51.52 15.94
N HIS C 194 90.90 -51.15 17.10
CA HIS C 194 91.40 -50.00 17.86
C HIS C 194 92.44 -50.35 18.93
N ARG C 195 91.99 -50.55 20.16
CA ARG C 195 92.93 -50.78 21.26
C ARG C 195 92.89 -52.21 21.79
N ILE C 196 93.80 -52.53 22.70
CA ILE C 196 93.83 -53.82 23.40
C ILE C 196 92.99 -53.70 24.68
N ILE C 197 92.28 -54.77 25.04
CA ILE C 197 91.35 -54.72 26.18
C ILE C 197 91.74 -55.63 27.37
N GLY C 198 92.91 -56.26 27.27
CA GLY C 198 93.35 -57.21 28.28
C GLY C 198 93.22 -58.63 27.76
N ARG C 199 94.11 -59.50 28.24
CA ARG C 199 94.26 -60.88 27.73
C ARG C 199 93.24 -61.93 28.29
N GLY C 200 93.06 -63.01 27.53
CA GLY C 200 92.47 -64.26 28.03
C GLY C 200 93.62 -65.22 28.26
N GLY C 201 93.33 -66.52 28.34
CA GLY C 201 94.42 -67.52 28.53
C GLY C 201 95.16 -67.94 27.26
N PHE C 202 94.45 -67.84 26.13
CA PHE C 202 94.89 -68.30 24.82
C PHE C 202 95.03 -67.15 23.82
N GLY C 203 95.17 -65.94 24.34
CA GLY C 203 95.29 -64.77 23.49
C GLY C 203 94.47 -63.62 24.01
N GLU C 204 94.59 -62.49 23.32
CA GLU C 204 94.10 -61.19 23.77
C GLU C 204 92.72 -60.80 23.23
N VAL C 205 92.24 -59.66 23.66
CA VAL C 205 90.95 -59.19 23.24
C VAL C 205 91.04 -57.72 22.92
N TYR C 206 90.44 -57.33 21.79
CA TYR C 206 90.52 -55.97 21.29
C TYR C 206 89.14 -55.32 21.20
N GLY C 207 89.15 -54.02 20.99
CA GLY C 207 87.96 -53.26 20.65
C GLY C 207 88.05 -52.69 19.24
N CYS C 208 86.95 -52.77 18.50
CA CYS C 208 86.95 -52.45 17.07
C CYS C 208 85.61 -52.02 16.52
N ARG C 209 85.60 -51.73 15.23
CA ARG C 209 84.43 -51.28 14.54
C ARG C 209 84.24 -52.20 13.34
N LYS C 210 82.99 -52.51 13.02
CA LYS C 210 82.69 -53.22 11.79
C LYS C 210 82.47 -52.17 10.73
N ALA C 211 83.31 -52.13 9.69
CA ALA C 211 83.22 -51.06 8.71
C ALA C 211 82.02 -51.21 7.77
N ASP C 212 81.39 -52.39 7.81
CA ASP C 212 80.08 -52.61 7.20
C ASP C 212 79.16 -51.46 7.62
N THR C 213 78.91 -51.40 8.93
CA THR C 213 77.98 -50.47 9.59
C THR C 213 78.69 -49.36 10.34
N GLY C 214 79.43 -49.75 11.38
CA GLY C 214 80.05 -48.80 12.27
C GLY C 214 79.46 -48.97 13.66
N LYS C 215 79.31 -50.23 14.05
CA LYS C 215 78.99 -50.51 15.43
C LYS C 215 80.33 -50.77 16.07
N MET C 216 80.36 -50.62 17.38
CA MET C 216 81.52 -50.91 18.18
C MET C 216 81.32 -52.31 18.78
N TYR C 217 82.19 -53.22 18.39
CA TYR C 217 82.21 -54.56 18.93
C TYR C 217 83.58 -54.85 19.49
N ALA C 218 83.70 -55.87 20.32
CA ALA C 218 85.00 -56.30 20.78
C ALA C 218 85.42 -57.56 20.05
N MET C 219 86.72 -57.79 19.94
CA MET C 219 87.20 -59.03 19.32
C MET C 219 88.09 -59.91 20.20
N LYS C 220 87.57 -61.07 20.59
CA LYS C 220 88.39 -62.06 21.30
C LYS C 220 89.09 -62.87 20.26
N CYS C 221 90.41 -62.77 20.29
CA CYS C 221 91.27 -63.54 19.44
C CYS C 221 91.91 -64.68 20.20
N LEU C 222 91.62 -65.89 19.75
CA LEU C 222 92.36 -67.05 20.19
C LEU C 222 93.26 -67.46 19.02
N ASP C 223 94.55 -67.61 19.27
CA ASP C 223 95.42 -68.15 18.25
C ASP C 223 95.49 -69.69 18.34
N LYS C 224 95.17 -70.34 17.23
CA LYS C 224 95.03 -71.80 17.19
C LYS C 224 96.24 -72.52 17.74
N LYS C 225 97.42 -72.07 17.28
CA LYS C 225 98.69 -72.60 17.74
C LYS C 225 98.66 -72.85 19.25
N ARG C 226 98.30 -71.81 19.99
CA ARG C 226 98.34 -71.90 21.42
C ARG C 226 97.38 -72.99 21.89
N ILE C 227 96.21 -73.04 21.26
CA ILE C 227 95.15 -73.96 21.68
C ILE C 227 95.59 -75.41 21.54
N LYS C 228 96.38 -75.66 20.51
CA LYS C 228 96.95 -76.97 20.31
C LYS C 228 97.95 -77.26 21.44
N MET C 229 98.68 -76.23 21.89
CA MET C 229 99.73 -76.43 22.91
C MET C 229 99.16 -76.83 24.26
N LYS C 230 98.10 -76.17 24.68
CA LYS C 230 97.63 -76.38 26.05
C LYS C 230 96.54 -77.47 26.16
N GLN C 231 96.23 -78.11 25.03
CA GLN C 231 95.17 -79.14 24.93
C GLN C 231 93.82 -78.61 25.33
N GLY C 232 93.65 -77.29 25.18
CA GLY C 232 92.41 -76.63 25.52
C GLY C 232 91.46 -76.61 24.34
N GLU C 233 91.73 -77.45 23.33
CA GLU C 233 90.82 -77.61 22.20
C GLU C 233 89.39 -77.98 22.61
N THR C 234 89.25 -78.73 23.70
CA THR C 234 87.94 -79.01 24.29
C THR C 234 87.30 -77.72 24.81
N LEU C 235 88.08 -76.88 25.47
CA LEU C 235 87.59 -75.56 25.88
C LEU C 235 87.24 -74.71 24.68
N ALA C 236 88.21 -74.43 23.81
CA ALA C 236 88.04 -73.48 22.71
C ALA C 236 86.80 -73.78 21.93
N LEU C 237 86.60 -75.04 21.56
CA LEU C 237 85.36 -75.45 20.90
C LEU C 237 84.07 -75.24 21.75
N ASN C 238 84.11 -75.65 23.03
CA ASN C 238 82.94 -75.51 23.93
C ASN C 238 82.52 -74.05 24.13
N GLU C 239 83.50 -73.17 24.28
CA GLU C 239 83.25 -71.75 24.36
C GLU C 239 82.39 -71.33 23.17
N ARG C 240 82.68 -71.88 22.00
CA ARG C 240 81.90 -71.54 20.84
C ARG C 240 80.48 -71.97 21.03
N ILE C 241 80.28 -73.27 21.23
CA ILE C 241 78.95 -73.86 21.28
C ILE C 241 78.03 -73.16 22.27
N MET C 242 78.58 -72.83 23.45
CA MET C 242 77.82 -72.17 24.51
C MET C 242 77.39 -70.80 24.03
N LEU C 243 78.36 -70.00 23.58
CA LEU C 243 78.13 -68.64 23.17
C LEU C 243 76.97 -68.47 22.23
N SER C 244 76.74 -69.44 21.37
CA SER C 244 75.62 -69.39 20.43
C SER C 244 74.27 -69.82 21.00
N LEU C 245 74.29 -70.56 22.11
CA LEU C 245 73.08 -71.08 22.72
C LEU C 245 72.50 -70.01 23.61
N VAL C 246 73.31 -69.00 23.88
CA VAL C 246 72.98 -67.99 24.86
C VAL C 246 72.46 -66.72 24.24
N SER C 247 73.17 -66.22 23.24
CA SER C 247 72.98 -64.87 22.73
C SER C 247 71.67 -64.56 21.95
N THR C 248 70.92 -65.60 21.60
CA THR C 248 69.63 -65.43 20.93
C THR C 248 68.75 -64.84 21.98
N GLY C 249 67.88 -63.93 21.57
CA GLY C 249 67.17 -63.10 22.55
C GLY C 249 68.12 -62.04 23.07
N ASP C 250 67.58 -60.88 23.45
CA ASP C 250 68.46 -59.77 23.80
C ASP C 250 68.84 -59.86 25.27
N CYS C 251 70.14 -59.90 25.55
CA CYS C 251 70.55 -59.70 26.91
C CYS C 251 71.62 -58.63 27.09
N PRO C 252 71.53 -57.93 28.24
CA PRO C 252 72.52 -57.05 28.82
C PRO C 252 73.25 -57.58 30.05
N PHE C 253 73.29 -58.88 30.24
CA PHE C 253 73.98 -59.42 31.40
C PHE C 253 74.97 -60.50 31.05
N ILE C 254 75.33 -60.53 29.79
CA ILE C 254 76.20 -61.53 29.25
C ILE C 254 77.01 -60.92 28.13
N VAL C 255 78.30 -61.21 28.09
CA VAL C 255 79.08 -60.85 26.91
C VAL C 255 78.43 -61.62 25.77
N CYS C 256 77.87 -60.89 24.82
CA CYS C 256 77.12 -61.57 23.80
C CYS C 256 77.74 -61.63 22.41
N MET C 257 77.51 -62.77 21.79
CA MET C 257 78.15 -63.11 20.57
C MET C 257 77.34 -62.67 19.42
N SER C 258 78.02 -62.03 18.50
CA SER C 258 77.34 -61.56 17.36
C SER C 258 77.90 -62.26 16.11
N TYR C 259 79.21 -62.49 16.06
CA TYR C 259 79.70 -63.37 15.02
C TYR C 259 80.79 -64.27 15.50
N ALA C 260 81.05 -65.26 14.66
CA ALA C 260 82.15 -66.18 14.79
C ALA C 260 82.79 -66.43 13.41
N PHE C 261 84.10 -66.27 13.31
CA PHE C 261 84.83 -66.56 12.07
C PHE C 261 86.29 -66.83 12.36
N HIS C 262 86.97 -67.43 11.37
CA HIS C 262 88.42 -67.72 11.47
C HIS C 262 89.23 -67.46 10.21
N THR C 263 90.47 -66.98 10.39
CA THR C 263 91.53 -67.00 9.35
C THR C 263 92.44 -68.15 9.72
N PRO C 264 93.06 -68.80 8.72
CA PRO C 264 93.93 -69.95 8.91
C PRO C 264 94.43 -70.24 10.34
N ASP C 265 94.93 -69.23 11.08
CA ASP C 265 95.48 -69.44 12.44
C ASP C 265 94.77 -68.75 13.61
N LYS C 266 93.91 -67.79 13.32
CA LYS C 266 93.29 -67.14 14.43
C LYS C 266 91.81 -67.51 14.50
N LEU C 267 91.32 -67.73 15.72
CA LEU C 267 89.88 -67.80 16.00
C LEU C 267 89.37 -66.42 16.31
N SER C 268 88.14 -66.13 15.95
CA SER C 268 87.64 -64.85 16.33
C SER C 268 86.21 -64.88 16.83
N PHE C 269 86.02 -64.29 18.01
CA PHE C 269 84.71 -64.12 18.61
C PHE C 269 84.33 -62.68 18.61
N ILE C 270 83.40 -62.30 17.75
CA ILE C 270 82.96 -60.94 17.74
C ILE C 270 81.99 -60.78 18.86
N LEU C 271 82.38 -59.97 19.82
CA LEU C 271 81.67 -59.90 21.06
C LEU C 271 81.27 -58.52 21.41
N ASP C 272 80.42 -58.43 22.41
CA ASP C 272 79.99 -57.16 22.92
C ASP C 272 81.16 -56.44 23.56
N LEU C 273 81.24 -55.15 23.27
CA LEU C 273 82.36 -54.35 23.70
C LEU C 273 82.21 -53.94 25.16
N MET C 274 83.09 -54.49 26.00
CA MET C 274 83.06 -54.20 27.44
C MET C 274 84.39 -53.67 27.97
N ASN C 275 84.35 -52.48 28.58
CA ASN C 275 85.55 -51.66 28.84
C ASN C 275 86.25 -51.81 30.15
N GLY C 276 85.79 -51.06 31.15
CA GLY C 276 86.41 -50.97 32.49
C GLY C 276 86.52 -52.24 33.32
N GLY C 277 87.39 -53.17 32.86
CA GLY C 277 87.85 -54.34 33.61
C GLY C 277 86.83 -55.22 34.27
N ASP C 278 87.30 -55.98 35.26
CA ASP C 278 86.52 -57.01 35.95
C ASP C 278 86.24 -56.67 37.42
N LEU C 279 85.22 -57.29 38.02
CA LEU C 279 84.87 -56.98 39.40
C LEU C 279 86.03 -57.21 40.35
N HIS C 280 86.77 -58.29 40.09
CA HIS C 280 88.00 -58.59 40.81
C HIS C 280 88.92 -57.36 40.90
N TYR C 281 89.33 -56.84 39.74
CA TYR C 281 90.18 -55.66 39.70
C TYR C 281 89.61 -54.55 40.58
N HIS C 282 88.32 -54.25 40.43
CA HIS C 282 87.72 -53.13 41.15
C HIS C 282 87.49 -53.41 42.61
N LEU C 283 87.49 -54.68 42.98
CA LEU C 283 87.44 -55.07 44.37
C LEU C 283 88.76 -54.75 45.05
N SER C 284 89.84 -54.96 44.30
CA SER C 284 91.16 -54.67 44.82
C SER C 284 91.41 -53.15 44.87
N GLN C 285 90.77 -52.41 43.95
CA GLN C 285 90.97 -50.95 43.85
C GLN C 285 90.07 -50.17 44.81
N HIS C 286 88.79 -50.51 44.85
CA HIS C 286 87.89 -49.86 45.78
C HIS C 286 88.06 -50.44 47.17
N GLY C 287 88.08 -51.77 47.26
CA GLY C 287 88.04 -52.45 48.55
C GLY C 287 86.68 -53.08 48.71
N VAL C 288 86.38 -53.53 49.93
CA VAL C 288 85.09 -54.15 50.21
C VAL C 288 83.91 -53.21 49.91
N PHE C 289 82.79 -53.80 49.56
CA PHE C 289 81.66 -53.00 49.12
C PHE C 289 80.59 -52.87 50.18
N SER C 290 80.00 -51.69 50.21
CA SER C 290 78.84 -51.43 51.03
C SER C 290 77.67 -52.34 50.63
N GLU C 291 76.80 -52.63 51.58
CA GLU C 291 75.70 -53.56 51.38
C GLU C 291 74.90 -53.18 50.13
N ALA C 292 74.40 -51.95 50.12
CA ALA C 292 73.57 -51.43 49.01
C ALA C 292 74.20 -51.58 47.65
N ASP C 293 75.53 -51.51 47.61
CA ASP C 293 76.30 -51.60 46.35
C ASP C 293 76.41 -53.05 45.85
N MET C 294 76.51 -53.99 46.76
CA MET C 294 76.56 -55.37 46.39
C MET C 294 75.21 -55.73 45.79
N ARG C 295 74.16 -55.24 46.44
CA ARG C 295 72.83 -55.49 45.98
C ARG C 295 72.76 -55.26 44.48
N PHE C 296 73.19 -54.09 44.04
CA PHE C 296 73.05 -53.74 42.65
C PHE C 296 73.76 -54.73 41.81
N TYR C 297 75.00 -54.99 42.15
CA TYR C 297 75.71 -55.99 41.42
C TYR C 297 74.96 -57.31 41.42
N ALA C 298 74.53 -57.75 42.59
CA ALA C 298 73.84 -59.02 42.70
C ALA C 298 72.73 -59.11 41.67
N ALA C 299 71.78 -58.19 41.79
CA ALA C 299 70.60 -58.17 40.95
C ALA C 299 70.98 -58.56 39.53
N GLU C 300 71.84 -57.76 38.91
CA GLU C 300 72.17 -57.96 37.52
C GLU C 300 72.68 -59.36 37.33
N ILE C 301 73.54 -59.80 38.22
CA ILE C 301 74.17 -61.09 38.03
C ILE C 301 73.09 -62.13 38.05
N ILE C 302 72.11 -61.93 38.91
CA ILE C 302 71.03 -62.88 39.00
C ILE C 302 70.27 -62.91 37.69
N LEU C 303 69.85 -61.75 37.23
CA LEU C 303 69.14 -61.67 35.96
C LEU C 303 69.87 -62.45 34.91
N GLY C 304 71.18 -62.26 34.84
CA GLY C 304 72.03 -62.97 33.88
C GLY C 304 71.93 -64.48 33.99
N LEU C 305 72.09 -64.99 35.19
CA LEU C 305 71.99 -66.40 35.37
C LEU C 305 70.67 -66.89 34.85
N GLU C 306 69.59 -66.16 35.19
CA GLU C 306 68.24 -66.58 34.83
C GLU C 306 68.18 -66.88 33.34
N HIS C 307 68.58 -65.89 32.54
CA HIS C 307 68.58 -65.99 31.11
C HIS C 307 69.29 -67.24 30.70
N MET C 308 70.42 -67.52 31.34
CA MET C 308 71.21 -68.71 31.00
C MET C 308 70.42 -69.97 31.30
N HIS C 309 69.83 -70.00 32.48
CA HIS C 309 69.09 -71.15 32.93
C HIS C 309 67.87 -71.46 32.05
N ASN C 310 67.33 -70.41 31.42
CA ASN C 310 66.16 -70.52 30.54
C ASN C 310 66.50 -71.16 29.18
N ARG C 311 67.78 -71.14 28.81
CA ARG C 311 68.22 -71.82 27.61
C ARG C 311 68.85 -73.15 27.97
N PHE C 312 68.70 -73.51 29.25
CA PHE C 312 69.18 -74.78 29.80
C PHE C 312 70.72 -74.83 29.88
N VAL C 313 71.34 -73.71 30.22
CA VAL C 313 72.80 -73.58 30.28
C VAL C 313 73.32 -73.30 31.69
N VAL C 314 74.41 -73.94 32.10
CA VAL C 314 74.92 -73.70 33.43
C VAL C 314 76.31 -73.15 33.41
N TYR C 315 76.51 -72.01 34.06
CA TYR C 315 77.71 -71.23 33.91
C TYR C 315 78.90 -71.78 34.64
N ARG C 316 78.71 -72.11 35.91
CA ARG C 316 79.72 -72.82 36.70
C ARG C 316 80.91 -72.01 37.21
N ASP C 317 81.31 -70.97 36.50
CA ASP C 317 82.49 -70.22 36.93
C ASP C 317 82.13 -68.85 37.46
N LEU C 318 80.98 -68.75 38.13
CA LEU C 318 80.58 -67.48 38.66
C LEU C 318 81.65 -66.98 39.62
N LYS C 319 82.37 -65.91 39.23
CA LYS C 319 83.53 -65.42 39.99
C LYS C 319 83.85 -63.95 39.72
N PRO C 320 84.42 -63.22 40.71
CA PRO C 320 84.56 -61.77 40.62
C PRO C 320 85.16 -61.31 39.28
N ALA C 321 86.18 -62.03 38.82
CA ALA C 321 86.97 -61.68 37.63
C ALA C 321 86.28 -62.01 36.33
N ASN C 322 85.18 -62.72 36.42
CA ASN C 322 84.45 -63.01 35.22
C ASN C 322 83.32 -62.03 35.01
N ILE C 323 83.24 -61.03 35.89
CA ILE C 323 82.22 -60.02 35.73
C ILE C 323 82.82 -58.72 35.27
N LEU C 324 82.49 -58.35 34.04
CA LEU C 324 83.05 -57.19 33.37
C LEU C 324 82.19 -55.95 33.57
N LEU C 325 82.78 -54.79 33.31
CA LEU C 325 82.03 -53.54 33.34
C LEU C 325 82.16 -52.77 32.03
N ASP C 326 81.08 -52.09 31.65
CA ASP C 326 81.09 -51.13 30.53
C ASP C 326 81.44 -49.78 31.10
N GLU C 327 81.69 -48.81 30.23
CA GLU C 327 82.00 -47.48 30.69
C GLU C 327 80.96 -46.93 31.69
N HIS C 328 79.67 -47.22 31.47
CA HIS C 328 78.60 -46.58 32.26
C HIS C 328 78.41 -47.14 33.65
N GLY C 329 78.97 -48.32 33.89
CA GLY C 329 79.08 -48.89 35.25
C GLY C 329 78.28 -50.13 35.52
N HIS C 330 77.61 -50.65 34.49
CA HIS C 330 76.86 -51.87 34.62
C HIS C 330 77.73 -53.08 34.33
N VAL C 331 77.15 -54.26 34.38
CA VAL C 331 77.95 -55.44 34.31
C VAL C 331 77.31 -56.51 33.52
N ARG C 332 78.14 -57.50 33.19
CA ARG C 332 77.75 -58.70 32.46
C ARG C 332 78.62 -59.87 32.93
N ILE C 333 78.22 -61.08 32.59
CA ILE C 333 79.04 -62.21 32.88
C ILE C 333 79.85 -62.46 31.60
N SER C 334 80.92 -63.27 31.64
CA SER C 334 81.90 -63.33 30.51
C SER C 334 82.39 -64.66 29.85
N ASP C 335 83.11 -65.45 30.61
CA ASP C 335 83.82 -66.54 30.01
C ASP C 335 82.92 -67.74 30.09
N LEU C 336 82.38 -68.14 28.96
CA LEU C 336 81.47 -69.27 29.00
C LEU C 336 82.17 -70.62 28.91
N GLY C 337 83.45 -70.56 28.53
CA GLY C 337 84.25 -71.74 28.30
C GLY C 337 83.89 -72.82 29.29
N LEU C 338 83.82 -72.45 30.55
CA LEU C 338 83.65 -73.43 31.58
C LEU C 338 82.18 -73.64 31.88
N ALA C 339 81.34 -73.60 30.85
CA ALA C 339 79.91 -73.79 31.05
C ALA C 339 79.36 -75.00 30.31
N CYS C 340 78.12 -75.37 30.61
CA CYS C 340 77.53 -76.59 30.05
C CYS C 340 76.03 -76.59 29.75
N ASP C 341 75.67 -77.32 28.69
CA ASP C 341 74.28 -77.56 28.26
C ASP C 341 73.74 -78.78 29.01
N PHE C 342 72.66 -78.59 29.76
CA PHE C 342 72.07 -79.73 30.48
C PHE C 342 70.70 -80.21 29.94
N SER C 343 70.37 -79.80 28.72
CA SER C 343 69.06 -80.10 28.11
C SER C 343 68.78 -81.58 28.07
N LYS C 344 69.79 -82.37 27.72
CA LYS C 344 69.66 -83.83 27.67
C LYS C 344 70.63 -84.56 28.62
N LYS C 345 71.88 -84.09 28.64
CA LYS C 345 72.93 -84.71 29.47
C LYS C 345 73.47 -83.78 30.57
N LYS C 346 73.02 -84.04 31.79
CA LYS C 346 73.43 -83.32 32.98
C LYS C 346 74.86 -83.74 33.37
N PRO C 347 75.71 -82.77 33.74
CA PRO C 347 77.13 -83.08 33.97
C PRO C 347 77.47 -83.60 35.37
N HIS C 348 78.58 -84.33 35.48
CA HIS C 348 78.99 -84.83 36.79
C HIS C 348 80.38 -84.30 37.11
N ALA C 349 80.99 -83.67 36.11
CA ALA C 349 82.35 -83.18 36.18
C ALA C 349 82.58 -82.16 37.29
N SER C 350 83.86 -81.89 37.56
CA SER C 350 84.29 -80.93 38.59
C SER C 350 84.97 -79.71 37.96
N VAL C 351 84.15 -78.78 37.50
CA VAL C 351 84.59 -77.61 36.72
C VAL C 351 84.27 -76.27 37.43
N GLY C 352 85.28 -75.41 37.55
CA GLY C 352 85.13 -74.13 38.24
C GLY C 352 86.42 -73.78 38.96
N THR C 353 86.47 -72.58 39.52
CA THR C 353 87.61 -72.18 40.38
C THR C 353 87.33 -72.62 41.81
N HIS C 354 88.37 -73.08 42.50
CA HIS C 354 88.14 -73.91 43.68
C HIS C 354 87.35 -73.28 44.87
N GLY C 355 87.37 -71.96 44.99
CA GLY C 355 86.66 -71.29 46.08
C GLY C 355 85.14 -71.39 46.01
N TYR C 356 84.64 -71.35 44.79
CA TYR C 356 83.21 -71.21 44.57
C TYR C 356 82.58 -72.37 43.81
N MET C 357 82.49 -73.51 44.46
CA MET C 357 81.83 -74.64 43.84
C MET C 357 80.89 -75.34 44.82
N ALA C 358 79.72 -75.74 44.29
CA ALA C 358 78.70 -76.45 45.06
C ALA C 358 79.09 -77.88 45.35
N PRO C 359 78.62 -78.43 46.47
CA PRO C 359 78.91 -79.80 46.82
C PRO C 359 78.68 -80.76 45.67
N GLU C 360 77.67 -80.47 44.85
CA GLU C 360 77.32 -81.35 43.73
C GLU C 360 78.43 -81.48 42.67
N VAL C 361 79.05 -80.35 42.33
CA VAL C 361 80.12 -80.32 41.34
C VAL C 361 81.29 -81.15 41.88
N LEU C 362 81.74 -80.78 43.07
CA LEU C 362 82.93 -81.32 43.72
C LEU C 362 82.96 -82.86 43.75
N GLN C 363 81.79 -83.47 43.93
CA GLN C 363 81.70 -84.91 44.10
C GLN C 363 81.85 -85.64 42.77
N LYS C 364 82.53 -86.78 42.84
CA LYS C 364 82.74 -87.67 41.69
C LYS C 364 81.51 -88.56 41.39
N GLY C 365 80.68 -88.12 40.44
CA GLY C 365 79.53 -88.92 39.98
C GLY C 365 78.16 -88.29 40.13
N VAL C 366 78.05 -87.28 40.99
CA VAL C 366 76.76 -86.66 41.32
C VAL C 366 76.35 -85.66 40.24
N ALA C 367 75.12 -85.85 39.73
CA ALA C 367 74.55 -85.03 38.67
C ALA C 367 73.78 -83.80 39.19
N TYR C 368 74.07 -82.65 38.59
CA TYR C 368 73.51 -81.38 39.01
C TYR C 368 72.98 -80.58 37.81
N ASP C 369 72.24 -79.51 38.11
CA ASP C 369 71.75 -78.52 37.11
C ASP C 369 72.23 -77.06 37.35
N SER C 370 71.31 -76.11 37.24
CA SER C 370 71.57 -74.74 37.59
C SER C 370 72.14 -74.56 39.02
N SER C 371 71.60 -75.29 40.00
CA SER C 371 71.94 -75.21 41.43
C SER C 371 73.35 -74.77 41.81
N ALA C 372 74.33 -75.27 41.08
CA ALA C 372 75.72 -74.98 41.34
C ALA C 372 76.10 -73.53 41.11
N ASP C 373 75.38 -72.87 40.19
CA ASP C 373 75.57 -71.44 39.96
C ASP C 373 75.14 -70.66 41.19
N TRP C 374 73.96 -71.00 41.71
CA TRP C 374 73.33 -70.30 42.84
C TRP C 374 74.22 -70.28 44.03
N PHE C 375 74.88 -71.42 44.23
CA PHE C 375 75.92 -71.53 45.23
C PHE C 375 77.05 -70.60 44.82
N SER C 376 77.68 -70.92 43.70
CA SER C 376 78.81 -70.14 43.21
C SER C 376 78.49 -68.68 43.50
N LEU C 377 77.29 -68.28 43.14
CA LEU C 377 76.83 -66.90 43.34
C LEU C 377 77.11 -66.44 44.74
N GLY C 378 76.41 -67.05 45.70
CA GLY C 378 76.51 -66.63 47.07
C GLY C 378 77.95 -66.39 47.38
N CYS C 379 78.77 -67.34 46.98
CA CYS C 379 80.15 -67.29 47.33
C CYS C 379 80.75 -66.01 46.86
N MET C 380 80.48 -65.69 45.62
CA MET C 380 81.07 -64.51 45.06
C MET C 380 80.52 -63.28 45.78
N LEU C 381 79.21 -63.26 45.98
CA LEU C 381 78.57 -62.13 46.62
C LEU C 381 79.21 -61.91 47.97
N PHE C 382 79.31 -63.00 48.71
CA PHE C 382 79.99 -62.98 49.98
C PHE C 382 81.26 -62.20 49.80
N LYS C 383 82.08 -62.65 48.85
CA LYS C 383 83.45 -62.12 48.67
C LYS C 383 83.43 -60.60 48.52
N LEU C 384 82.39 -60.09 47.86
CA LEU C 384 82.29 -58.64 47.63
C LEU C 384 82.12 -57.88 48.93
N LEU C 385 81.56 -58.54 49.93
CA LEU C 385 81.35 -57.88 51.20
C LEU C 385 82.54 -58.03 52.12
N ARG C 386 83.26 -59.14 52.02
CA ARG C 386 84.26 -59.54 53.04
C ARG C 386 85.74 -59.52 52.62
N GLY C 387 85.99 -59.62 51.33
CA GLY C 387 87.35 -59.62 50.81
C GLY C 387 87.81 -60.98 50.37
N HIS C 388 87.38 -62.01 51.07
CA HIS C 388 87.75 -63.35 50.65
C HIS C 388 86.60 -64.28 50.25
N SER C 389 86.94 -65.33 49.52
CA SER C 389 86.05 -66.48 49.25
C SER C 389 85.57 -67.05 50.60
N PRO C 390 84.41 -67.70 50.64
CA PRO C 390 83.81 -68.04 51.93
C PRO C 390 84.50 -69.14 52.73
N PHE C 391 85.26 -69.97 52.03
CA PHE C 391 85.94 -71.08 52.66
C PHE C 391 87.45 -70.87 52.72
N ARG C 392 87.91 -69.81 52.06
CA ARG C 392 89.34 -69.47 51.95
C ARG C 392 89.85 -68.62 53.14
N GLN C 393 90.19 -69.29 54.25
CA GLN C 393 90.80 -68.64 55.42
C GLN C 393 92.34 -68.71 55.34
N HIS C 394 92.81 -68.31 54.15
CA HIS C 394 94.21 -68.28 53.71
C HIS C 394 94.96 -69.63 53.63
N LYS C 395 94.60 -70.41 52.60
CA LYS C 395 95.41 -71.52 52.10
C LYS C 395 95.56 -71.31 50.59
N THR C 396 96.80 -71.11 50.14
CA THR C 396 97.12 -70.65 48.75
C THR C 396 96.79 -71.65 47.62
N LYS C 397 97.45 -72.82 47.69
CA LYS C 397 97.37 -73.93 46.71
C LYS C 397 96.69 -75.21 47.26
N ASP C 398 96.52 -75.30 48.59
CA ASP C 398 95.83 -76.44 49.22
C ASP C 398 94.32 -76.42 48.97
N LYS C 399 93.93 -77.11 47.89
CA LYS C 399 92.57 -77.12 47.34
C LYS C 399 91.62 -77.90 48.25
N HIS C 400 92.15 -78.95 48.89
CA HIS C 400 91.37 -79.89 49.70
C HIS C 400 90.78 -79.30 50.98
N GLU C 401 91.37 -78.19 51.45
CA GLU C 401 90.91 -77.48 52.67
C GLU C 401 89.74 -76.52 52.40
N ILE C 402 89.66 -76.06 51.15
CA ILE C 402 88.53 -75.27 50.66
C ILE C 402 87.35 -76.21 50.34
N ASP C 403 87.68 -77.45 49.95
CA ASP C 403 86.72 -78.46 49.54
C ASP C 403 86.04 -79.16 50.73
N ARG C 404 86.80 -79.36 51.82
CA ARG C 404 86.24 -79.96 53.04
C ARG C 404 85.53 -78.93 53.95
N MET C 405 85.95 -77.66 53.87
CA MET C 405 85.25 -76.60 54.58
C MET C 405 83.86 -76.52 53.99
N THR C 406 83.77 -76.73 52.67
CA THR C 406 82.49 -76.75 51.90
C THR C 406 81.53 -77.81 52.44
N LEU C 407 82.04 -79.03 52.62
CA LEU C 407 81.20 -80.21 52.89
C LEU C 407 80.72 -80.39 54.35
N THR C 408 81.56 -80.02 55.33
CA THR C 408 81.16 -80.13 56.75
C THR C 408 80.57 -78.83 57.32
N MET C 409 80.87 -77.69 56.68
CA MET C 409 80.48 -76.40 57.24
C MET C 409 79.69 -75.46 56.25
N ALA C 410 78.60 -74.87 56.73
CA ALA C 410 78.03 -73.62 56.14
C ALA C 410 78.41 -72.49 57.12
N VAL C 411 79.32 -71.61 56.69
CA VAL C 411 80.12 -70.72 57.60
C VAL C 411 79.32 -69.66 58.40
N GLU C 412 79.70 -69.45 59.67
CA GLU C 412 79.07 -68.45 60.52
C GLU C 412 79.46 -67.02 60.11
N LEU C 413 78.51 -66.09 60.24
CA LEU C 413 78.58 -64.72 59.66
C LEU C 413 78.38 -63.60 60.69
N PRO C 414 79.19 -62.51 60.62
CA PRO C 414 79.22 -61.41 61.61
C PRO C 414 77.93 -60.61 61.80
N ASP C 415 77.97 -59.67 62.75
CA ASP C 415 76.83 -58.85 63.17
C ASP C 415 76.63 -57.59 62.35
N SER C 416 77.54 -57.35 61.42
CA SER C 416 77.51 -56.13 60.61
C SER C 416 76.48 -56.21 59.47
N PHE C 417 75.98 -57.42 59.19
CA PHE C 417 74.97 -57.60 58.16
C PHE C 417 73.59 -57.49 58.75
N SER C 418 72.66 -57.12 57.88
CA SER C 418 71.25 -57.11 58.26
C SER C 418 70.76 -58.54 58.36
N PRO C 419 69.74 -58.78 59.22
CA PRO C 419 69.10 -60.08 59.36
C PRO C 419 68.49 -60.52 58.05
N GLU C 420 68.39 -59.57 57.13
CA GLU C 420 67.79 -59.80 55.84
C GLU C 420 68.80 -60.37 54.86
N LEU C 421 70.02 -59.82 54.91
CA LEU C 421 71.14 -60.28 54.09
C LEU C 421 71.61 -61.61 54.60
N ARG C 422 71.53 -61.74 55.91
CA ARG C 422 71.92 -62.94 56.57
C ARG C 422 71.15 -64.14 56.02
N SER C 423 69.85 -64.02 55.88
CA SER C 423 69.05 -65.16 55.43
C SER C 423 69.22 -65.46 53.95
N LEU C 424 69.64 -64.46 53.17
CA LEU C 424 69.88 -64.66 51.74
C LEU C 424 71.14 -65.47 51.52
N LEU C 425 72.16 -65.21 52.33
CA LEU C 425 73.41 -65.94 52.16
C LEU C 425 73.31 -67.32 52.77
N GLU C 426 72.68 -67.40 53.94
CA GLU C 426 72.52 -68.65 54.67
C GLU C 426 71.61 -69.63 53.96
N GLY C 427 70.74 -69.12 53.10
CA GLY C 427 69.88 -69.97 52.28
C GLY C 427 70.51 -70.40 50.95
N LEU C 428 71.48 -69.62 50.48
CA LEU C 428 72.18 -69.95 49.26
C LEU C 428 73.16 -71.06 49.53
N LEU C 429 73.90 -70.92 50.62
CA LEU C 429 75.01 -71.82 50.93
C LEU C 429 74.65 -73.03 51.82
N GLN C 430 73.61 -73.74 51.36
CA GLN C 430 73.15 -75.01 51.91
C GLN C 430 73.83 -76.12 51.13
N ARG C 431 74.51 -77.01 51.84
CA ARG C 431 75.23 -78.07 51.16
C ARG C 431 74.30 -79.14 50.64
N ASP C 432 73.00 -78.95 50.84
CA ASP C 432 71.99 -79.79 50.22
C ASP C 432 71.51 -79.16 48.92
N VAL C 433 71.17 -80.02 47.96
CA VAL C 433 70.57 -79.59 46.69
C VAL C 433 69.17 -79.07 46.95
N ASN C 434 68.41 -79.85 47.70
CA ASN C 434 66.98 -79.63 47.94
C ASN C 434 66.68 -78.34 48.71
N ARG C 435 67.39 -78.13 49.82
CA ARG C 435 67.06 -77.04 50.73
C ARG C 435 67.53 -75.63 50.30
N ARG C 436 68.29 -75.51 49.21
CA ARG C 436 68.86 -74.20 48.82
C ARG C 436 68.00 -73.33 47.86
N LEU C 437 68.27 -72.03 47.86
CA LEU C 437 67.56 -71.10 47.01
C LEU C 437 67.93 -71.34 45.60
N GLY C 438 66.90 -71.32 44.75
CA GLY C 438 67.06 -71.45 43.31
C GLY C 438 66.92 -72.89 42.82
N CYS C 439 66.35 -73.75 43.68
CA CYS C 439 66.34 -75.16 43.37
C CYS C 439 64.95 -75.73 43.20
N LEU C 440 64.35 -76.12 44.32
CA LEU C 440 63.14 -76.96 44.27
C LEU C 440 61.91 -76.29 43.65
N GLY C 441 61.91 -74.95 43.59
CA GLY C 441 60.76 -74.25 43.06
C GLY C 441 60.97 -73.60 41.70
N ARG C 442 60.52 -72.34 41.61
CA ARG C 442 60.50 -71.55 40.37
C ARG C 442 61.88 -71.33 39.78
N GLY C 443 62.91 -71.64 40.56
CA GLY C 443 64.30 -71.52 40.13
C GLY C 443 64.78 -70.10 40.29
N ALA C 444 65.07 -69.47 39.15
CA ALA C 444 65.53 -68.09 39.09
C ALA C 444 64.74 -67.11 40.00
N GLN C 445 63.44 -67.32 40.09
CA GLN C 445 62.62 -66.38 40.79
C GLN C 445 62.68 -66.54 42.31
N GLU C 446 62.90 -67.75 42.78
CA GLU C 446 62.99 -68.02 44.21
C GLU C 446 63.88 -66.98 44.87
N VAL C 447 65.01 -66.70 44.20
CA VAL C 447 66.01 -65.75 44.66
C VAL C 447 65.51 -64.34 44.63
N LYS C 448 64.82 -63.99 43.55
CA LYS C 448 64.29 -62.64 43.38
C LYS C 448 63.44 -62.19 44.58
N GLU C 449 62.93 -63.12 45.37
CA GLU C 449 61.95 -62.78 46.37
C GLU C 449 62.46 -62.66 47.81
N SER C 450 63.57 -63.32 48.14
CA SER C 450 64.10 -63.27 49.52
C SER C 450 64.34 -61.84 49.99
N PRO C 451 63.84 -61.54 51.19
CA PRO C 451 63.73 -60.19 51.74
C PRO C 451 64.88 -59.21 51.50
N PHE C 452 66.04 -59.68 51.09
CA PHE C 452 67.08 -58.72 50.75
C PHE C 452 66.69 -57.84 49.55
N PHE C 453 65.87 -58.39 48.65
CA PHE C 453 65.52 -57.73 47.39
C PHE C 453 64.12 -57.15 47.41
N ARG C 454 63.60 -56.97 48.62
CA ARG C 454 62.29 -56.41 48.84
C ARG C 454 62.17 -55.00 48.26
N SER C 455 63.29 -54.25 48.30
CA SER C 455 63.34 -52.81 47.93
C SER C 455 63.59 -52.54 46.44
N LEU C 456 63.39 -53.57 45.60
CA LEU C 456 63.56 -53.46 44.15
C LEU C 456 62.38 -53.98 43.30
N ASP C 457 61.97 -53.14 42.34
CA ASP C 457 61.07 -53.57 41.28
C ASP C 457 61.96 -54.22 40.25
N TRP C 458 61.61 -55.45 39.91
CA TRP C 458 62.54 -56.31 39.18
C TRP C 458 62.71 -56.05 37.70
N GLN C 459 61.71 -55.44 37.11
CA GLN C 459 61.88 -54.99 35.76
C GLN C 459 62.76 -53.73 35.69
N MET C 460 62.83 -52.94 36.77
CA MET C 460 63.73 -51.75 36.84
C MET C 460 65.22 -52.07 36.62
N VAL C 461 65.68 -53.24 37.11
CA VAL C 461 67.07 -53.68 36.91
C VAL C 461 67.25 -54.17 35.49
N PHE C 462 66.18 -54.77 34.98
CA PHE C 462 66.11 -55.28 33.62
C PHE C 462 66.31 -54.17 32.57
N LEU C 463 65.85 -52.98 32.92
CA LEU C 463 66.07 -51.78 32.10
C LEU C 463 67.42 -51.13 32.35
N GLN C 464 68.09 -51.55 33.44
CA GLN C 464 69.32 -50.93 33.92
C GLN C 464 69.06 -49.48 34.29
N LYS C 465 67.84 -49.23 34.74
CA LYS C 465 67.45 -47.91 35.16
C LYS C 465 68.00 -47.51 36.56
N TYR C 466 68.67 -48.43 37.26
CA TYR C 466 69.30 -48.09 38.55
C TYR C 466 70.70 -47.50 38.36
N PRO C 467 71.19 -46.81 39.38
CA PRO C 467 72.53 -46.28 39.31
C PRO C 467 73.58 -47.24 39.81
N PRO C 468 74.73 -47.23 39.14
CA PRO C 468 75.79 -48.11 39.54
C PRO C 468 76.65 -47.45 40.58
N PRO C 469 77.18 -48.25 41.48
CA PRO C 469 78.14 -47.81 42.46
C PRO C 469 79.46 -47.33 41.85
N LEU C 470 80.00 -48.03 40.85
CA LEU C 470 81.33 -47.67 40.36
C LEU C 470 81.47 -47.38 38.87
N ILE C 471 81.58 -46.07 38.54
CA ILE C 471 81.92 -45.56 37.21
C ILE C 471 83.45 -45.65 37.08
N PRO C 472 83.97 -46.53 36.18
CA PRO C 472 85.42 -46.77 36.06
C PRO C 472 86.15 -45.62 35.36
N PRO C 473 87.26 -45.11 35.96
CA PRO C 473 88.00 -43.93 35.44
C PRO C 473 88.60 -44.06 34.01
N ARG C 474 89.20 -42.96 33.53
CA ARG C 474 89.56 -42.78 32.08
C ARG C 474 90.73 -43.67 31.56
N GLY C 475 90.42 -44.93 31.17
CA GLY C 475 91.41 -45.96 30.80
C GLY C 475 92.41 -45.58 29.72
N LYS C 494 105.73 -68.87 20.94
CA LYS C 494 106.13 -70.25 20.67
C LYS C 494 106.15 -70.60 19.17
N GLY C 495 107.17 -71.38 18.75
CA GLY C 495 107.42 -71.76 17.34
C GLY C 495 107.11 -73.20 16.92
N ILE C 496 105.87 -73.64 17.17
CA ILE C 496 105.32 -74.95 16.73
C ILE C 496 104.36 -74.75 15.53
N LYS C 497 104.40 -75.68 14.56
CA LYS C 497 103.50 -75.60 13.40
C LYS C 497 102.17 -76.41 13.52
N LEU C 498 101.36 -76.40 12.46
CA LEU C 498 99.92 -76.69 12.54
C LEU C 498 99.34 -77.59 11.42
N LEU C 499 98.82 -78.75 11.81
CA LEU C 499 98.33 -79.78 10.86
C LEU C 499 97.02 -79.46 10.12
N ASP C 500 96.61 -80.41 9.29
CA ASP C 500 95.30 -80.39 8.66
C ASP C 500 94.25 -81.02 9.54
N SER C 501 94.66 -82.04 10.30
CA SER C 501 93.79 -82.74 11.27
C SER C 501 93.27 -81.83 12.37
N ASP C 502 94.01 -80.76 12.66
CA ASP C 502 93.58 -79.79 13.65
C ASP C 502 92.68 -78.74 12.99
N GLN C 503 92.96 -78.45 11.72
CA GLN C 503 92.22 -77.46 10.94
C GLN C 503 90.76 -77.83 10.70
N GLU C 504 90.47 -79.13 10.62
CA GLU C 504 89.11 -79.60 10.43
C GLU C 504 88.30 -79.70 11.72
N LEU C 505 88.86 -79.22 12.82
CA LEU C 505 88.06 -79.02 14.02
C LEU C 505 87.41 -77.65 13.97
N TYR C 506 87.76 -76.86 12.96
CA TYR C 506 87.33 -75.47 12.87
C TYR C 506 86.45 -75.07 11.64
N ARG C 507 86.02 -76.04 10.85
CA ARG C 507 84.87 -75.84 9.97
C ARG C 507 83.71 -76.22 10.85
N ASN C 508 82.53 -75.70 10.54
CA ASN C 508 81.40 -75.76 11.46
C ASN C 508 81.68 -74.98 12.76
N PHE C 509 82.38 -73.86 12.59
CA PHE C 509 82.65 -72.89 13.64
C PHE C 509 82.15 -71.54 13.14
N PRO C 510 82.48 -71.17 11.88
CA PRO C 510 81.99 -69.88 11.38
C PRO C 510 80.50 -69.72 11.62
N LEU C 511 80.12 -68.56 12.17
CA LEU C 511 78.75 -68.37 12.63
C LEU C 511 78.26 -66.91 12.65
N THR C 512 76.97 -66.72 12.32
CA THR C 512 76.30 -65.41 12.28
C THR C 512 74.83 -65.45 12.86
N ILE C 513 74.53 -65.16 14.17
CA ILE C 513 73.13 -65.31 14.76
C ILE C 513 72.13 -64.29 14.29
N SER C 514 71.40 -64.74 13.28
CA SER C 514 70.49 -63.94 12.49
C SER C 514 70.04 -62.64 13.17
N GLU C 515 69.14 -62.77 14.13
CA GLU C 515 68.61 -61.62 14.81
C GLU C 515 69.68 -60.55 15.10
N ARG C 516 70.77 -60.90 15.78
CA ARG C 516 71.79 -59.93 16.22
C ARG C 516 72.26 -59.11 15.07
N TRP C 517 72.56 -59.79 13.99
CA TRP C 517 73.08 -59.09 12.84
C TRP C 517 72.07 -58.07 12.39
N GLN C 518 70.83 -58.50 12.23
CA GLN C 518 69.77 -57.60 11.78
C GLN C 518 69.78 -56.29 12.57
N GLN C 519 69.66 -56.43 13.88
CA GLN C 519 69.77 -55.29 14.79
C GLN C 519 70.89 -54.38 14.36
N GLU C 520 72.11 -54.87 14.47
CA GLU C 520 73.28 -54.11 14.10
C GLU C 520 73.04 -53.27 12.85
N VAL C 521 72.58 -53.89 11.78
CA VAL C 521 72.38 -53.19 10.52
C VAL C 521 71.45 -52.01 10.68
N ALA C 522 70.33 -52.26 11.35
CA ALA C 522 69.20 -51.32 11.45
C ALA C 522 69.42 -50.07 12.33
N GLU C 523 70.45 -50.09 13.15
CA GLU C 523 70.72 -48.97 14.00
C GLU C 523 71.56 -47.98 13.21
N THR C 524 72.30 -48.47 12.21
CA THR C 524 73.31 -47.64 11.54
C THR C 524 73.22 -47.46 10.03
N VAL C 525 73.14 -48.53 9.25
CA VAL C 525 73.22 -48.33 7.79
C VAL C 525 71.99 -48.69 7.02
N PHE C 526 71.17 -49.58 7.56
CA PHE C 526 70.01 -50.08 6.85
C PHE C 526 69.31 -48.98 6.04
N ASP C 527 69.05 -47.85 6.71
CA ASP C 527 68.25 -46.76 6.14
C ASP C 527 68.92 -46.10 4.94
N THR C 528 70.14 -45.59 5.10
CA THR C 528 70.85 -44.92 3.97
C THR C 528 71.38 -45.88 2.90
N ILE C 529 71.30 -47.19 3.14
CA ILE C 529 71.71 -48.17 2.13
C ILE C 529 70.49 -48.58 1.30
N ASN C 530 69.31 -48.46 1.90
CA ASN C 530 68.06 -48.65 1.18
C ASN C 530 67.84 -47.64 0.09
N ALA C 531 68.02 -46.36 0.43
CA ALA C 531 67.76 -45.25 -0.50
C ALA C 531 68.86 -45.06 -1.55
N GLU C 532 70.05 -45.54 -1.23
CA GLU C 532 71.19 -45.51 -2.13
C GLU C 532 71.02 -46.52 -3.25
N THR C 533 70.56 -47.72 -2.89
CA THR C 533 70.27 -48.72 -3.90
C THR C 533 69.00 -48.36 -4.68
N ASP C 534 68.02 -47.73 -4.03
CA ASP C 534 66.84 -47.23 -4.74
C ASP C 534 67.26 -46.24 -5.83
N ARG C 535 68.38 -45.56 -5.58
CA ARG C 535 68.99 -44.65 -6.57
C ARG C 535 69.76 -45.39 -7.66
N LEU C 536 70.44 -46.48 -7.31
CA LEU C 536 71.16 -47.28 -8.29
C LEU C 536 70.24 -48.12 -9.18
N GLU C 537 69.03 -48.40 -8.69
CA GLU C 537 68.06 -49.24 -9.40
C GLU C 537 67.15 -48.43 -10.34
N ALA C 538 66.98 -47.15 -10.02
CA ALA C 538 66.28 -46.20 -10.89
C ALA C 538 67.16 -45.66 -12.03
N ARG C 539 68.48 -45.75 -11.86
CA ARG C 539 69.48 -45.41 -12.90
C ARG C 539 69.71 -46.56 -13.87
N LYS C 540 69.44 -47.79 -13.40
CA LYS C 540 69.62 -49.01 -14.20
C LYS C 540 68.47 -49.19 -15.19
N LYS C 541 67.31 -48.65 -14.81
CA LYS C 541 66.10 -48.69 -15.63
C LYS C 541 66.11 -47.63 -16.76
N THR C 542 66.82 -46.52 -16.53
CA THR C 542 66.95 -45.43 -17.53
C THR C 542 67.88 -45.77 -18.72
N LYS C 543 68.80 -46.74 -18.56
CA LYS C 543 69.59 -47.26 -19.70
C LYS C 543 69.08 -48.63 -20.19
N ASN C 544 67.79 -48.89 -19.94
CA ASN C 544 67.03 -49.99 -20.55
C ASN C 544 65.73 -49.45 -21.19
N LYS C 545 65.83 -48.28 -21.82
CA LYS C 545 64.68 -47.58 -22.41
C LYS C 545 65.03 -46.86 -23.74
N GLN C 546 66.32 -46.90 -24.13
CA GLN C 546 66.78 -46.28 -25.40
C GLN C 546 67.75 -47.15 -26.24
N LEU C 547 68.44 -48.10 -25.61
CA LEU C 547 69.40 -49.02 -26.27
C LEU C 547 68.69 -50.01 -27.21
N GLY C 548 67.48 -50.41 -26.81
CA GLY C 548 66.82 -51.60 -27.32
C GLY C 548 66.42 -52.40 -26.09
N HIS C 549 65.23 -52.10 -25.56
CA HIS C 549 64.77 -52.61 -24.25
C HIS C 549 64.78 -54.14 -24.12
N GLU C 550 65.47 -54.65 -23.10
CA GLU C 550 65.50 -56.08 -22.81
C GLU C 550 64.11 -56.59 -22.41
N GLU C 551 63.24 -56.81 -23.41
CA GLU C 551 61.85 -57.29 -23.21
C GLU C 551 61.82 -58.73 -22.70
N ASP C 552 61.41 -58.86 -21.43
CA ASP C 552 61.69 -60.02 -20.58
C ASP C 552 60.91 -61.27 -21.00
N TYR C 553 61.67 -62.34 -21.20
CA TYR C 553 61.24 -63.54 -21.93
C TYR C 553 61.21 -64.76 -20.99
N ALA C 554 61.55 -64.49 -19.72
CA ALA C 554 61.42 -65.44 -18.60
C ALA C 554 60.05 -65.36 -17.91
N LEU C 555 59.42 -64.18 -17.95
CA LEU C 555 58.09 -63.94 -17.36
C LEU C 555 56.95 -64.39 -18.29
N GLY C 556 57.30 -65.12 -19.35
CA GLY C 556 56.31 -65.60 -20.30
C GLY C 556 56.16 -67.10 -20.37
N LYS C 557 57.18 -67.82 -19.91
CA LYS C 557 57.18 -69.30 -19.99
C LYS C 557 57.06 -69.98 -18.64
N ASP C 558 56.61 -71.25 -18.64
CA ASP C 558 56.55 -72.08 -17.43
C ASP C 558 57.96 -72.49 -16.98
N CYS C 559 58.77 -71.46 -16.76
CA CYS C 559 60.15 -71.54 -16.35
C CYS C 559 60.25 -72.05 -14.91
N ILE C 560 61.47 -72.19 -14.39
CA ILE C 560 61.69 -72.66 -13.01
C ILE C 560 62.52 -71.69 -12.10
N MET C 561 63.47 -70.96 -12.68
CA MET C 561 64.39 -70.11 -11.90
C MET C 561 65.33 -69.37 -12.83
N HIS C 562 65.84 -68.22 -12.40
CA HIS C 562 66.85 -67.52 -13.19
C HIS C 562 67.81 -66.70 -12.34
N GLY C 563 69.10 -67.01 -12.43
CA GLY C 563 70.12 -66.36 -11.58
C GLY C 563 71.47 -66.18 -12.26
N TYR C 564 72.41 -65.58 -11.55
CA TYR C 564 73.70 -65.27 -12.13
C TYR C 564 74.75 -66.33 -11.84
N MET C 565 75.54 -66.69 -12.87
CA MET C 565 76.63 -67.70 -12.79
C MET C 565 77.83 -67.46 -13.73
N SER C 566 78.94 -68.16 -13.49
CA SER C 566 80.14 -68.14 -14.36
C SER C 566 80.42 -69.53 -14.93
N LYS C 567 81.01 -69.59 -16.12
CA LYS C 567 81.32 -70.88 -16.77
C LYS C 567 82.70 -70.80 -17.39
N MET C 568 83.20 -71.93 -17.88
CA MET C 568 84.62 -72.04 -18.21
C MET C 568 85.00 -72.54 -19.63
N GLY C 569 86.17 -72.10 -20.12
CA GLY C 569 86.80 -72.59 -21.36
C GLY C 569 88.24 -72.10 -21.44
N ASN C 570 89.20 -73.00 -21.45
CA ASN C 570 90.60 -72.62 -21.31
C ASN C 570 91.16 -71.89 -22.52
N THR C 574 92.59 -70.13 -18.99
CA THR C 574 91.57 -70.26 -17.94
C THR C 574 90.92 -68.93 -17.49
N GLN C 575 89.87 -68.54 -18.21
CA GLN C 575 89.11 -67.33 -17.94
C GLN C 575 87.82 -67.69 -17.19
N TRP C 576 87.17 -66.68 -16.63
CA TRP C 576 85.82 -66.83 -16.13
C TRP C 576 84.90 -65.81 -16.85
N GLN C 577 84.03 -66.28 -17.73
CA GLN C 577 83.03 -65.38 -18.31
C GLN C 577 81.74 -65.46 -17.52
N ARG C 578 81.20 -64.30 -17.18
CA ARG C 578 80.01 -64.16 -16.34
C ARG C 578 78.72 -64.01 -17.18
N ARG C 579 77.83 -65.01 -17.07
CA ARG C 579 76.62 -65.07 -17.92
C ARG C 579 75.35 -65.22 -17.09
N TYR C 580 74.20 -64.99 -17.73
CA TYR C 580 72.90 -65.08 -17.06
C TYR C 580 72.06 -66.26 -17.54
N PHE C 581 71.74 -67.18 -16.64
CA PHE C 581 71.16 -68.46 -17.04
C PHE C 581 69.69 -68.54 -16.78
N TYR C 582 69.03 -69.36 -17.59
CA TYR C 582 67.59 -69.51 -17.56
C TYR C 582 67.30 -71.02 -17.51
N LEU C 583 66.62 -71.48 -16.46
CA LEU C 583 66.36 -72.91 -16.29
C LEU C 583 64.90 -73.37 -16.52
N PHE C 584 64.67 -74.04 -17.65
CA PHE C 584 63.37 -74.67 -18.00
C PHE C 584 63.46 -76.18 -17.63
N PRO C 585 62.31 -76.89 -17.47
CA PRO C 585 62.37 -78.30 -17.04
C PRO C 585 62.98 -79.33 -18.02
N ASN C 586 63.58 -78.86 -19.11
CA ASN C 586 64.25 -79.74 -20.07
C ASN C 586 65.53 -79.17 -20.70
N ARG C 587 65.83 -77.89 -20.43
CA ARG C 587 67.00 -77.19 -20.98
C ARG C 587 67.60 -76.16 -20.02
N LEU C 588 68.82 -75.71 -20.28
CA LEU C 588 69.40 -74.56 -19.57
C LEU C 588 70.05 -73.57 -20.53
N GLU C 589 69.41 -72.42 -20.73
CA GLU C 589 69.86 -71.42 -21.71
C GLU C 589 70.67 -70.27 -21.11
N TRP C 590 71.36 -69.54 -21.99
CA TRP C 590 72.12 -68.38 -21.58
C TRP C 590 72.29 -67.34 -22.68
N ARG C 591 72.17 -66.09 -22.25
CA ARG C 591 72.45 -64.91 -23.08
C ARG C 591 73.49 -63.97 -22.46
N GLY C 592 74.18 -63.23 -23.33
CA GLY C 592 74.96 -62.06 -22.92
C GLY C 592 74.01 -60.86 -22.86
N GLU C 593 74.46 -59.76 -22.26
CA GLU C 593 73.58 -58.59 -22.06
C GLU C 593 73.44 -57.66 -23.28
N GLY C 594 72.47 -57.97 -24.13
CA GLY C 594 72.21 -57.25 -25.39
C GLY C 594 71.60 -58.14 -26.46
N GLU C 595 71.73 -59.46 -26.26
CA GLU C 595 71.26 -60.47 -27.22
C GLU C 595 70.14 -61.36 -26.67
N ALA C 596 69.61 -62.25 -27.52
CA ALA C 596 68.59 -63.26 -27.14
C ALA C 596 69.20 -64.67 -27.16
N PRO C 597 69.08 -65.43 -26.03
CA PRO C 597 69.85 -66.67 -25.76
C PRO C 597 70.18 -67.59 -26.97
N GLN C 598 71.47 -67.62 -27.33
CA GLN C 598 71.95 -68.35 -28.51
C GLN C 598 72.34 -69.80 -28.21
N SER C 599 72.64 -70.09 -26.94
CA SER C 599 73.12 -71.42 -26.55
C SER C 599 72.31 -72.07 -25.41
N LEU C 600 72.44 -73.40 -25.32
CA LEU C 600 71.63 -74.25 -24.44
C LEU C 600 72.43 -75.45 -23.90
N LEU C 601 72.17 -75.88 -22.66
CA LEU C 601 72.71 -77.17 -22.15
C LEU C 601 71.60 -78.05 -21.58
N THR C 602 71.18 -79.04 -22.38
CA THR C 602 69.96 -79.83 -22.12
C THR C 602 70.09 -80.85 -20.98
N MET C 603 68.94 -81.28 -20.46
CA MET C 603 68.84 -82.03 -19.20
C MET C 603 69.19 -83.52 -19.32
N GLU C 604 68.81 -84.12 -20.44
CA GLU C 604 69.01 -85.54 -20.59
C GLU C 604 70.48 -85.96 -20.75
N GLU C 605 71.33 -85.03 -21.19
CA GLU C 605 72.75 -85.34 -21.37
C GLU C 605 73.55 -85.12 -20.09
N ILE C 606 72.88 -84.64 -19.06
CA ILE C 606 73.51 -84.48 -17.76
C ILE C 606 73.47 -85.82 -17.03
N GLN C 607 74.63 -86.26 -16.55
CA GLN C 607 74.78 -87.58 -15.94
C GLN C 607 74.95 -87.59 -14.41
N SER C 608 75.64 -86.57 -13.88
CA SER C 608 75.74 -86.37 -12.42
C SER C 608 76.19 -84.95 -12.04
N VAL C 609 75.36 -84.29 -11.22
CA VAL C 609 75.65 -82.93 -10.72
C VAL C 609 76.33 -83.01 -9.36
N GLU C 610 77.57 -82.56 -9.29
CA GLU C 610 78.35 -82.63 -8.04
C GLU C 610 79.02 -81.31 -7.72
N GLU C 611 79.65 -81.27 -6.55
CA GLU C 611 80.35 -80.07 -6.08
C GLU C 611 81.81 -80.35 -5.87
N THR C 612 82.59 -79.35 -6.16
CA THR C 612 84.01 -79.49 -6.12
C THR C 612 84.52 -78.24 -5.48
N GLN C 613 85.83 -78.17 -5.28
CA GLN C 613 86.44 -77.00 -4.68
C GLN C 613 87.64 -76.54 -5.51
N ILE C 614 87.44 -75.51 -6.33
CA ILE C 614 88.52 -74.94 -7.18
C ILE C 614 89.17 -73.69 -6.57
N LYS C 615 90.37 -73.90 -6.00
CA LYS C 615 91.13 -72.93 -5.18
C LYS C 615 90.38 -72.42 -3.92
N GLU C 616 89.86 -73.38 -3.15
CA GLU C 616 89.16 -73.16 -1.85
C GLU C 616 87.78 -72.47 -1.88
N ARG C 617 87.23 -72.26 -3.09
CA ARG C 617 85.84 -71.86 -3.36
C ARG C 617 84.96 -73.11 -3.53
N LYS C 618 83.63 -72.97 -3.42
CA LYS C 618 82.73 -74.09 -3.77
C LYS C 618 82.14 -73.85 -5.16
N CYS C 619 82.04 -74.92 -5.94
CA CYS C 619 81.65 -74.82 -7.35
C CYS C 619 80.86 -76.03 -7.81
N LEU C 620 80.24 -75.93 -8.98
CA LEU C 620 79.37 -77.01 -9.49
C LEU C 620 79.89 -77.74 -10.72
N LEU C 621 80.02 -79.08 -10.58
CA LEU C 621 80.58 -79.96 -11.60
C LEU C 621 79.49 -80.76 -12.32
N LEU C 622 79.34 -80.48 -13.60
CA LEU C 622 78.30 -81.09 -14.41
C LEU C 622 78.91 -82.03 -15.45
N LYS C 623 78.78 -83.33 -15.21
CA LYS C 623 79.24 -84.36 -16.17
C LYS C 623 78.27 -84.53 -17.36
N ILE C 624 78.84 -84.59 -18.56
CA ILE C 624 78.07 -84.63 -19.80
C ILE C 624 78.33 -85.96 -20.54
N ARG C 625 77.52 -86.25 -21.55
CA ARG C 625 77.39 -87.59 -22.12
C ARG C 625 78.42 -88.00 -23.20
N GLY C 626 79.35 -87.10 -23.52
CA GLY C 626 80.45 -87.45 -24.44
C GLY C 626 81.70 -87.81 -23.64
N GLY C 627 81.57 -87.66 -22.32
CA GLY C 627 82.67 -87.71 -21.39
C GLY C 627 82.92 -86.30 -20.91
N LYS C 628 82.29 -85.35 -21.61
CA LYS C 628 82.51 -83.91 -21.47
C LYS C 628 82.26 -83.38 -20.04
N GLN C 629 82.99 -82.34 -19.64
CA GLN C 629 82.79 -81.72 -18.31
C GLN C 629 82.55 -80.20 -18.37
N PHE C 630 81.72 -79.73 -17.45
CA PHE C 630 81.34 -78.34 -17.41
C PHE C 630 81.22 -77.80 -15.97
N VAL C 631 81.63 -76.54 -15.80
CA VAL C 631 81.84 -75.97 -14.47
C VAL C 631 81.06 -74.70 -14.22
N LEU C 632 80.53 -74.58 -13.00
CA LEU C 632 79.74 -73.42 -12.57
C LEU C 632 80.25 -72.76 -11.29
N GLN C 633 80.33 -71.43 -11.32
CA GLN C 633 80.66 -70.65 -10.13
C GLN C 633 79.53 -69.68 -9.74
N CYS C 634 79.19 -69.66 -8.47
CA CYS C 634 78.20 -68.74 -7.94
C CYS C 634 78.87 -67.62 -7.18
N ASP C 635 78.08 -66.66 -6.75
CA ASP C 635 78.55 -65.53 -5.97
C ASP C 635 78.24 -65.73 -4.48
N SER C 636 77.02 -66.22 -4.22
CA SER C 636 76.46 -66.29 -2.87
C SER C 636 76.02 -67.69 -2.49
N ASP C 637 76.60 -68.20 -1.40
CA ASP C 637 76.37 -69.57 -0.94
C ASP C 637 74.95 -70.10 -1.13
N PRO C 638 73.93 -69.38 -0.66
CA PRO C 638 72.63 -69.95 -0.95
C PRO C 638 72.41 -70.15 -2.44
N GLU C 639 72.68 -69.14 -3.27
CA GLU C 639 72.46 -69.27 -4.69
C GLU C 639 72.88 -70.67 -5.11
N LEU C 640 74.11 -71.02 -4.73
CA LEU C 640 74.72 -72.31 -5.05
C LEU C 640 73.89 -73.52 -4.62
N VAL C 641 73.47 -73.56 -3.37
CA VAL C 641 72.75 -74.73 -2.85
C VAL C 641 71.41 -74.86 -3.54
N GLN C 642 70.90 -73.74 -4.05
CA GLN C 642 69.61 -73.80 -4.73
C GLN C 642 69.74 -74.30 -6.16
N TRP C 643 70.81 -73.93 -6.84
CA TRP C 643 71.09 -74.54 -8.15
C TRP C 643 71.35 -76.01 -7.94
N LYS C 644 72.25 -76.32 -7.01
CA LYS C 644 72.59 -77.70 -6.65
C LYS C 644 71.37 -78.61 -6.50
N LYS C 645 70.33 -78.13 -5.82
CA LYS C 645 69.14 -78.94 -5.64
C LYS C 645 68.23 -78.93 -6.88
N GLU C 646 67.89 -77.74 -7.40
CA GLU C 646 66.91 -77.61 -8.51
C GLU C 646 67.35 -78.23 -9.85
N LEU C 647 68.67 -78.34 -10.05
CA LEU C 647 69.25 -79.04 -11.22
C LEU C 647 69.15 -80.51 -10.99
N ARG C 648 69.41 -80.92 -9.75
CA ARG C 648 69.35 -82.32 -9.36
C ARG C 648 67.92 -82.87 -9.34
N ASP C 649 66.92 -82.00 -9.28
CA ASP C 649 65.52 -82.45 -9.37
C ASP C 649 64.97 -82.45 -10.79
N ALA C 650 65.37 -81.45 -11.57
CA ALA C 650 64.90 -81.28 -12.96
C ALA C 650 65.43 -82.36 -13.90
N TYR C 651 66.67 -82.77 -13.68
CA TYR C 651 67.30 -83.80 -14.49
C TYR C 651 66.86 -85.18 -14.04
N ARG C 652 66.40 -85.31 -12.80
CA ARG C 652 65.84 -86.58 -12.37
C ARG C 652 64.45 -86.81 -12.97
N GLU C 653 63.70 -85.71 -13.15
CA GLU C 653 62.35 -85.80 -13.70
C GLU C 653 62.28 -85.63 -15.22
N ALA C 654 63.29 -85.01 -15.82
CA ALA C 654 63.38 -84.97 -17.30
C ALA C 654 63.87 -86.29 -17.89
N GLN C 655 64.51 -87.12 -17.06
CA GLN C 655 64.97 -88.46 -17.46
C GLN C 655 63.94 -89.55 -17.15
N GLN C 656 62.90 -89.20 -16.39
CA GLN C 656 61.77 -90.08 -16.08
C GLN C 656 60.87 -90.34 -17.30
N SER D 29 -23.75 62.37 -81.57
CA SER D 29 -25.19 62.73 -81.71
C SER D 29 -26.00 62.47 -80.41
N LYS D 30 -27.03 61.60 -80.55
CA LYS D 30 -28.12 61.37 -79.58
C LYS D 30 -27.67 61.10 -78.13
N LYS D 31 -27.18 59.88 -77.86
CA LYS D 31 -26.79 59.41 -76.52
C LYS D 31 -25.98 60.40 -75.65
N ILE D 32 -26.06 60.20 -74.33
CA ILE D 32 -25.38 61.07 -73.38
C ILE D 32 -23.90 60.71 -73.19
N LEU D 33 -23.06 61.74 -73.18
CA LEU D 33 -21.62 61.55 -73.05
C LEU D 33 -21.04 62.17 -71.77
N LEU D 34 -20.09 61.46 -71.18
CA LEU D 34 -19.42 61.88 -69.97
C LEU D 34 -18.08 62.52 -70.25
N PRO D 35 -17.84 63.68 -69.63
CA PRO D 35 -16.58 64.36 -69.76
C PRO D 35 -15.54 63.61 -68.94
N GLU D 36 -14.30 63.61 -69.44
CA GLU D 36 -13.18 62.84 -68.88
C GLU D 36 -12.80 63.18 -67.45
N PRO D 37 -12.12 62.25 -66.76
CA PRO D 37 -11.76 62.39 -65.35
C PRO D 37 -10.86 63.58 -65.01
N SER D 38 -10.20 64.17 -66.00
CA SER D 38 -9.34 65.30 -65.71
C SER D 38 -10.15 66.56 -65.35
N ILE D 39 -11.44 66.56 -65.68
CA ILE D 39 -12.38 67.61 -65.29
C ILE D 39 -12.26 67.98 -63.81
N ARG D 40 -11.86 66.96 -63.04
CA ARG D 40 -11.80 66.99 -61.60
C ARG D 40 -11.44 68.34 -61.02
N SER D 41 -10.15 68.66 -61.04
CA SER D 41 -9.64 69.83 -60.35
C SER D 41 -10.55 71.03 -60.53
N VAL D 42 -11.03 71.24 -61.75
CA VAL D 42 -11.88 72.37 -62.03
C VAL D 42 -13.19 72.27 -61.26
N MET D 43 -13.87 71.13 -61.43
CA MET D 43 -15.15 70.92 -60.80
C MET D 43 -15.08 71.10 -59.30
N GLN D 44 -14.09 70.43 -58.70
CA GLN D 44 -13.93 70.35 -57.26
C GLN D 44 -13.91 71.73 -56.63
N LYS D 45 -13.20 72.65 -57.26
CA LYS D 45 -13.13 74.01 -56.75
C LYS D 45 -14.44 74.76 -57.03
N TYR D 46 -15.04 74.52 -58.20
CA TYR D 46 -16.32 75.14 -58.52
C TYR D 46 -17.29 74.90 -57.38
N LEU D 47 -17.47 73.63 -57.06
CA LEU D 47 -18.38 73.19 -56.00
C LEU D 47 -17.99 73.80 -54.67
N GLU D 48 -16.69 73.78 -54.42
CA GLU D 48 -16.14 74.24 -53.16
C GLU D 48 -16.49 75.70 -52.90
N ASP D 49 -16.45 76.52 -53.95
CA ASP D 49 -16.82 77.91 -53.84
C ASP D 49 -18.26 78.07 -53.32
N ARG D 50 -19.18 77.28 -53.86
CA ARG D 50 -20.57 77.36 -53.43
C ARG D 50 -20.86 76.57 -52.15
N GLY D 51 -19.81 76.02 -51.53
CA GLY D 51 -19.93 75.29 -50.26
C GLY D 51 -20.73 74.01 -50.37
N GLU D 52 -20.61 73.36 -51.53
CA GLU D 52 -21.42 72.19 -51.88
C GLU D 52 -20.68 70.88 -51.69
N VAL D 53 -19.59 70.94 -50.94
CA VAL D 53 -18.86 69.74 -50.65
C VAL D 53 -19.13 69.21 -49.26
N THR D 54 -20.25 69.63 -48.64
CA THR D 54 -20.62 69.11 -47.28
C THR D 54 -21.08 67.68 -47.42
N PHE D 55 -21.05 66.94 -46.31
CA PHE D 55 -21.62 65.62 -46.34
C PHE D 55 -23.00 65.75 -46.93
N GLU D 56 -23.79 66.58 -46.25
CA GLU D 56 -25.23 66.71 -46.43
C GLU D 56 -25.70 67.02 -47.83
N LYS D 57 -25.30 68.19 -48.34
CA LYS D 57 -25.64 68.60 -49.70
C LYS D 57 -25.37 67.49 -50.71
N ILE D 58 -24.43 66.59 -50.42
CA ILE D 58 -24.06 65.54 -51.35
C ILE D 58 -24.82 64.22 -51.16
N PHE D 59 -25.27 63.98 -49.94
CA PHE D 59 -26.07 62.80 -49.66
C PHE D 59 -27.49 62.95 -50.20
N SER D 60 -27.99 64.18 -50.12
CA SER D 60 -29.36 64.50 -50.52
C SER D 60 -29.60 64.32 -52.02
N GLN D 61 -28.66 64.80 -52.84
CA GLN D 61 -28.72 64.65 -54.29
C GLN D 61 -28.67 63.16 -54.65
N LYS D 62 -29.65 62.72 -55.46
CA LYS D 62 -29.94 61.30 -55.71
C LYS D 62 -28.74 60.53 -56.29
N LEU D 63 -27.95 61.18 -57.12
CA LEU D 63 -26.73 60.56 -57.64
C LEU D 63 -25.62 60.63 -56.61
N GLY D 64 -25.62 61.72 -55.84
CA GLY D 64 -24.68 61.90 -54.77
C GLY D 64 -24.76 60.69 -53.87
N TYR D 65 -25.96 60.44 -53.35
CA TYR D 65 -26.17 59.26 -52.56
C TYR D 65 -25.73 58.02 -53.32
N LEU D 66 -26.23 57.83 -54.52
CA LEU D 66 -26.01 56.57 -55.21
C LEU D 66 -24.52 56.25 -55.39
N LEU D 67 -23.71 57.28 -55.59
CA LEU D 67 -22.29 57.07 -55.82
C LEU D 67 -21.54 56.82 -54.55
N PHE D 68 -22.04 57.44 -53.49
CA PHE D 68 -21.48 57.32 -52.16
C PHE D 68 -21.62 55.87 -51.68
N ARG D 69 -22.79 55.28 -51.86
CA ARG D 69 -23.01 53.91 -51.42
C ARG D 69 -22.18 52.94 -52.24
N ASP D 70 -21.98 53.25 -53.52
CA ASP D 70 -21.16 52.40 -54.39
C ASP D 70 -19.71 52.38 -53.97
N PHE D 71 -19.24 53.48 -53.38
CA PHE D 71 -17.88 53.56 -52.88
C PHE D 71 -17.71 52.82 -51.56
N CYS D 72 -18.78 52.85 -50.78
CA CYS D 72 -18.79 52.25 -49.46
C CYS D 72 -18.84 50.73 -49.55
N LEU D 73 -19.74 50.23 -50.38
CA LEU D 73 -20.02 48.80 -50.50
C LEU D 73 -18.94 47.99 -51.23
N LYS D 74 -18.12 48.65 -52.03
CA LYS D 74 -17.11 47.96 -52.84
C LYS D 74 -15.68 48.13 -52.30
N HIS D 75 -15.34 49.36 -51.88
CA HIS D 75 -13.94 49.74 -51.60
C HIS D 75 -13.55 49.92 -50.12
N LEU D 76 -14.39 50.60 -49.33
CA LEU D 76 -14.09 50.80 -47.91
C LEU D 76 -14.58 49.65 -47.03
N GLU D 77 -13.82 49.36 -45.98
CA GLU D 77 -14.16 48.28 -45.08
C GLU D 77 -15.26 48.61 -44.07
N GLU D 78 -14.96 49.53 -43.15
CA GLU D 78 -15.86 49.92 -42.06
C GLU D 78 -17.16 50.62 -42.52
N ALA D 79 -17.23 50.94 -43.80
CA ALA D 79 -18.41 51.55 -44.34
C ALA D 79 -19.51 50.50 -44.50
N LYS D 80 -19.17 49.37 -45.13
CA LYS D 80 -20.12 48.30 -45.49
C LYS D 80 -21.38 48.28 -44.62
N PRO D 81 -21.23 47.91 -43.34
CA PRO D 81 -22.47 47.68 -42.58
C PRO D 81 -23.27 48.95 -42.54
N LEU D 82 -22.61 50.05 -42.18
CA LEU D 82 -23.28 51.33 -41.96
C LEU D 82 -24.32 51.62 -43.07
N VAL D 83 -23.92 51.33 -44.29
CA VAL D 83 -24.76 51.61 -45.43
C VAL D 83 -25.88 50.59 -45.55
N GLU D 84 -25.50 49.32 -45.73
CA GLU D 84 -26.46 48.22 -45.87
C GLU D 84 -27.54 48.35 -44.81
N PHE D 85 -27.10 48.86 -43.65
CA PHE D 85 -27.93 49.10 -42.46
C PHE D 85 -28.85 50.28 -42.75
N TYR D 86 -28.27 51.37 -43.23
CA TYR D 86 -29.10 52.48 -43.58
C TYR D 86 -30.14 52.01 -44.62
N GLU D 87 -29.69 51.37 -45.70
CA GLU D 87 -30.59 50.97 -46.82
C GLU D 87 -31.70 50.03 -46.39
N GLU D 88 -31.43 49.25 -45.36
CA GLU D 88 -32.43 48.37 -44.85
C GLU D 88 -33.41 49.17 -44.00
N ILE D 89 -32.91 50.23 -43.36
CA ILE D 89 -33.76 51.07 -42.52
C ILE D 89 -34.79 51.76 -43.38
N LYS D 90 -34.35 52.24 -44.55
CA LYS D 90 -35.23 52.90 -45.55
C LYS D 90 -36.39 52.01 -46.03
N LYS D 91 -36.08 50.72 -46.21
CA LYS D 91 -37.09 49.72 -46.64
C LYS D 91 -38.14 49.49 -45.58
N TYR D 92 -37.70 49.49 -44.32
CA TYR D 92 -38.59 49.37 -43.17
C TYR D 92 -39.62 50.53 -43.10
N GLU D 93 -39.13 51.77 -43.19
CA GLU D 93 -40.00 52.96 -43.23
C GLU D 93 -41.08 52.83 -44.31
N LYS D 94 -40.65 52.35 -45.48
CA LYS D 94 -41.48 52.19 -46.69
C LYS D 94 -42.60 51.11 -46.63
N LEU D 95 -42.60 50.29 -45.59
CA LEU D 95 -43.59 49.24 -45.53
C LEU D 95 -44.92 49.68 -44.92
N GLU D 96 -45.96 48.96 -45.33
CA GLU D 96 -47.34 49.42 -45.26
C GLU D 96 -48.12 48.97 -44.03
N THR D 97 -48.44 47.67 -43.95
CA THR D 97 -49.22 47.16 -42.82
C THR D 97 -48.40 47.02 -41.53
N GLU D 98 -49.10 46.77 -40.45
CA GLU D 98 -48.46 46.52 -39.18
C GLU D 98 -47.58 45.26 -39.29
N GLU D 99 -48.05 44.22 -39.99
CA GLU D 99 -47.41 42.87 -39.97
C GLU D 99 -46.21 42.58 -40.89
N GLU D 100 -45.98 43.36 -41.92
CA GLU D 100 -44.73 43.23 -42.71
C GLU D 100 -43.56 43.83 -41.93
N ARG D 101 -43.85 44.96 -41.27
CA ARG D 101 -42.89 45.76 -40.53
C ARG D 101 -42.48 45.09 -39.25
N LEU D 102 -43.44 44.43 -38.65
CA LEU D 102 -43.24 43.66 -37.45
C LEU D 102 -42.12 42.65 -37.69
N VAL D 103 -42.10 42.02 -38.86
CA VAL D 103 -41.10 41.01 -39.17
C VAL D 103 -39.78 41.67 -39.50
N CYS D 104 -39.85 42.64 -40.39
CA CYS D 104 -38.64 43.28 -40.83
C CYS D 104 -37.78 43.77 -39.65
N SER D 105 -38.41 44.41 -38.66
CA SER D 105 -37.69 44.97 -37.52
C SER D 105 -36.90 43.91 -36.77
N ARG D 106 -37.48 42.72 -36.61
CA ARG D 106 -36.80 41.59 -35.96
C ARG D 106 -35.46 41.30 -36.60
N GLU D 107 -35.48 41.07 -37.92
CA GLU D 107 -34.27 40.78 -38.66
C GLU D 107 -33.22 41.84 -38.44
N ILE D 108 -33.62 43.09 -38.62
CA ILE D 108 -32.71 44.21 -38.41
C ILE D 108 -32.02 44.08 -37.04
N PHE D 109 -32.82 43.93 -35.98
CA PHE D 109 -32.32 43.86 -34.63
C PHE D 109 -31.24 42.82 -34.58
N ASP D 110 -31.61 41.60 -34.99
CA ASP D 110 -30.75 40.42 -34.93
C ASP D 110 -29.48 40.72 -35.73
N THR D 111 -29.66 41.16 -36.96
CA THR D 111 -28.54 41.25 -37.87
C THR D 111 -27.61 42.38 -37.52
N TYR D 112 -28.16 43.57 -37.31
CA TYR D 112 -27.31 44.74 -37.22
C TYR D 112 -27.08 45.26 -35.80
N ILE D 113 -27.89 44.83 -34.86
CA ILE D 113 -27.63 45.22 -33.49
C ILE D 113 -27.08 44.04 -32.71
N MET D 114 -27.91 43.02 -32.51
CA MET D 114 -27.49 41.89 -31.72
C MET D 114 -26.19 41.30 -32.19
N LYS D 115 -26.23 40.60 -33.32
CA LYS D 115 -25.05 39.87 -33.78
C LYS D 115 -23.78 40.71 -33.80
N GLU D 116 -23.91 41.98 -34.17
CA GLU D 116 -22.76 42.86 -34.11
C GLU D 116 -22.30 43.10 -32.67
N LEU D 117 -23.22 43.06 -31.72
CA LEU D 117 -22.84 43.26 -30.33
C LEU D 117 -22.04 42.11 -29.78
N LEU D 118 -22.24 40.92 -30.34
CA LEU D 118 -21.52 39.72 -29.94
C LEU D 118 -20.03 39.91 -30.06
N ALA D 119 -19.61 40.40 -31.22
CA ALA D 119 -18.20 40.72 -31.44
C ALA D 119 -17.92 42.22 -31.29
N CYS D 120 -18.75 42.88 -30.46
CA CYS D 120 -18.60 44.31 -30.07
C CYS D 120 -18.30 45.34 -31.18
N SER D 121 -18.56 44.95 -32.43
CA SER D 121 -18.33 45.77 -33.63
C SER D 121 -19.47 46.75 -33.83
N HIS D 122 -20.21 47.00 -32.76
CA HIS D 122 -21.33 47.90 -32.80
C HIS D 122 -20.89 49.18 -32.15
N PRO D 123 -20.79 50.23 -32.94
CA PRO D 123 -20.38 51.58 -32.59
C PRO D 123 -21.55 52.54 -32.40
N PHE D 124 -22.45 52.24 -31.47
CA PHE D 124 -23.57 53.13 -31.24
C PHE D 124 -23.75 53.45 -29.77
N SER D 125 -24.33 54.63 -29.51
CA SER D 125 -24.41 55.18 -28.15
C SER D 125 -25.37 54.40 -27.28
N LYS D 126 -25.24 54.57 -25.97
CA LYS D 126 -26.13 53.87 -25.06
C LYS D 126 -27.59 54.18 -25.36
N SER D 127 -28.01 55.43 -25.13
CA SER D 127 -29.41 55.82 -25.32
C SER D 127 -30.06 55.35 -26.64
N ALA D 128 -29.25 55.28 -27.69
CA ALA D 128 -29.72 54.82 -28.99
C ALA D 128 -30.20 53.39 -28.91
N ILE D 129 -29.29 52.46 -28.68
CA ILE D 129 -29.68 51.08 -28.58
C ILE D 129 -31.01 51.01 -27.86
N GLU D 130 -31.09 51.60 -26.66
CA GLU D 130 -32.18 51.31 -25.72
C GLU D 130 -33.56 51.81 -26.17
N HIS D 131 -33.59 52.72 -27.12
CA HIS D 131 -34.84 53.11 -27.72
C HIS D 131 -35.41 51.90 -28.46
N VAL D 132 -34.58 51.29 -29.30
CA VAL D 132 -34.97 50.17 -30.16
C VAL D 132 -35.33 48.93 -29.36
N GLN D 133 -34.60 48.74 -28.28
CA GLN D 133 -34.81 47.64 -27.37
C GLN D 133 -36.21 47.75 -26.82
N GLY D 134 -36.47 48.80 -26.05
CA GLY D 134 -37.74 49.00 -25.37
C GLY D 134 -38.96 48.98 -26.28
N HIS D 135 -38.71 49.11 -27.58
CA HIS D 135 -39.78 48.95 -28.56
C HIS D 135 -39.99 47.51 -29.05
N LEU D 136 -38.93 46.83 -29.45
CA LEU D 136 -39.10 45.49 -30.02
C LEU D 136 -39.66 44.45 -29.07
N VAL D 137 -39.42 44.61 -27.77
CA VAL D 137 -39.94 43.70 -26.76
C VAL D 137 -41.41 43.95 -26.50
N LYS D 138 -41.90 45.10 -26.96
CA LYS D 138 -43.32 45.45 -26.80
C LYS D 138 -44.11 45.33 -28.10
N LYS D 139 -43.45 44.85 -29.16
CA LYS D 139 -44.09 44.67 -30.47
C LYS D 139 -44.52 45.97 -31.13
N GLN D 140 -44.20 47.14 -30.56
CA GLN D 140 -44.64 48.44 -31.14
C GLN D 140 -43.78 48.86 -32.34
N VAL D 141 -44.40 49.01 -33.50
CA VAL D 141 -43.66 49.23 -34.77
C VAL D 141 -43.95 50.49 -35.60
N PRO D 142 -43.88 51.71 -35.00
CA PRO D 142 -43.85 52.88 -35.88
C PRO D 142 -42.66 52.85 -36.88
N PRO D 143 -42.87 53.39 -38.10
CA PRO D 143 -41.82 53.56 -39.14
C PRO D 143 -40.69 54.54 -38.79
N ASP D 144 -40.97 55.45 -37.84
CA ASP D 144 -40.00 56.42 -37.30
C ASP D 144 -38.95 55.77 -36.38
N LEU D 145 -39.23 54.56 -35.91
CA LEU D 145 -38.44 53.84 -34.88
C LEU D 145 -36.94 53.93 -35.06
N PHE D 146 -36.48 53.65 -36.27
CA PHE D 146 -35.05 53.51 -36.53
C PHE D 146 -34.32 54.83 -36.75
N GLN D 147 -35.01 55.92 -36.45
CA GLN D 147 -34.48 57.26 -36.54
C GLN D 147 -33.24 57.50 -35.72
N PRO D 148 -33.32 57.37 -34.38
CA PRO D 148 -32.11 57.72 -33.64
C PRO D 148 -30.87 56.97 -34.13
N TYR D 149 -31.05 55.75 -34.66
CA TYR D 149 -29.94 55.08 -35.34
C TYR D 149 -29.57 55.87 -36.61
N ILE D 150 -30.56 56.10 -37.48
CA ILE D 150 -30.31 56.85 -38.70
C ILE D 150 -29.23 57.89 -38.41
N GLU D 151 -29.54 58.74 -37.44
CA GLU D 151 -28.79 59.95 -37.20
C GLU D 151 -27.34 59.64 -36.91
N GLU D 152 -27.11 58.51 -36.25
CA GLU D 152 -25.75 58.15 -35.92
C GLU D 152 -25.07 57.41 -37.06
N ILE D 153 -25.80 56.99 -38.07
CA ILE D 153 -25.09 56.43 -39.21
C ILE D 153 -24.53 57.61 -39.96
N CYS D 154 -25.33 58.66 -40.05
CA CYS D 154 -24.88 59.91 -40.61
C CYS D 154 -23.60 60.27 -39.94
N GLN D 155 -23.71 60.39 -38.62
CA GLN D 155 -22.62 60.77 -37.71
C GLN D 155 -21.28 60.20 -38.12
N ASN D 156 -21.19 58.88 -38.08
CA ASN D 156 -19.95 58.18 -38.41
C ASN D 156 -19.49 58.34 -39.85
N LEU D 157 -20.43 58.62 -40.74
CA LEU D 157 -20.10 58.77 -42.14
C LEU D 157 -19.66 60.19 -42.46
N ARG D 158 -20.17 61.14 -41.69
CA ARG D 158 -19.88 62.56 -41.89
C ARG D 158 -18.41 62.93 -41.69
N GLY D 159 -17.72 62.28 -40.75
CA GLY D 159 -16.33 62.65 -40.40
C GLY D 159 -15.26 62.12 -41.32
N ASP D 160 -14.57 61.08 -40.87
CA ASP D 160 -13.50 60.46 -41.64
C ASP D 160 -13.95 59.87 -42.98
N VAL D 161 -14.94 58.97 -42.93
CA VAL D 161 -15.45 58.22 -44.11
C VAL D 161 -15.64 59.08 -45.35
N PHE D 162 -16.27 60.21 -45.14
CA PHE D 162 -16.53 61.16 -46.21
C PHE D 162 -15.26 61.69 -46.86
N GLN D 163 -14.21 61.91 -46.07
CA GLN D 163 -12.93 62.43 -46.57
C GLN D 163 -12.26 61.48 -47.56
N LYS D 164 -12.41 60.18 -47.33
CA LYS D 164 -11.87 59.16 -48.24
C LYS D 164 -12.76 59.01 -49.47
N PHE D 165 -14.02 59.41 -49.35
CA PHE D 165 -14.88 59.54 -50.51
C PHE D 165 -14.42 60.71 -51.34
N ILE D 166 -13.98 61.77 -50.66
CA ILE D 166 -13.45 62.98 -51.32
C ILE D 166 -12.31 62.66 -52.29
N GLU D 167 -11.28 61.95 -51.82
CA GLU D 167 -10.16 61.58 -52.68
C GLU D 167 -10.44 60.39 -53.62
N SER D 168 -11.60 59.75 -53.48
CA SER D 168 -11.93 58.51 -54.18
C SER D 168 -12.24 58.71 -55.67
N ASP D 169 -12.20 57.60 -56.40
CA ASP D 169 -12.53 57.57 -57.82
C ASP D 169 -14.00 57.83 -58.03
N LYS D 170 -14.78 57.51 -57.00
CA LYS D 170 -16.20 57.75 -57.06
C LYS D 170 -16.54 59.26 -56.92
N PHE D 171 -15.71 60.04 -56.23
CA PHE D 171 -15.92 61.48 -56.24
C PHE D 171 -15.65 62.01 -57.62
N THR D 172 -14.53 61.59 -58.18
CA THR D 172 -14.18 61.91 -59.54
C THR D 172 -15.41 61.73 -60.40
N ARG D 173 -16.01 60.55 -60.35
CA ARG D 173 -17.22 60.29 -61.10
C ARG D 173 -18.35 61.29 -60.80
N PHE D 174 -18.60 61.57 -59.52
CA PHE D 174 -19.68 62.49 -59.16
C PHE D 174 -19.56 63.79 -59.92
N CYS D 175 -18.35 64.34 -59.90
CA CYS D 175 -18.04 65.56 -60.60
C CYS D 175 -18.52 65.42 -62.03
N GLN D 176 -18.07 64.37 -62.69
CA GLN D 176 -18.38 64.14 -64.09
C GLN D 176 -19.88 64.37 -64.35
N TRP D 177 -20.74 63.79 -63.52
CA TRP D 177 -22.16 63.92 -63.77
C TRP D 177 -22.62 65.31 -63.48
N LYS D 178 -22.22 65.82 -62.31
CA LYS D 178 -22.64 67.14 -61.86
C LYS D 178 -22.27 68.23 -62.86
N ASN D 179 -21.11 68.07 -63.47
CA ASN D 179 -20.67 68.89 -64.57
C ASN D 179 -21.78 68.90 -65.58
N VAL D 180 -22.02 67.76 -66.19
CA VAL D 180 -23.04 67.63 -67.21
C VAL D 180 -24.42 68.15 -66.75
N GLU D 181 -24.77 67.94 -65.49
CA GLU D 181 -26.03 68.48 -64.95
C GLU D 181 -26.10 69.99 -65.17
N LEU D 182 -25.01 70.67 -64.84
CA LEU D 182 -25.00 72.11 -64.90
C LEU D 182 -24.89 72.68 -66.33
N ASN D 183 -24.59 71.83 -67.31
CA ASN D 183 -24.25 72.27 -68.67
C ASN D 183 -25.36 71.93 -69.65
N ILE D 184 -26.59 72.10 -69.23
CA ILE D 184 -27.66 71.54 -70.01
C ILE D 184 -28.72 72.57 -70.47
N HIS D 185 -28.43 73.34 -71.49
CA HIS D 185 -29.43 74.19 -72.14
C HIS D 185 -30.19 73.29 -73.08
N LEU D 186 -31.36 73.74 -73.48
CA LEU D 186 -32.22 72.90 -74.27
C LEU D 186 -32.76 73.62 -75.47
N THR D 187 -32.90 72.89 -76.57
CA THR D 187 -33.74 73.30 -77.70
C THR D 187 -34.66 72.09 -78.01
N MET D 188 -35.51 72.23 -79.02
CA MET D 188 -36.33 71.12 -79.50
C MET D 188 -35.47 69.98 -79.98
N ASN D 189 -34.23 70.30 -80.39
CA ASN D 189 -33.18 69.32 -80.70
C ASN D 189 -33.07 68.28 -79.61
N ASP D 190 -33.44 68.67 -78.40
CA ASP D 190 -33.30 67.79 -77.26
C ASP D 190 -34.56 66.96 -77.08
N PHE D 191 -35.56 67.19 -77.93
CA PHE D 191 -36.82 66.44 -77.83
C PHE D 191 -37.36 65.83 -79.12
N SER D 192 -37.79 64.57 -78.99
CA SER D 192 -38.49 63.84 -80.04
C SER D 192 -39.98 63.90 -79.75
N VAL D 193 -40.66 64.90 -80.30
CA VAL D 193 -42.04 65.16 -79.97
C VAL D 193 -42.97 64.19 -80.66
N HIS D 194 -43.86 63.59 -79.88
CA HIS D 194 -44.77 62.61 -80.45
C HIS D 194 -46.13 63.16 -80.84
N ARG D 195 -47.13 63.05 -79.96
CA ARG D 195 -48.50 63.44 -80.32
C ARG D 195 -48.97 64.71 -79.62
N ILE D 196 -50.14 65.22 -80.01
CA ILE D 196 -50.75 66.39 -79.36
C ILE D 196 -51.58 65.89 -78.19
N ILE D 197 -51.60 66.65 -77.09
CA ILE D 197 -52.30 66.22 -75.85
C ILE D 197 -53.52 67.08 -75.44
N GLY D 198 -53.85 68.06 -76.28
CA GLY D 198 -54.97 68.98 -76.03
C GLY D 198 -54.44 70.35 -75.69
N ARG D 199 -55.20 71.39 -76.02
CA ARG D 199 -54.72 72.78 -75.89
C ARG D 199 -54.83 73.40 -74.47
N GLY D 200 -54.00 74.42 -74.23
CA GLY D 200 -54.18 75.40 -73.14
C GLY D 200 -54.81 76.66 -73.74
N GLY D 201 -54.73 77.77 -73.01
CA GLY D 201 -55.30 79.03 -73.49
C GLY D 201 -54.38 79.75 -74.46
N PHE D 202 -53.07 79.55 -74.27
CA PHE D 202 -52.02 80.27 -74.97
C PHE D 202 -51.17 79.35 -75.85
N GLY D 203 -51.72 78.19 -76.13
CA GLY D 203 -50.99 77.21 -76.92
C GLY D 203 -51.21 75.80 -76.41
N GLU D 204 -50.68 74.85 -77.16
CA GLU D 204 -50.96 73.44 -77.01
C GLU D 204 -49.94 72.69 -76.14
N VAL D 205 -50.18 71.39 -75.96
CA VAL D 205 -49.35 70.54 -75.13
C VAL D 205 -49.12 69.21 -75.80
N TYR D 206 -47.87 68.78 -75.83
CA TYR D 206 -47.50 67.57 -76.52
C TYR D 206 -46.94 66.53 -75.57
N GLY D 207 -46.75 65.33 -76.09
CA GLY D 207 -46.03 64.29 -75.37
C GLY D 207 -44.77 63.97 -76.13
N CYS D 208 -43.67 63.75 -75.40
CA CYS D 208 -42.36 63.60 -76.03
C CYS D 208 -41.36 62.80 -75.22
N ARG D 209 -40.17 62.63 -75.80
CA ARG D 209 -39.09 61.89 -75.20
C ARG D 209 -37.86 62.81 -75.14
N LYS D 210 -37.12 62.73 -74.04
CA LYS D 210 -35.83 63.37 -73.96
C LYS D 210 -34.84 62.37 -74.53
N ALA D 211 -34.24 62.69 -75.66
CA ALA D 211 -33.28 61.78 -76.28
C ALA D 211 -31.97 61.59 -75.47
N ASP D 212 -31.71 62.52 -74.53
CA ASP D 212 -30.61 62.43 -73.53
C ASP D 212 -30.68 61.02 -72.96
N THR D 213 -31.81 60.77 -72.31
CA THR D 213 -32.08 59.53 -71.60
C THR D 213 -33.11 58.67 -72.31
N GLY D 214 -34.32 59.20 -72.46
CA GLY D 214 -35.42 58.40 -72.98
C GLY D 214 -36.46 58.20 -71.91
N LYS D 215 -36.76 59.27 -71.20
CA LYS D 215 -37.93 59.28 -70.35
C LYS D 215 -39.02 59.88 -71.16
N MET D 216 -40.25 59.60 -70.75
CA MET D 216 -41.39 60.21 -71.36
C MET D 216 -41.83 61.42 -70.50
N TYR D 217 -41.81 62.60 -71.12
CA TYR D 217 -42.30 63.83 -70.53
C TYR D 217 -43.33 64.49 -71.45
N ALA D 218 -44.11 65.41 -70.89
CA ALA D 218 -45.00 66.21 -71.70
C ALA D 218 -44.41 67.61 -71.92
N MET D 219 -44.75 68.27 -73.04
CA MET D 219 -44.29 69.65 -73.29
C MET D 219 -45.39 70.69 -73.50
N LYS D 220 -45.54 71.57 -72.52
CA LYS D 220 -46.50 72.65 -72.66
C LYS D 220 -45.81 73.74 -73.41
N CYS D 221 -46.34 74.05 -74.57
CA CYS D 221 -45.86 75.15 -75.38
C CYS D 221 -46.78 76.35 -75.28
N LEU D 222 -46.21 77.44 -74.78
CA LEU D 222 -46.87 78.73 -74.85
C LEU D 222 -46.08 79.55 -75.89
N ASP D 223 -46.79 80.08 -76.87
CA ASP D 223 -46.15 80.97 -77.84
C ASP D 223 -46.20 82.43 -77.34
N LYS D 224 -45.03 83.07 -77.27
CA LYS D 224 -44.88 84.41 -76.68
C LYS D 224 -45.80 85.43 -77.30
N LYS D 225 -45.84 85.41 -78.63
CA LYS D 225 -46.73 86.26 -79.40
C LYS D 225 -48.11 86.34 -78.75
N ARG D 226 -48.71 85.18 -78.50
CA ARG D 226 -50.06 85.10 -77.97
C ARG D 226 -50.15 85.75 -76.61
N ILE D 227 -49.14 85.49 -75.77
CA ILE D 227 -49.07 86.01 -74.40
C ILE D 227 -49.05 87.53 -74.37
N LYS D 228 -48.37 88.13 -75.35
CA LYS D 228 -48.37 89.58 -75.50
C LYS D 228 -49.76 90.06 -75.87
N MET D 229 -50.48 89.26 -76.67
CA MET D 229 -51.82 89.64 -77.15
C MET D 229 -52.85 89.69 -76.05
N LYS D 230 -52.91 88.67 -75.20
CA LYS D 230 -53.99 88.59 -74.23
C LYS D 230 -53.65 89.24 -72.88
N GLN D 231 -52.49 89.91 -72.80
CA GLN D 231 -51.96 90.55 -71.57
C GLN D 231 -51.82 89.58 -70.42
N GLY D 232 -51.68 88.30 -70.76
CA GLY D 232 -51.54 87.25 -69.77
C GLY D 232 -50.09 87.05 -69.38
N GLU D 233 -49.25 88.03 -69.67
CA GLU D 233 -47.84 88.00 -69.26
C GLU D 233 -47.71 87.84 -67.74
N THR D 234 -48.66 88.40 -66.99
CA THR D 234 -48.73 88.21 -65.54
C THR D 234 -48.97 86.74 -65.24
N LEU D 235 -49.90 86.11 -65.97
CA LEU D 235 -50.12 84.66 -65.84
C LEU D 235 -48.88 83.84 -66.22
N ALA D 236 -48.47 83.96 -67.49
CA ALA D 236 -47.39 83.13 -68.03
C ALA D 236 -46.21 83.09 -67.08
N LEU D 237 -45.78 84.26 -66.61
CA LEU D 237 -44.67 84.36 -65.64
C LEU D 237 -44.99 83.67 -64.30
N ASN D 238 -46.18 83.93 -63.76
CA ASN D 238 -46.58 83.34 -62.47
C ASN D 238 -46.63 81.82 -62.52
N GLU D 239 -47.12 81.30 -63.64
CA GLU D 239 -47.18 79.86 -63.87
C GLU D 239 -45.80 79.29 -63.66
N ARG D 240 -44.81 80.01 -64.16
CA ARG D 240 -43.44 79.59 -64.00
C ARG D 240 -43.10 79.53 -62.53
N ILE D 241 -43.20 80.66 -61.85
CA ILE D 241 -42.74 80.82 -60.48
C ILE D 241 -43.31 79.74 -59.55
N MET D 242 -44.61 79.52 -59.68
CA MET D 242 -45.29 78.53 -58.88
C MET D 242 -44.71 77.16 -59.15
N LEU D 243 -44.72 76.75 -60.41
CA LEU D 243 -44.29 75.42 -60.81
C LEU D 243 -42.97 74.99 -60.18
N SER D 244 -42.08 75.95 -59.94
CA SER D 244 -40.75 75.69 -59.38
C SER D 244 -40.78 75.61 -57.86
N LEU D 245 -41.80 76.23 -57.26
CA LEU D 245 -41.91 76.23 -55.82
C LEU D 245 -42.55 74.93 -55.36
N VAL D 246 -43.14 74.19 -56.30
CA VAL D 246 -43.92 73.02 -55.96
C VAL D 246 -43.20 71.70 -56.19
N SER D 247 -42.50 71.62 -57.31
CA SER D 247 -42.00 70.36 -57.80
C SER D 247 -40.87 69.72 -56.98
N THR D 248 -40.22 70.51 -56.13
CA THR D 248 -39.18 69.99 -55.23
C THR D 248 -39.84 68.99 -54.30
N GLY D 249 -39.13 67.90 -54.01
CA GLY D 249 -39.75 66.75 -53.36
C GLY D 249 -40.61 66.01 -54.38
N ASP D 250 -40.75 64.71 -54.21
CA ASP D 250 -41.48 63.93 -55.19
C ASP D 250 -42.99 63.98 -54.96
N CYS D 251 -43.73 64.38 -55.99
CA CYS D 251 -45.17 64.20 -55.93
C CYS D 251 -45.77 63.47 -57.13
N PRO D 252 -46.78 62.67 -56.84
CA PRO D 252 -47.71 62.11 -57.78
C PRO D 252 -49.13 62.73 -57.78
N PHE D 253 -49.29 63.97 -57.34
CA PHE D 253 -50.63 64.58 -57.34
C PHE D 253 -50.64 65.94 -57.96
N ILE D 254 -49.58 66.20 -58.71
CA ILE D 254 -49.39 67.47 -59.34
C ILE D 254 -48.65 67.23 -60.67
N VAL D 255 -49.08 67.93 -61.71
CA VAL D 255 -48.32 67.96 -62.92
C VAL D 255 -47.03 68.59 -62.51
N CYS D 256 -45.95 67.82 -62.58
CA CYS D 256 -44.69 68.33 -62.07
C CYS D 256 -43.62 68.74 -63.08
N MET D 257 -42.96 69.83 -62.72
CA MET D 257 -42.05 70.51 -63.58
C MET D 257 -40.70 69.93 -63.47
N SER D 258 -40.15 69.59 -64.61
CA SER D 258 -38.83 69.04 -64.59
C SER D 258 -37.84 69.97 -65.29
N TYR D 259 -38.26 70.63 -66.37
CA TYR D 259 -37.44 71.73 -66.87
C TYR D 259 -38.24 72.91 -67.38
N ALA D 260 -37.51 74.00 -67.58
CA ALA D 260 -38.06 75.19 -68.19
C ALA D 260 -37.00 75.79 -69.10
N PHE D 261 -37.41 76.12 -70.33
CA PHE D 261 -36.51 76.71 -71.32
C PHE D 261 -37.28 77.44 -72.39
N HIS D 262 -36.59 78.32 -73.13
CA HIS D 262 -37.21 79.01 -74.28
C HIS D 262 -36.35 79.13 -75.55
N THR D 263 -37.00 79.01 -76.71
CA THR D 263 -36.45 79.46 -77.98
C THR D 263 -37.10 80.81 -78.26
N PRO D 264 -36.40 81.74 -78.96
CA PRO D 264 -36.89 83.08 -79.28
C PRO D 264 -38.40 83.35 -79.10
N ASP D 265 -39.28 82.50 -79.64
CA ASP D 265 -40.72 82.76 -79.55
C ASP D 265 -41.56 81.78 -78.74
N LYS D 266 -41.00 80.63 -78.39
CA LYS D 266 -41.80 79.67 -77.65
C LYS D 266 -41.33 79.50 -76.21
N LEU D 267 -42.27 79.48 -75.28
CA LEU D 267 -41.99 79.10 -73.90
C LEU D 267 -42.13 77.61 -73.81
N SER D 268 -41.35 76.97 -72.96
CA SER D 268 -41.51 75.53 -72.80
C SER D 268 -41.44 75.06 -71.36
N PHE D 269 -42.50 74.37 -70.96
CA PHE D 269 -42.56 73.72 -69.67
C PHE D 269 -42.46 72.23 -69.86
N ILE D 270 -41.32 71.65 -69.47
CA ILE D 270 -41.21 70.22 -69.52
C ILE D 270 -41.90 69.67 -68.32
N LEU D 271 -42.98 68.95 -68.58
CA LEU D 271 -43.88 68.51 -67.55
C LEU D 271 -44.11 67.03 -67.55
N ASP D 272 -44.68 66.57 -66.45
CA ASP D 272 -45.10 65.20 -66.34
C ASP D 272 -46.11 64.86 -67.43
N LEU D 273 -45.91 63.69 -68.02
CA LEU D 273 -46.76 63.23 -69.10
C LEU D 273 -48.06 62.64 -68.56
N MET D 274 -49.16 63.35 -68.81
CA MET D 274 -50.46 62.91 -68.36
C MET D 274 -51.43 62.75 -69.51
N ASN D 275 -52.04 61.57 -69.63
CA ASN D 275 -52.77 61.20 -70.86
C ASN D 275 -54.27 61.43 -70.94
N GLY D 276 -55.05 60.48 -70.41
CA GLY D 276 -56.51 60.47 -70.56
C GLY D 276 -57.28 61.63 -69.96
N GLY D 277 -57.17 62.80 -70.59
CA GLY D 277 -58.00 63.98 -70.33
C GLY D 277 -58.17 64.47 -68.91
N ASP D 278 -59.23 65.23 -68.69
CA ASP D 278 -59.51 65.84 -67.40
C ASP D 278 -60.78 65.27 -66.78
N LEU D 279 -60.96 65.47 -65.48
CA LEU D 279 -62.14 64.93 -64.80
C LEU D 279 -63.43 65.45 -65.40
N HIS D 280 -63.44 66.74 -65.77
CA HIS D 280 -64.60 67.35 -66.45
C HIS D 280 -65.11 66.50 -67.64
N TYR D 281 -64.20 66.20 -68.58
CA TYR D 281 -64.47 65.37 -69.76
C TYR D 281 -65.09 64.04 -69.35
N HIS D 282 -64.48 63.38 -68.37
CA HIS D 282 -64.95 62.07 -67.92
C HIS D 282 -66.23 62.12 -67.08
N LEU D 283 -66.51 63.29 -66.50
CA LEU D 283 -67.80 63.50 -65.83
C LEU D 283 -68.92 63.55 -66.87
N SER D 284 -68.64 64.16 -68.01
CA SER D 284 -69.60 64.26 -69.11
C SER D 284 -69.75 62.89 -69.82
N GLN D 285 -68.68 62.09 -69.81
CA GLN D 285 -68.68 60.78 -70.49
C GLN D 285 -69.24 59.66 -69.63
N HIS D 286 -68.83 59.57 -68.37
CA HIS D 286 -69.37 58.56 -67.46
C HIS D 286 -70.71 59.02 -66.90
N GLY D 287 -70.76 60.27 -66.45
CA GLY D 287 -71.93 60.77 -65.75
C GLY D 287 -71.57 60.92 -64.28
N VAL D 288 -72.58 61.16 -63.44
CA VAL D 288 -72.34 61.33 -62.01
C VAL D 288 -71.66 60.10 -61.41
N PHE D 289 -70.91 60.34 -60.35
CA PHE D 289 -70.08 59.28 -59.78
C PHE D 289 -70.64 58.70 -58.50
N SER D 290 -70.49 57.37 -58.36
CA SER D 290 -70.86 56.66 -57.16
C SER D 290 -70.03 57.18 -56.01
N GLU D 291 -70.60 57.07 -54.81
CA GLU D 291 -70.00 57.63 -53.60
C GLU D 291 -68.55 57.13 -53.47
N ALA D 292 -68.38 55.81 -53.49
CA ALA D 292 -67.07 55.15 -53.34
C ALA D 292 -66.02 55.62 -54.36
N ASP D 293 -66.48 55.95 -55.57
CA ASP D 293 -65.62 56.43 -56.64
C ASP D 293 -65.14 57.89 -56.42
N MET D 294 -66.01 58.74 -55.86
CA MET D 294 -65.64 60.12 -55.53
C MET D 294 -64.58 60.15 -54.44
N ARG D 295 -64.77 59.28 -53.45
CA ARG D 295 -63.83 59.08 -52.37
C ARG D 295 -62.43 58.97 -52.93
N PHE D 296 -62.21 58.01 -53.81
CA PHE D 296 -60.89 57.79 -54.35
C PHE D 296 -60.37 59.06 -54.95
N TYR D 297 -61.17 59.70 -55.80
CA TYR D 297 -60.75 60.95 -56.39
C TYR D 297 -60.42 61.93 -55.29
N ALA D 298 -61.38 62.18 -54.40
CA ALA D 298 -61.16 63.10 -53.29
C ALA D 298 -59.77 62.92 -52.63
N ALA D 299 -59.51 61.73 -52.14
CA ALA D 299 -58.27 61.41 -51.42
C ALA D 299 -57.02 61.98 -52.09
N GLU D 300 -56.81 61.60 -53.35
CA GLU D 300 -55.65 62.03 -54.09
C GLU D 300 -55.59 63.54 -54.19
N ILE D 301 -56.71 64.16 -54.48
CA ILE D 301 -56.78 65.61 -54.60
C ILE D 301 -56.32 66.25 -53.29
N ILE D 302 -56.82 65.69 -52.19
CA ILE D 302 -56.46 66.16 -50.87
C ILE D 302 -54.96 66.09 -50.70
N LEU D 303 -54.41 64.88 -50.85
CA LEU D 303 -52.97 64.71 -50.74
C LEU D 303 -52.24 65.76 -51.54
N GLY D 304 -52.72 66.00 -52.76
CA GLY D 304 -52.18 67.02 -53.62
C GLY D 304 -52.17 68.39 -52.99
N LEU D 305 -53.33 68.82 -52.51
CA LEU D 305 -53.41 70.12 -51.85
C LEU D 305 -52.40 70.24 -50.72
N GLU D 306 -52.30 69.16 -49.91
CA GLU D 306 -51.44 69.15 -48.71
C GLU D 306 -50.05 69.59 -49.09
N HIS D 307 -49.48 68.87 -50.04
CA HIS D 307 -48.16 69.15 -50.55
C HIS D 307 -47.99 70.61 -50.92
N MET D 308 -48.99 71.18 -51.57
CA MET D 308 -48.92 72.56 -51.97
C MET D 308 -48.89 73.43 -50.77
N HIS D 309 -49.78 73.14 -49.83
CA HIS D 309 -49.93 73.93 -48.63
C HIS D 309 -48.66 73.91 -47.76
N ASN D 310 -47.92 72.80 -47.84
CA ASN D 310 -46.66 72.64 -47.10
C ASN D 310 -45.52 73.49 -47.67
N ARG D 311 -45.64 73.92 -48.93
CA ARG D 311 -44.67 74.82 -49.51
C ARG D 311 -45.19 76.26 -49.48
N PHE D 312 -46.31 76.42 -48.78
CA PHE D 312 -46.93 77.72 -48.59
C PHE D 312 -47.55 78.24 -49.91
N VAL D 313 -48.18 77.34 -50.67
CA VAL D 313 -48.80 77.68 -51.95
C VAL D 313 -50.29 77.39 -51.95
N VAL D 314 -51.09 78.31 -52.49
CA VAL D 314 -52.55 78.13 -52.57
C VAL D 314 -53.06 78.07 -54.00
N TYR D 315 -53.72 76.97 -54.35
CA TYR D 315 -54.06 76.65 -55.75
C TYR D 315 -55.15 77.50 -56.40
N ARG D 316 -56.24 77.70 -55.66
CA ARG D 316 -57.33 78.61 -56.01
C ARG D 316 -58.27 78.18 -57.13
N ASP D 317 -57.78 77.39 -58.07
CA ASP D 317 -58.63 76.99 -59.19
C ASP D 317 -59.03 75.52 -59.11
N LEU D 318 -59.25 75.01 -57.90
CA LEU D 318 -59.66 73.60 -57.76
C LEU D 318 -60.97 73.36 -58.54
N LYS D 319 -60.86 72.64 -59.67
CA LYS D 319 -61.98 72.45 -60.59
C LYS D 319 -61.85 71.18 -61.45
N PRO D 320 -62.99 70.59 -61.88
CA PRO D 320 -63.03 69.28 -62.53
C PRO D 320 -62.08 69.19 -63.72
N ALA D 321 -62.05 70.24 -64.54
CA ALA D 321 -61.21 70.25 -65.73
C ALA D 321 -59.73 70.49 -65.47
N ASN D 322 -59.36 70.79 -64.22
CA ASN D 322 -57.97 70.94 -63.89
C ASN D 322 -57.36 69.70 -63.28
N ILE D 323 -58.12 68.63 -63.23
CA ILE D 323 -57.58 67.39 -62.75
C ILE D 323 -57.41 66.41 -63.90
N LEU D 324 -56.16 66.07 -64.16
CA LEU D 324 -55.81 65.21 -65.29
C LEU D 324 -55.71 63.75 -64.88
N LEU D 325 -55.71 62.85 -65.86
CA LEU D 325 -55.51 61.41 -65.61
C LEU D 325 -54.37 60.85 -66.43
N ASP D 326 -53.63 59.90 -65.85
CA ASP D 326 -52.66 59.12 -66.59
C ASP D 326 -53.39 57.89 -67.12
N GLU D 327 -52.71 57.11 -67.95
CA GLU D 327 -53.31 55.92 -68.55
C GLU D 327 -53.90 54.97 -67.50
N HIS D 328 -53.23 54.87 -66.34
CA HIS D 328 -53.58 53.86 -65.35
C HIS D 328 -54.78 54.20 -64.46
N GLY D 329 -55.22 55.45 -64.50
CA GLY D 329 -56.48 55.87 -63.89
C GLY D 329 -56.38 56.79 -62.69
N HIS D 330 -55.15 57.16 -62.31
CA HIS D 330 -54.93 58.06 -61.17
C HIS D 330 -54.96 59.50 -61.64
N VAL D 331 -54.71 60.41 -60.72
CA VAL D 331 -54.91 61.81 -61.02
C VAL D 331 -53.86 62.73 -60.40
N ARG D 332 -53.84 63.96 -60.91
CA ARG D 332 -52.95 65.02 -60.46
C ARG D 332 -53.67 66.35 -60.68
N ILE D 333 -53.19 67.40 -60.05
CA ILE D 333 -53.71 68.75 -60.25
C ILE D 333 -52.80 69.42 -61.27
N SER D 334 -53.24 70.50 -61.96
CA SER D 334 -52.58 70.92 -63.22
C SER D 334 -52.09 72.35 -63.48
N ASP D 335 -53.04 73.26 -63.59
CA ASP D 335 -52.75 74.61 -64.06
C ASP D 335 -52.48 75.48 -62.85
N LEU D 336 -51.22 75.81 -62.62
CA LEU D 336 -50.91 76.55 -61.40
C LEU D 336 -51.03 78.02 -61.62
N GLY D 337 -51.17 78.41 -62.89
CA GLY D 337 -51.22 79.81 -63.25
C GLY D 337 -51.98 80.65 -62.24
N LEU D 338 -53.16 80.19 -61.89
CA LEU D 338 -54.03 80.97 -61.03
C LEU D 338 -53.78 80.65 -59.56
N ALA D 339 -52.51 80.42 -59.22
CA ALA D 339 -52.16 80.07 -57.84
C ALA D 339 -51.22 81.11 -57.21
N CYS D 340 -51.01 81.03 -55.88
CA CYS D 340 -50.20 82.01 -55.17
C CYS D 340 -49.35 81.52 -53.99
N ASP D 341 -48.20 82.17 -53.82
CA ASP D 341 -47.31 82.02 -52.65
C ASP D 341 -47.78 82.96 -51.53
N PHE D 342 -48.14 82.39 -50.38
CA PHE D 342 -48.57 83.24 -49.27
C PHE D 342 -47.55 83.31 -48.13
N SER D 343 -46.30 82.91 -48.43
CA SER D 343 -45.24 82.85 -47.41
C SER D 343 -45.05 84.18 -46.65
N LYS D 344 -45.05 85.29 -47.39
CA LYS D 344 -44.90 86.62 -46.79
C LYS D 344 -46.13 87.51 -47.06
N LYS D 345 -46.61 87.49 -48.30
CA LYS D 345 -47.76 88.31 -48.71
C LYS D 345 -49.00 87.49 -49.07
N LYS D 346 -49.97 87.49 -48.15
CA LYS D 346 -51.27 86.82 -48.31
C LYS D 346 -52.17 87.63 -49.25
N PRO D 347 -52.87 86.95 -50.18
CA PRO D 347 -53.60 87.66 -51.23
C PRO D 347 -55.01 88.11 -50.85
N HIS D 348 -55.51 89.14 -51.52
CA HIS D 348 -56.86 89.66 -51.29
C HIS D 348 -57.70 89.62 -52.57
N ALA D 349 -57.01 89.30 -53.67
CA ALA D 349 -57.59 89.26 -55.02
C ALA D 349 -58.74 88.26 -55.18
N SER D 350 -59.47 88.38 -56.29
CA SER D 350 -60.58 87.46 -56.61
C SER D 350 -60.25 86.60 -57.82
N VAL D 351 -59.51 85.52 -57.58
CA VAL D 351 -58.99 84.63 -58.62
C VAL D 351 -59.57 83.20 -58.53
N GLY D 352 -60.16 82.73 -59.64
CA GLY D 352 -60.75 81.41 -59.72
C GLY D 352 -61.92 81.39 -60.68
N THR D 353 -62.46 80.20 -60.95
CA THR D 353 -63.67 80.08 -61.75
C THR D 353 -64.84 80.29 -60.80
N HIS D 354 -65.88 80.96 -61.28
CA HIS D 354 -66.88 81.57 -60.39
C HIS D 354 -67.70 80.62 -59.50
N GLY D 355 -67.91 79.38 -59.93
CA GLY D 355 -68.68 78.40 -59.15
C GLY D 355 -68.03 77.97 -57.83
N TYR D 356 -66.71 77.88 -57.83
CA TYR D 356 -65.98 77.31 -56.69
C TYR D 356 -65.00 78.28 -56.04
N MET D 357 -65.54 79.29 -55.37
CA MET D 357 -64.68 80.23 -54.66
C MET D 357 -65.22 80.45 -53.26
N ALA D 358 -64.29 80.51 -52.31
CA ALA D 358 -64.62 80.77 -50.90
C ALA D 358 -65.00 82.24 -50.68
N PRO D 359 -65.86 82.52 -49.67
CA PRO D 359 -66.25 83.90 -49.34
C PRO D 359 -65.06 84.86 -49.21
N GLU D 360 -63.94 84.36 -48.70
CA GLU D 360 -62.73 85.16 -48.50
C GLU D 360 -62.14 85.71 -49.80
N VAL D 361 -62.09 84.86 -50.83
CA VAL D 361 -61.59 85.24 -52.14
C VAL D 361 -62.48 86.33 -52.72
N LEU D 362 -63.78 86.01 -52.80
CA LEU D 362 -64.81 86.86 -53.40
C LEU D 362 -64.86 88.32 -52.90
N GLN D 363 -64.57 88.51 -51.61
CA GLN D 363 -64.64 89.84 -51.01
C GLN D 363 -63.43 90.73 -51.37
N LYS D 364 -63.71 92.03 -51.53
CA LYS D 364 -62.68 93.04 -51.85
C LYS D 364 -61.92 93.49 -50.59
N GLY D 365 -60.74 92.92 -50.35
CA GLY D 365 -59.89 93.36 -49.25
C GLY D 365 -59.53 92.34 -48.17
N VAL D 366 -60.32 91.26 -48.09
CA VAL D 366 -60.13 90.21 -47.06
C VAL D 366 -59.02 89.22 -47.42
N ALA D 367 -58.10 89.03 -46.48
CA ALA D 367 -56.91 88.18 -46.67
C ALA D 367 -57.16 86.72 -46.24
N TYR D 368 -56.74 85.80 -47.09
CA TYR D 368 -56.97 84.36 -46.88
C TYR D 368 -55.70 83.55 -47.13
N ASP D 369 -55.73 82.28 -46.73
CA ASP D 369 -54.63 81.35 -46.99
C ASP D 369 -55.07 80.12 -47.81
N SER D 370 -54.72 78.92 -47.31
CA SER D 370 -55.13 77.65 -47.90
C SER D 370 -56.67 77.47 -47.93
N SER D 371 -57.33 77.97 -46.90
CA SER D 371 -58.79 77.88 -46.70
C SER D 371 -59.65 77.84 -47.96
N ALA D 372 -59.35 78.72 -48.91
CA ALA D 372 -60.12 78.86 -50.12
C ALA D 372 -60.06 77.63 -50.99
N ASP D 373 -58.96 76.88 -50.88
CA ASP D 373 -58.80 75.62 -51.60
C ASP D 373 -59.81 74.62 -51.06
N TRP D 374 -59.86 74.54 -49.73
CA TRP D 374 -60.71 73.57 -49.03
C TRP D 374 -62.17 73.68 -49.40
N PHE D 375 -62.60 74.93 -49.50
CA PHE D 375 -63.91 75.25 -50.00
C PHE D 375 -63.98 74.79 -51.45
N SER D 376 -63.16 75.40 -52.29
CA SER D 376 -63.13 75.05 -53.70
C SER D 376 -63.22 73.54 -53.87
N LEU D 377 -62.45 72.81 -53.07
CA LEU D 377 -62.50 71.36 -53.06
C LEU D 377 -63.93 70.87 -52.94
N GLY D 378 -64.55 71.15 -51.80
CA GLY D 378 -65.90 70.67 -51.52
C GLY D 378 -66.80 70.86 -52.71
N CYS D 379 -66.74 72.07 -53.28
CA CYS D 379 -67.56 72.44 -54.42
C CYS D 379 -67.38 71.46 -55.55
N MET D 380 -66.12 71.20 -55.88
CA MET D 380 -65.81 70.30 -56.96
C MET D 380 -66.28 68.90 -56.63
N LEU D 381 -65.96 68.43 -55.43
CA LEU D 381 -66.37 67.10 -54.99
C LEU D 381 -67.87 66.97 -55.14
N PHE D 382 -68.58 67.96 -54.61
CA PHE D 382 -70.02 68.07 -54.76
C PHE D 382 -70.40 67.79 -56.20
N LYS D 383 -69.81 68.56 -57.11
CA LYS D 383 -70.14 68.47 -58.53
C LYS D 383 -70.03 67.04 -59.07
N LEU D 384 -69.01 66.29 -58.62
CA LEU D 384 -68.82 64.91 -59.08
C LEU D 384 -69.96 63.97 -58.70
N LEU D 385 -70.66 64.29 -57.62
CA LEU D 385 -71.79 63.50 -57.18
C LEU D 385 -73.08 63.93 -57.84
N ARG D 386 -73.20 65.23 -58.14
CA ARG D 386 -74.49 65.83 -58.51
C ARG D 386 -74.63 66.32 -59.95
N GLY D 387 -73.52 66.60 -60.61
CA GLY D 387 -73.58 67.10 -61.98
C GLY D 387 -73.35 68.60 -62.12
N HIS D 388 -73.80 69.39 -61.13
CA HIS D 388 -73.51 70.82 -61.16
C HIS D 388 -72.67 71.37 -60.00
N SER D 389 -72.12 72.57 -60.20
CA SER D 389 -71.48 73.36 -59.15
C SER D 389 -72.52 73.59 -58.05
N PRO D 390 -72.10 73.79 -56.79
CA PRO D 390 -73.07 73.82 -55.68
C PRO D 390 -74.04 75.02 -55.63
N PHE D 391 -73.67 76.11 -56.27
CA PHE D 391 -74.49 77.32 -56.28
C PHE D 391 -75.09 77.59 -57.66
N ARG D 392 -74.71 76.76 -58.63
CA ARG D 392 -75.15 76.90 -60.02
C ARG D 392 -76.45 76.13 -60.33
N GLN D 393 -77.58 76.76 -60.01
CA GLN D 393 -78.90 76.20 -60.36
C GLN D 393 -79.39 76.79 -61.68
N HIS D 394 -78.49 76.69 -62.67
CA HIS D 394 -78.62 77.17 -64.04
C HIS D 394 -78.77 78.68 -64.27
N LYS D 395 -77.67 79.40 -64.07
CA LYS D 395 -77.48 80.75 -64.59
C LYS D 395 -76.14 80.74 -65.34
N THR D 396 -76.18 81.02 -66.65
CA THR D 396 -75.04 80.85 -67.58
C THR D 396 -73.83 81.81 -67.37
N LYS D 397 -74.10 83.11 -67.53
CA LYS D 397 -73.10 84.19 -67.44
C LYS D 397 -73.31 85.11 -66.21
N ASP D 398 -74.48 85.03 -65.57
CA ASP D 398 -74.78 85.82 -64.36
C ASP D 398 -73.99 85.34 -63.14
N LYS D 399 -72.82 85.96 -62.96
CA LYS D 399 -71.82 85.61 -61.94
C LYS D 399 -72.32 85.96 -60.52
N HIS D 400 -73.05 87.07 -60.41
CA HIS D 400 -73.47 87.64 -59.12
C HIS D 400 -74.46 86.75 -58.35
N GLU D 401 -75.14 85.84 -59.07
CA GLU D 401 -76.12 84.93 -58.49
C GLU D 401 -75.45 83.68 -57.90
N ILE D 402 -74.29 83.34 -58.43
CA ILE D 402 -73.50 82.26 -57.87
C ILE D 402 -72.72 82.81 -56.67
N ASP D 403 -72.46 84.12 -56.68
CA ASP D 403 -71.70 84.81 -55.63
C ASP D 403 -72.53 85.15 -54.38
N ARG D 404 -73.80 85.50 -54.58
CA ARG D 404 -74.70 85.77 -53.46
C ARG D 404 -75.30 84.48 -52.84
N MET D 405 -75.41 83.40 -53.63
CA MET D 405 -75.82 82.08 -53.10
C MET D 405 -74.75 81.57 -52.13
N THR D 406 -73.50 81.89 -52.43
CA THR D 406 -72.35 81.58 -51.58
C THR D 406 -72.45 82.25 -50.21
N LEU D 407 -72.74 83.55 -50.19
CA LEU D 407 -72.67 84.36 -48.98
C LEU D 407 -73.84 84.24 -47.99
N THR D 408 -75.08 84.09 -48.47
CA THR D 408 -76.27 83.92 -47.59
C THR D 408 -76.63 82.44 -47.30
N MET D 409 -76.17 81.51 -48.15
CA MET D 409 -76.58 80.10 -48.06
C MET D 409 -75.41 79.09 -48.05
N ALA D 410 -75.49 78.11 -47.13
CA ALA D 410 -74.77 76.84 -47.27
C ALA D 410 -75.85 75.80 -47.63
N VAL D 411 -75.80 75.29 -48.87
CA VAL D 411 -76.95 74.61 -49.54
C VAL D 411 -77.42 73.28 -48.90
N GLU D 412 -78.74 73.07 -48.86
CA GLU D 412 -79.31 71.83 -48.34
C GLU D 412 -79.12 70.65 -49.31
N LEU D 413 -78.92 69.46 -48.74
CA LEU D 413 -78.45 68.27 -49.47
C LEU D 413 -79.36 67.05 -49.29
N PRO D 414 -79.61 66.29 -50.39
CA PRO D 414 -80.57 65.16 -50.43
C PRO D 414 -80.32 63.99 -49.47
N ASP D 415 -81.24 63.02 -49.48
CA ASP D 415 -81.24 61.82 -48.61
C ASP D 415 -80.45 60.63 -49.17
N SER D 416 -79.92 60.79 -50.39
CA SER D 416 -79.16 59.72 -51.07
C SER D 416 -77.71 59.57 -50.55
N PHE D 417 -77.23 60.58 -49.81
CA PHE D 417 -75.89 60.54 -49.22
C PHE D 417 -75.93 59.90 -47.86
N SER D 418 -74.81 59.33 -47.46
CA SER D 418 -74.64 58.83 -46.10
C SER D 418 -74.55 60.02 -45.13
N PRO D 419 -74.97 59.83 -43.85
CA PRO D 419 -74.79 60.84 -42.79
C PRO D 419 -73.33 61.23 -42.59
N GLU D 420 -72.43 60.41 -43.16
CA GLU D 420 -70.97 60.54 -43.05
C GLU D 420 -70.41 61.49 -44.11
N LEU D 421 -70.89 61.32 -45.35
CA LEU D 421 -70.56 62.23 -46.46
C LEU D 421 -71.19 63.59 -46.22
N ARG D 422 -72.39 63.57 -45.65
CA ARG D 422 -73.15 64.78 -45.33
C ARG D 422 -72.37 65.74 -44.43
N SER D 423 -71.73 65.22 -43.38
CA SER D 423 -70.94 66.07 -42.46
C SER D 423 -69.60 66.54 -43.03
N LEU D 424 -69.05 65.80 -43.99
CA LEU D 424 -67.82 66.19 -44.69
C LEU D 424 -68.06 67.40 -45.61
N LEU D 425 -69.18 67.39 -46.32
CA LEU D 425 -69.53 68.49 -47.22
C LEU D 425 -70.04 69.72 -46.46
N GLU D 426 -70.93 69.50 -45.47
CA GLU D 426 -71.49 70.57 -44.63
C GLU D 426 -70.46 71.30 -43.76
N GLY D 427 -69.37 70.61 -43.45
CA GLY D 427 -68.23 71.19 -42.73
C GLY D 427 -67.22 71.91 -43.60
N LEU D 428 -67.13 71.51 -44.88
CA LEU D 428 -66.27 72.18 -45.83
C LEU D 428 -66.83 73.52 -46.26
N LEU D 429 -68.14 73.54 -46.52
CA LEU D 429 -68.82 74.70 -47.11
C LEU D 429 -69.47 75.61 -46.06
N GLN D 430 -68.65 75.99 -45.10
CA GLN D 430 -68.96 76.97 -44.09
C GLN D 430 -68.46 78.29 -44.62
N ARG D 431 -69.34 79.29 -44.66
CA ARG D 431 -68.95 80.62 -45.15
C ARG D 431 -68.10 81.41 -44.15
N ASP D 432 -67.80 80.77 -43.01
CA ASP D 432 -66.82 81.30 -42.06
C ASP D 432 -65.44 80.69 -42.32
N VAL D 433 -64.40 81.51 -42.07
CA VAL D 433 -63.01 81.05 -42.15
C VAL D 433 -62.74 80.08 -41.01
N ASN D 434 -63.16 80.49 -39.81
CA ASN D 434 -62.88 79.79 -38.56
C ASN D 434 -63.52 78.40 -38.43
N ARG D 435 -64.81 78.30 -38.74
CA ARG D 435 -65.57 77.07 -38.51
C ARG D 435 -65.38 75.92 -39.53
N ARG D 436 -64.66 76.16 -40.63
CA ARG D 436 -64.55 75.15 -41.69
C ARG D 436 -63.37 74.18 -41.57
N LEU D 437 -63.47 73.03 -42.24
CA LEU D 437 -62.42 72.02 -42.24
C LEU D 437 -61.19 72.51 -42.98
N GLY D 438 -60.03 72.21 -42.40
CA GLY D 438 -58.76 72.55 -43.01
C GLY D 438 -58.22 73.90 -42.59
N CYS D 439 -58.81 74.48 -41.55
CA CYS D 439 -58.47 75.84 -41.16
C CYS D 439 -57.77 75.97 -39.82
N LEU D 440 -58.57 76.07 -38.74
CA LEU D 440 -58.06 76.45 -37.41
C LEU D 440 -57.04 75.48 -36.78
N GLY D 441 -57.03 74.23 -37.25
CA GLY D 441 -56.14 73.23 -36.68
C GLY D 441 -54.97 72.81 -37.56
N ARG D 442 -54.76 71.50 -37.62
CA ARG D 442 -53.63 70.87 -38.31
C ARG D 442 -53.60 71.14 -39.81
N GLY D 443 -54.70 71.67 -40.33
CA GLY D 443 -54.81 72.05 -41.74
C GLY D 443 -55.22 70.87 -42.59
N ALA D 444 -54.28 70.42 -43.43
CA ALA D 444 -54.49 69.32 -44.35
C ALA D 444 -55.01 68.04 -43.70
N GLN D 445 -54.63 67.82 -42.45
CA GLN D 445 -54.98 66.59 -41.76
C GLN D 445 -56.40 66.58 -41.16
N GLU D 446 -56.91 67.76 -40.82
CA GLU D 446 -58.29 67.93 -40.30
C GLU D 446 -59.28 67.18 -41.19
N VAL D 447 -59.07 67.34 -42.50
CA VAL D 447 -59.85 66.69 -43.53
C VAL D 447 -59.67 65.19 -43.56
N LYS D 448 -58.41 64.74 -43.48
CA LYS D 448 -58.09 63.33 -43.52
C LYS D 448 -58.87 62.49 -42.49
N GLU D 449 -59.38 63.13 -41.43
CA GLU D 449 -59.99 62.39 -40.33
C GLU D 449 -61.53 62.32 -40.29
N SER D 450 -62.22 63.29 -40.90
CA SER D 450 -63.69 63.31 -40.92
C SER D 450 -64.23 61.99 -41.44
N PRO D 451 -65.15 61.37 -40.66
CA PRO D 451 -65.68 60.00 -40.81
C PRO D 451 -65.94 59.46 -42.22
N PHE D 452 -65.90 60.31 -43.25
CA PHE D 452 -66.00 59.82 -44.61
C PHE D 452 -64.78 59.01 -45.01
N PHE D 453 -63.64 59.36 -44.41
CA PHE D 453 -62.37 58.75 -44.76
C PHE D 453 -61.89 57.76 -43.72
N ARG D 454 -62.84 57.27 -42.92
CA ARG D 454 -62.58 56.28 -41.88
C ARG D 454 -62.06 54.96 -42.46
N SER D 455 -62.54 54.62 -43.66
CA SER D 455 -62.23 53.33 -44.29
C SER D 455 -60.96 53.31 -45.13
N LEU D 456 -60.07 54.29 -44.89
CA LEU D 456 -58.80 54.40 -45.62
C LEU D 456 -57.57 54.56 -44.71
N ASP D 457 -56.55 53.75 -44.98
CA ASP D 457 -55.20 53.96 -44.45
C ASP D 457 -54.57 54.97 -45.38
N TRP D 458 -54.13 56.07 -44.81
CA TRP D 458 -53.78 57.22 -45.58
C TRP D 458 -52.48 57.13 -46.35
N GLN D 459 -51.57 56.27 -45.88
CA GLN D 459 -50.36 56.03 -46.63
C GLN D 459 -50.64 55.14 -47.86
N MET D 460 -51.74 54.37 -47.80
CA MET D 460 -52.17 53.55 -48.94
C MET D 460 -52.52 54.35 -50.22
N VAL D 461 -53.07 55.56 -50.06
CA VAL D 461 -53.37 56.42 -51.23
C VAL D 461 -52.12 57.09 -51.72
N PHE D 462 -51.21 57.38 -50.79
CA PHE D 462 -49.91 57.96 -51.08
C PHE D 462 -49.04 57.06 -51.98
N LEU D 463 -49.19 55.75 -51.84
CA LEU D 463 -48.49 54.80 -52.70
C LEU D 463 -49.23 54.59 -54.02
N GLN D 464 -50.48 55.09 -54.07
CA GLN D 464 -51.43 54.85 -55.17
C GLN D 464 -51.80 53.36 -55.27
N LYS D 465 -51.77 52.67 -54.13
CA LYS D 465 -52.04 51.24 -54.08
C LYS D 465 -53.53 50.92 -54.19
N TYR D 466 -54.38 51.94 -54.24
CA TYR D 466 -55.82 51.73 -54.45
C TYR D 466 -56.19 51.58 -55.94
N PRO D 467 -57.32 50.92 -56.24
CA PRO D 467 -57.77 50.84 -57.63
C PRO D 467 -58.59 52.06 -58.06
N PRO D 468 -58.37 52.52 -59.30
CA PRO D 468 -59.13 53.67 -59.78
C PRO D 468 -60.48 53.25 -60.37
N PRO D 469 -61.53 54.09 -60.22
CA PRO D 469 -62.83 53.88 -60.85
C PRO D 469 -62.78 53.90 -62.39
N LEU D 470 -62.01 54.82 -62.98
CA LEU D 470 -62.02 54.95 -64.45
C LEU D 470 -60.68 54.87 -65.17
N ILE D 471 -60.44 53.71 -65.80
CA ILE D 471 -59.34 53.46 -66.73
C ILE D 471 -59.77 54.05 -68.10
N PRO D 472 -59.08 55.12 -68.57
CA PRO D 472 -59.48 55.84 -69.82
C PRO D 472 -59.14 55.07 -71.13
N PRO D 473 -60.14 54.87 -72.04
CA PRO D 473 -59.96 54.04 -73.26
C PRO D 473 -58.89 54.53 -74.27
N ARG D 474 -58.67 53.73 -75.33
CA ARG D 474 -57.47 53.81 -76.22
C ARG D 474 -57.41 55.06 -77.15
N GLY D 475 -56.91 56.17 -76.60
CA GLY D 475 -56.92 57.49 -77.25
C GLY D 475 -56.35 57.57 -78.64
N THR D 493 -54.22 81.82 -86.67
CA THR D 493 -54.45 82.97 -85.79
C THR D 493 -53.73 84.24 -86.29
N LYS D 494 -52.63 84.66 -85.63
CA LYS D 494 -52.27 86.10 -85.63
C LYS D 494 -50.86 86.56 -86.06
N GLY D 495 -50.85 87.67 -86.82
CA GLY D 495 -49.61 88.24 -87.39
C GLY D 495 -49.07 89.54 -86.79
N ILE D 496 -48.84 89.52 -85.47
CA ILE D 496 -48.18 90.62 -84.72
C ILE D 496 -46.73 90.24 -84.38
N LYS D 497 -45.81 91.21 -84.43
CA LYS D 497 -44.40 90.96 -84.10
C LYS D 497 -44.02 91.33 -82.65
N LEU D 498 -42.73 91.20 -82.32
CA LEU D 498 -42.28 91.04 -80.94
C LEU D 498 -41.03 91.82 -80.55
N LEU D 499 -41.16 92.72 -79.56
CA LEU D 499 -40.06 93.62 -79.16
C LEU D 499 -38.89 92.98 -78.38
N ASP D 500 -37.94 93.82 -77.99
CA ASP D 500 -36.84 93.45 -77.10
C ASP D 500 -37.24 93.65 -75.65
N SER D 501 -38.11 94.63 -75.39
CA SER D 501 -38.65 94.88 -74.05
C SER D 501 -39.53 93.76 -73.49
N ASP D 502 -40.13 92.96 -74.38
CA ASP D 502 -40.89 91.78 -73.97
C ASP D 502 -39.98 90.55 -73.78
N GLN D 503 -38.90 90.47 -74.57
CA GLN D 503 -37.90 89.39 -74.53
C GLN D 503 -37.11 89.30 -73.23
N GLU D 504 -36.89 90.43 -72.56
CA GLU D 504 -36.19 90.47 -71.27
C GLU D 504 -37.09 90.19 -70.08
N LEU D 505 -38.34 89.82 -70.33
CA LEU D 505 -39.18 89.25 -69.29
C LEU D 505 -38.98 87.73 -69.23
N TYR D 506 -38.16 87.21 -70.16
CA TYR D 506 -37.92 85.77 -70.30
C TYR D 506 -36.47 85.28 -70.16
N ARG D 507 -35.55 86.13 -69.69
CA ARG D 507 -34.31 85.64 -69.05
C ARG D 507 -34.71 85.52 -67.59
N ASN D 508 -34.00 84.69 -66.83
CA ASN D 508 -34.43 84.31 -65.46
C ASN D 508 -35.75 83.54 -65.48
N PHE D 509 -35.89 82.73 -66.53
CA PHE D 509 -36.97 81.80 -66.72
C PHE D 509 -36.38 80.42 -66.95
N PRO D 510 -35.35 80.29 -67.83
CA PRO D 510 -34.74 78.98 -68.01
C PRO D 510 -34.39 78.33 -66.68
N LEU D 511 -34.81 77.08 -66.53
CA LEU D 511 -34.72 76.38 -65.25
C LEU D 511 -34.57 74.86 -65.39
N THR D 512 -33.74 74.30 -64.51
CA THR D 512 -33.44 72.87 -64.51
C THR D 512 -33.46 72.39 -63.10
N ILE D 513 -34.55 71.72 -62.79
CA ILE D 513 -34.71 71.44 -61.40
C ILE D 513 -33.91 70.25 -60.95
N SER D 514 -32.66 70.57 -60.63
CA SER D 514 -31.64 69.62 -60.32
C SER D 514 -32.19 68.23 -59.98
N GLU D 515 -32.87 68.13 -58.85
CA GLU D 515 -33.40 66.87 -58.39
C GLU D 515 -34.07 66.07 -59.51
N ARG D 516 -35.07 66.65 -60.18
CA ARG D 516 -35.86 65.94 -61.19
C ARG D 516 -34.98 65.26 -62.19
N TRP D 517 -33.98 65.98 -62.66
CA TRP D 517 -33.11 65.47 -63.71
C TRP D 517 -32.41 64.27 -63.18
N GLN D 518 -31.87 64.39 -61.98
CA GLN D 518 -31.15 63.28 -61.34
C GLN D 518 -31.99 62.01 -61.39
N GLN D 519 -33.19 62.10 -60.82
CA GLN D 519 -34.16 61.01 -60.86
C GLN D 519 -34.18 60.40 -62.25
N GLU D 520 -34.63 61.15 -63.25
CA GLU D 520 -34.73 60.71 -64.63
C GLU D 520 -33.53 59.83 -65.01
N VAL D 521 -32.33 60.33 -64.75
CA VAL D 521 -31.11 59.63 -65.14
C VAL D 521 -31.05 58.27 -64.51
N ALA D 522 -31.32 58.26 -63.21
CA ALA D 522 -31.14 57.10 -62.37
C ALA D 522 -32.11 55.94 -62.59
N GLU D 523 -33.23 56.20 -63.27
CA GLU D 523 -34.21 55.13 -63.55
C GLU D 523 -33.81 54.37 -64.80
N THR D 524 -33.04 55.02 -65.67
CA THR D 524 -32.77 54.44 -66.98
C THR D 524 -31.33 54.24 -67.42
N VAL D 525 -30.49 55.28 -67.37
CA VAL D 525 -29.15 55.16 -67.95
C VAL D 525 -27.99 55.18 -66.96
N PHE D 526 -28.21 55.83 -65.82
CA PHE D 526 -27.13 56.05 -64.88
C PHE D 526 -26.21 54.86 -64.77
N ASP D 527 -26.84 53.71 -64.53
CA ASP D 527 -26.12 52.49 -64.25
C ASP D 527 -25.23 52.06 -65.43
N THR D 528 -25.80 51.85 -66.61
CA THR D 528 -25.01 51.34 -67.75
C THR D 528 -24.09 52.39 -68.38
N ILE D 529 -24.20 53.63 -67.93
CA ILE D 529 -23.32 54.68 -68.42
C ILE D 529 -22.15 54.80 -67.47
N ASN D 530 -22.36 54.39 -66.23
CA ASN D 530 -21.27 54.28 -65.26
C ASN D 530 -20.24 53.23 -65.62
N ALA D 531 -20.70 52.01 -65.94
CA ALA D 531 -19.81 50.89 -66.27
C ALA D 531 -19.19 50.98 -67.67
N GLU D 532 -19.84 51.73 -68.56
CA GLU D 532 -19.33 51.99 -69.92
C GLU D 532 -18.14 52.93 -69.92
N THR D 533 -18.23 53.99 -69.11
CA THR D 533 -17.11 54.91 -68.94
C THR D 533 -15.99 54.28 -68.09
N ASP D 534 -16.33 53.43 -67.13
CA ASP D 534 -15.32 52.65 -66.37
C ASP D 534 -14.50 51.78 -67.34
N ARG D 535 -15.13 51.41 -68.45
CA ARG D 535 -14.49 50.69 -69.55
C ARG D 535 -13.63 51.61 -70.43
N LEU D 536 -14.12 52.81 -70.72
CA LEU D 536 -13.36 53.79 -71.51
C LEU D 536 -12.18 54.40 -70.76
N GLU D 537 -12.23 54.38 -69.44
CA GLU D 537 -11.18 54.96 -68.59
C GLU D 537 -10.06 53.95 -68.24
N ALA D 538 -10.41 52.66 -68.26
CA ALA D 538 -9.43 51.59 -68.10
C ALA D 538 -8.66 51.29 -69.39
N ARG D 539 -9.23 51.70 -70.54
CA ARG D 539 -8.56 51.62 -71.88
C ARG D 539 -7.63 52.80 -72.16
N LYS D 540 -7.88 53.91 -71.47
CA LYS D 540 -7.11 55.16 -71.63
C LYS D 540 -5.80 55.06 -70.85
N LYS D 541 -5.82 54.28 -69.79
CA LYS D 541 -4.67 54.03 -68.93
C LYS D 541 -3.69 53.01 -69.56
N THR D 542 -4.21 52.09 -70.38
CA THR D 542 -3.39 51.06 -71.06
C THR D 542 -2.66 51.60 -72.29
N ASP D 552 2.75 61.55 -65.29
CA ASP D 552 1.95 62.73 -64.98
C ASP D 552 2.75 63.71 -64.13
N TYR D 553 2.80 64.95 -64.61
CA TYR D 553 3.76 65.96 -64.16
C TYR D 553 3.04 67.16 -63.51
N ALA D 554 1.70 67.04 -63.44
CA ALA D 554 0.82 67.94 -62.69
C ALA D 554 0.62 67.49 -61.23
N LEU D 555 0.73 66.18 -60.98
CA LEU D 555 0.62 65.59 -59.63
C LEU D 555 1.93 65.68 -58.81
N GLY D 556 2.90 66.45 -59.31
CA GLY D 556 4.17 66.63 -58.62
C GLY D 556 4.44 68.03 -58.11
N LYS D 557 3.77 69.02 -58.68
CA LYS D 557 4.02 70.43 -58.36
C LYS D 557 2.88 71.07 -57.56
N ASP D 558 3.20 72.17 -56.85
CA ASP D 558 2.16 72.97 -56.16
C ASP D 558 1.33 73.77 -57.17
N CYS D 559 0.73 73.01 -58.10
CA CYS D 559 -0.12 73.50 -59.18
C CYS D 559 -1.46 74.03 -58.63
N ILE D 560 -2.34 74.53 -59.49
CA ILE D 560 -3.65 75.08 -59.06
C ILE D 560 -4.89 74.43 -59.75
N MET D 561 -4.73 74.01 -61.00
CA MET D 561 -5.84 73.46 -61.79
C MET D 561 -5.37 72.99 -63.17
N HIS D 562 -6.06 72.03 -63.74
CA HIS D 562 -5.77 71.56 -65.11
C HIS D 562 -7.02 71.07 -65.86
N GLY D 563 -7.38 71.76 -66.95
CA GLY D 563 -8.58 71.44 -67.72
C GLY D 563 -8.40 71.61 -69.20
N TYR D 564 -9.43 71.27 -69.97
CA TYR D 564 -9.39 71.34 -71.45
C TYR D 564 -9.87 72.67 -72.05
N MET D 565 -9.14 73.19 -73.03
CA MET D 565 -9.49 74.45 -73.71
C MET D 565 -9.05 74.52 -75.16
N SER D 566 -9.56 75.52 -75.87
CA SER D 566 -9.15 75.79 -77.24
C SER D 566 -8.54 77.20 -77.33
N LYS D 567 -7.61 77.39 -78.29
CA LYS D 567 -6.94 78.67 -78.53
C LYS D 567 -6.84 78.99 -80.03
N MET D 568 -6.45 80.21 -80.38
CA MET D 568 -6.61 80.68 -81.76
C MET D 568 -5.35 81.22 -82.47
N GLY D 569 -5.31 81.10 -83.80
CA GLY D 569 -4.31 81.74 -84.67
C GLY D 569 -4.79 81.66 -86.11
N ASN D 570 -4.98 82.81 -86.75
CA ASN D 570 -5.61 82.87 -88.06
C ASN D 570 -4.77 82.26 -89.17
N THR D 574 -8.80 81.01 -89.66
CA THR D 574 -9.39 80.90 -88.32
C THR D 574 -9.75 79.46 -87.92
N GLN D 575 -8.76 78.79 -87.33
CA GLN D 575 -8.88 77.41 -86.84
C GLN D 575 -9.07 77.42 -85.31
N TRP D 576 -9.52 76.29 -84.78
CA TRP D 576 -9.53 76.06 -83.34
C TRP D 576 -8.70 74.82 -83.03
N GLN D 577 -7.51 75.01 -82.47
CA GLN D 577 -6.73 73.86 -82.00
C GLN D 577 -7.03 73.60 -80.53
N ARG D 578 -7.34 72.34 -80.24
CA ARG D 578 -7.74 71.90 -78.90
C ARG D 578 -6.53 71.41 -78.07
N ARG D 579 -6.20 72.13 -77.00
CA ARG D 579 -5.02 71.86 -76.17
C ARG D 579 -5.34 71.66 -74.67
N TYR D 580 -4.38 71.13 -73.92
CA TYR D 580 -4.57 70.82 -72.50
C TYR D 580 -3.67 71.69 -71.62
N PHE D 581 -4.30 72.51 -70.79
CA PHE D 581 -3.58 73.58 -70.09
C PHE D 581 -3.31 73.23 -68.66
N TYR D 582 -2.21 73.79 -68.15
CA TYR D 582 -1.75 73.55 -66.80
C TYR D 582 -1.54 74.92 -66.15
N LEU D 583 -2.23 75.20 -65.03
CA LEU D 583 -2.13 76.51 -64.36
C LEU D 583 -1.34 76.54 -63.04
N PHE D 584 -0.14 77.10 -63.07
CA PHE D 584 0.68 77.34 -61.87
C PHE D 584 0.49 78.81 -61.44
N PRO D 585 0.82 79.19 -60.17
CA PRO D 585 0.54 80.58 -59.74
C PRO D 585 1.38 81.71 -60.38
N ASN D 586 2.18 81.40 -61.41
CA ASN D 586 2.96 82.40 -62.14
C ASN D 586 3.02 82.22 -63.67
N ARG D 587 2.52 81.08 -64.16
CA ARG D 587 2.57 80.73 -65.59
C ARG D 587 1.34 79.93 -66.05
N LEU D 588 1.13 79.81 -67.36
CA LEU D 588 0.12 78.89 -67.90
C LEU D 588 0.68 78.09 -69.07
N GLU D 589 0.95 76.81 -68.84
CA GLU D 589 1.59 75.95 -69.85
C GLU D 589 0.63 75.09 -70.64
N TRP D 590 1.13 74.57 -71.75
CA TRP D 590 0.34 73.67 -72.58
C TRP D 590 1.16 72.67 -73.39
N ARG D 591 0.65 71.44 -73.46
CA ARG D 591 1.21 70.37 -74.30
C ARG D 591 0.17 69.79 -75.27
N GLY D 592 0.66 69.26 -76.39
CA GLY D 592 -0.13 68.34 -77.21
C GLY D 592 0.01 66.93 -76.64
N GLU D 593 -0.83 66.01 -77.10
CA GLU D 593 -0.86 64.65 -76.52
C GLU D 593 0.24 63.70 -77.09
N GLY D 594 1.39 63.71 -76.43
CA GLY D 594 2.55 62.92 -76.84
C GLY D 594 3.86 63.59 -76.45
N GLU D 595 3.78 64.88 -76.16
CA GLU D 595 4.96 65.69 -75.83
C GLU D 595 4.94 66.25 -74.40
N ALA D 596 6.03 66.93 -74.00
CA ALA D 596 6.13 67.61 -72.70
C ALA D 596 6.11 69.14 -72.91
N PRO D 597 5.18 69.86 -72.23
CA PRO D 597 4.80 71.27 -72.51
C PRO D 597 5.92 72.22 -73.01
N GLN D 598 5.82 72.62 -74.28
CA GLN D 598 6.87 73.43 -74.94
C GLN D 598 6.64 74.93 -74.81
N SER D 599 5.40 75.33 -74.54
CA SER D 599 5.03 76.74 -74.51
C SER D 599 4.32 77.18 -73.22
N LEU D 600 4.35 78.49 -72.97
CA LEU D 600 3.89 79.09 -71.72
C LEU D 600 3.26 80.49 -71.94
N LEU D 601 2.24 80.84 -71.15
CA LEU D 601 1.72 82.22 -71.12
C LEU D 601 1.68 82.78 -69.69
N THR D 602 2.65 83.62 -69.36
CA THR D 602 2.92 84.06 -67.98
C THR D 602 1.92 85.10 -67.42
N MET D 603 1.85 85.15 -66.09
CA MET D 603 0.81 85.91 -65.35
C MET D 603 0.98 87.43 -65.33
N GLU D 604 2.22 87.88 -65.27
CA GLU D 604 2.50 89.31 -65.14
C GLU D 604 2.26 90.11 -66.42
N GLU D 605 2.22 89.42 -67.57
CA GLU D 605 1.95 90.09 -68.85
C GLU D 605 0.45 90.11 -69.17
N ILE D 606 -0.34 89.48 -68.31
CA ILE D 606 -1.78 89.57 -68.44
C ILE D 606 -2.28 90.87 -67.81
N GLN D 607 -3.07 91.64 -68.57
CA GLN D 607 -3.53 92.97 -68.16
C GLN D 607 -5.01 93.03 -67.77
N SER D 608 -5.86 92.25 -68.44
CA SER D 608 -7.28 92.12 -68.06
C SER D 608 -7.93 90.89 -68.69
N VAL D 609 -8.54 90.06 -67.84
CA VAL D 609 -9.25 88.87 -68.30
C VAL D 609 -10.74 89.16 -68.37
N GLU D 610 -11.29 89.04 -69.58
CA GLU D 610 -12.69 89.34 -69.79
C GLU D 610 -13.38 88.26 -70.59
N GLU D 611 -14.70 88.40 -70.73
CA GLU D 611 -15.50 87.46 -71.48
C GLU D 611 -16.16 88.15 -72.65
N THR D 612 -16.23 87.43 -73.75
CA THR D 612 -16.77 87.97 -74.99
C THR D 612 -17.73 86.92 -75.55
N GLN D 613 -18.33 87.25 -76.70
CA GLN D 613 -19.26 86.34 -77.36
C GLN D 613 -18.97 86.20 -78.86
N ILE D 614 -18.26 85.12 -79.21
CA ILE D 614 -17.88 84.84 -80.61
C ILE D 614 -18.82 83.83 -81.27
N LYS D 615 -19.73 84.37 -82.08
CA LYS D 615 -20.84 83.64 -82.70
C LYS D 615 -21.78 82.95 -81.69
N GLU D 616 -22.21 83.75 -80.70
CA GLU D 616 -23.23 83.38 -79.69
C GLU D 616 -22.82 82.33 -78.63
N ARG D 617 -21.53 81.95 -78.64
CA ARG D 617 -20.89 81.16 -77.56
C ARG D 617 -20.30 82.12 -76.51
N LYS D 618 -19.99 81.65 -75.31
CA LYS D 618 -19.21 82.48 -74.37
C LYS D 618 -17.74 82.06 -74.40
N CYS D 619 -16.84 83.04 -74.29
CA CYS D 619 -15.41 82.78 -74.45
C CYS D 619 -14.55 83.73 -73.59
N LEU D 620 -13.26 83.44 -73.48
CA LEU D 620 -12.36 84.24 -72.64
C LEU D 620 -11.30 85.07 -73.36
N LEU D 621 -11.32 86.37 -73.08
CA LEU D 621 -10.44 87.32 -73.74
C LEU D 621 -9.31 87.78 -72.81
N LEU D 622 -8.09 87.49 -73.23
CA LEU D 622 -6.90 87.77 -72.43
C LEU D 622 -6.01 88.81 -73.09
N LYS D 623 -6.06 90.04 -72.57
CA LYS D 623 -5.20 91.12 -73.10
C LYS D 623 -3.77 90.97 -72.61
N ILE D 624 -2.83 91.14 -73.53
CA ILE D 624 -1.41 90.95 -73.26
C ILE D 624 -0.64 92.31 -73.41
N ARG D 625 0.63 92.33 -73.01
CA ARG D 625 1.37 93.56 -72.74
C ARG D 625 2.06 94.20 -73.95
N GLY D 626 1.99 93.57 -75.11
CA GLY D 626 2.49 94.21 -76.33
C GLY D 626 1.37 94.92 -77.05
N GLY D 627 0.17 94.80 -76.48
CA GLY D 627 -1.08 95.16 -77.14
C GLY D 627 -1.79 93.87 -77.56
N LYS D 628 -1.04 92.76 -77.51
CA LYS D 628 -1.44 91.42 -78.01
C LYS D 628 -2.75 90.89 -77.41
N GLN D 629 -3.49 90.10 -78.20
CA GLN D 629 -4.73 89.50 -77.71
C GLN D 629 -4.77 87.97 -77.92
N PHE D 630 -5.39 87.29 -76.93
CA PHE D 630 -5.49 85.82 -76.89
C PHE D 630 -6.86 85.33 -76.42
N VAL D 631 -7.30 84.23 -77.01
CA VAL D 631 -8.69 83.80 -76.89
C VAL D 631 -8.81 82.34 -76.44
N LEU D 632 -9.79 82.09 -75.57
CA LEU D 632 -10.02 80.77 -75.00
C LEU D 632 -11.46 80.31 -75.16
N GLN D 633 -11.63 79.06 -75.60
CA GLN D 633 -12.95 78.42 -75.66
C GLN D 633 -13.04 77.19 -74.75
N CYS D 634 -14.11 77.12 -73.97
CA CYS D 634 -14.40 75.96 -73.12
C CYS D 634 -15.48 75.08 -73.73
N ASP D 635 -15.73 73.96 -73.09
CA ASP D 635 -16.76 73.04 -73.55
C ASP D 635 -18.01 73.23 -72.71
N SER D 636 -17.80 73.34 -71.39
CA SER D 636 -18.87 73.28 -70.42
C SER D 636 -18.89 74.51 -69.53
N ASP D 637 -20.04 75.17 -69.48
CA ASP D 637 -20.22 76.42 -68.74
C ASP D 637 -19.50 76.55 -67.41
N PRO D 638 -19.69 75.60 -66.50
CA PRO D 638 -18.91 75.76 -65.28
C PRO D 638 -17.41 75.86 -65.55
N GLU D 639 -16.85 74.93 -66.33
CA GLU D 639 -15.42 74.97 -66.65
C GLU D 639 -15.03 76.43 -66.86
N LEU D 640 -15.78 77.11 -67.73
CA LEU D 640 -15.55 78.51 -68.06
C LEU D 640 -15.55 79.48 -66.87
N VAL D 641 -16.57 79.43 -66.01
CA VAL D 641 -16.64 80.37 -64.86
C VAL D 641 -15.52 80.11 -63.87
N GLN D 642 -14.99 78.89 -63.86
CA GLN D 642 -13.90 78.55 -62.96
C GLN D 642 -12.53 79.03 -63.46
N TRP D 643 -12.27 78.93 -64.76
CA TRP D 643 -11.08 79.57 -65.32
C TRP D 643 -11.17 81.08 -65.13
N LYS D 644 -12.32 81.64 -65.50
CA LYS D 644 -12.62 83.06 -65.34
C LYS D 644 -12.25 83.60 -63.97
N LYS D 645 -12.62 82.89 -62.91
CA LYS D 645 -12.27 83.35 -61.57
C LYS D 645 -10.80 83.05 -61.20
N GLU D 646 -10.33 81.82 -61.39
CA GLU D 646 -8.98 81.39 -60.92
C GLU D 646 -7.82 82.05 -61.67
N LEU D 647 -8.08 82.50 -62.89
CA LEU D 647 -7.12 83.30 -63.64
C LEU D 647 -7.11 84.71 -63.09
N ARG D 648 -8.30 85.21 -62.76
CA ARG D 648 -8.47 86.56 -62.25
C ARG D 648 -7.95 86.70 -60.81
N ASP D 649 -7.76 85.58 -60.12
CA ASP D 649 -7.16 85.63 -58.79
C ASP D 649 -5.64 85.44 -58.81
N ALA D 650 -5.15 84.57 -59.70
CA ALA D 650 -3.73 84.23 -59.80
C ALA D 650 -2.89 85.38 -60.36
N TYR D 651 -3.47 86.14 -61.29
CA TYR D 651 -2.78 87.28 -61.88
C TYR D 651 -2.88 88.52 -60.98
N ARG D 652 -3.86 88.54 -60.08
CA ARG D 652 -3.97 89.61 -59.09
C ARG D 652 -2.92 89.45 -57.99
N GLU D 653 -2.63 88.19 -57.66
CA GLU D 653 -1.63 87.88 -56.62
C GLU D 653 -0.20 87.67 -57.13
N ALA D 654 -0.04 87.33 -58.42
CA ALA D 654 1.28 87.28 -59.07
C ALA D 654 1.84 88.67 -59.37
N GLN D 655 0.95 89.67 -59.47
CA GLN D 655 1.34 91.07 -59.68
C GLN D 655 1.52 91.84 -58.36
N GLN D 656 1.13 91.22 -57.25
CA GLN D 656 1.30 91.78 -55.89
C GLN D 656 2.77 91.74 -55.45
#